data_8EQ7
#
_entry.id   8EQ7
#
_cell.length_a   135.937
_cell.length_b   178.855
_cell.length_c   179.883
_cell.angle_alpha   90.000
_cell.angle_beta   90.000
_cell.angle_gamma   90.000
#
_symmetry.space_group_name_H-M   'I 2 2 2'
#
loop_
_entity.id
_entity.type
_entity.pdbx_description
1 polymer 'Chaetomium alpha glucosidase'
2 non-polymer (2R,3R,4R,5S)-1-[(3-{[3-bromo-5-(methanesulfonyl)anilino]methyl}phenyl)methyl]-2-(hydroxymethyl)piperidine-3,4,5-triol
3 non-polymer 2-acetamido-2-deoxy-beta-D-glucopyranose
4 non-polymer GLYCEROL
5 non-polymer 'SULFATE ION'
6 non-polymer 2-[BIS-(2-HYDROXY-ETHYL)-AMINO]-2-HYDROXYMETHYL-PROPANE-1,3-DIOL
7 water water
#
_entity_poly.entity_id   1
_entity_poly.type   'polypeptide(L)'
_entity_poly.pdbx_seq_one_letter_code
;MGILPSPGMPALLSLVSLLSVLLMGCVAETGVEGESILHSEIGRLNNQSLLWGPYRPNIYFGTRPRIGKSLMTGLMWGKI
ESYTDFQHTVRYTCEQNEGMKGYGWDEYDPRRGGIQSIHDIQNGLDITTSFVKIPGGAHGGSWAARIKGTLNDDAPKDQK
TIVVFYVSQEGENSELEAVPSENEFGYEGDVILKGRSEALGNYKLVVTKGKGVIPQSDHDLSRLRGPGQTVVQSLTYPDE
VLWQAKPILFQQLKAGIDWLVENKYDVADPPPPWQVYLLANKPGSGNVHIVQKVFEGDFEFDILFSSESAGKEVTSKDLE
REVKQATEVFGERFARVFDLKAPFQGDNYKKFGKSMFSNLIGGIGYFYGHSLVDRSYAPEYDEENEGFWEDAAEARARHQ
EALEGPYELFTSIPSRPFFPRGFLWDEGFHLLPIADWDIDLALEIIKSWYNLMDEDGWIAREQILGAEARSKVPKEFQTQ
YPHYANPPTLFLVLDNFVERLRKNNASQPVVKDNLSLDETLSTASVDNPEVGLEYLRRLYPLLRRQFDWFRKTQAGDIKS
YDREAYSTKEAYRWRGRTVSHCLTSGLDDYPRPQPPHPGELHVDLMSWVGVMVKSLISIGSLLGATEDVEFYTKVLDAIE
HNLDDLHWSEKEGCYCDATIDEFEEHKLVCHKGYISLFPFLTGLLKPDSPKLGKLLALIGDESELWSPYGLRSLSKKDEF
YGTAENYWRSPVWININYLAIVQLYNIATQDGPYKETARDLYTRLRKNIVETVYRNWEETGFAWEQYNPETGKGQRTQHF
TGWTSLVVKIMSGHHHHHH
;
_entity_poly.pdbx_strand_id   A,B
#
loop_
_chem_comp.id
_chem_comp.type
_chem_comp.name
_chem_comp.formula
BTB non-polymer 2-[BIS-(2-HYDROXY-ETHYL)-AMINO]-2-HYDROXYMETHYL-PROPANE-1,3-DIOL 'C8 H19 N O5'
GOL non-polymer GLYCEROL 'C3 H8 O3'
NAG D-saccharide, beta linking 2-acetamido-2-deoxy-beta-D-glucopyranose 'C8 H15 N O6'
SO4 non-polymer 'SULFATE ION' 'O4 S -2'
WT0 non-polymer (2R,3R,4R,5S)-1-[(3-{[3-bromo-5-(methanesulfonyl)anilino]methyl}phenyl)methyl]-2-(hydroxymethyl)piperidine-3,4,5-triol 'C21 H27 Br N2 O6 S'
#
# COMPACT_ATOMS: atom_id res chain seq x y z
N LEU A 38 -16.55 17.36 -26.27
CA LEU A 38 -17.23 18.39 -25.39
C LEU A 38 -17.05 18.03 -23.91
N HIS A 39 -17.04 16.75 -23.53
CA HIS A 39 -16.77 16.27 -22.15
C HIS A 39 -15.39 16.79 -21.70
N SER A 40 -14.37 16.64 -22.56
CA SER A 40 -12.99 17.16 -22.38
C SER A 40 -13.00 18.68 -22.21
N GLU A 41 -13.80 19.38 -23.03
CA GLU A 41 -13.89 20.86 -22.99
C GLU A 41 -14.48 21.32 -21.64
N ILE A 42 -15.59 20.73 -21.19
CA ILE A 42 -16.28 21.06 -19.89
C ILE A 42 -15.32 20.75 -18.73
N GLY A 43 -14.63 19.61 -18.79
CA GLY A 43 -13.61 19.19 -17.81
C GLY A 43 -12.54 20.25 -17.60
N ARG A 44 -11.99 20.80 -18.69
CA ARG A 44 -10.89 21.80 -18.63
C ARG A 44 -11.44 23.09 -18.00
N LEU A 45 -12.66 23.49 -18.37
CA LEU A 45 -13.30 24.75 -17.90
C LEU A 45 -13.63 24.63 -16.40
N ASN A 46 -14.12 23.47 -15.98
CA ASN A 46 -14.35 23.14 -14.55
C ASN A 46 -13.02 23.23 -13.79
N ASN A 47 -11.96 22.56 -14.28
CA ASN A 47 -10.58 22.65 -13.73
C ASN A 47 -10.23 24.13 -13.48
N GLN A 48 -10.34 24.97 -14.52
CA GLN A 48 -9.88 26.38 -14.51
C GLN A 48 -10.73 27.17 -13.54
N SER A 49 -12.03 26.88 -13.50
CA SER A 49 -13.03 27.55 -12.62
C SER A 49 -12.68 27.25 -11.16
N LEU A 50 -12.37 25.99 -10.83
CA LEU A 50 -12.37 25.54 -9.40
C LEU A 50 -10.95 25.56 -8.81
N LEU A 51 -9.93 25.94 -9.58
CA LEU A 51 -8.50 25.75 -9.18
C LEU A 51 -8.18 26.52 -7.90
N TRP A 52 -8.51 27.80 -7.83
CA TRP A 52 -8.20 28.64 -6.65
C TRP A 52 -9.36 28.61 -5.64
N GLY A 53 -9.02 28.59 -4.35
CA GLY A 53 -10.01 28.75 -3.27
C GLY A 53 -9.37 29.03 -1.93
N PRO A 54 -10.20 29.39 -0.92
CA PRO A 54 -9.75 29.41 0.46
C PRO A 54 -9.84 27.98 1.00
N TYR A 55 -9.15 27.04 0.33
CA TYR A 55 -9.33 25.57 0.45
C TYR A 55 -8.48 24.99 1.60
N ARG A 56 -8.29 25.79 2.65
CA ARG A 56 -7.64 25.41 3.93
C ARG A 56 -8.64 25.63 5.07
N PRO A 57 -9.75 24.86 5.10
CA PRO A 57 -10.78 25.06 6.11
C PRO A 57 -10.27 24.74 7.53
N ASN A 58 -9.12 24.10 7.69
CA ASN A 58 -8.54 23.85 9.02
C ASN A 58 -8.05 25.15 9.66
N ILE A 59 -7.88 26.24 8.92
CA ILE A 59 -7.40 27.53 9.51
C ILE A 59 -8.46 28.61 9.27
N TYR A 60 -8.45 29.66 10.08
CA TYR A 60 -9.44 30.77 9.98
C TYR A 60 -9.46 31.27 8.53
N PHE A 61 -8.32 31.64 7.98
CA PHE A 61 -8.29 32.14 6.59
C PHE A 61 -6.94 31.90 5.92
N GLY A 62 -7.00 31.30 4.73
CA GLY A 62 -5.84 30.90 3.92
C GLY A 62 -6.27 30.42 2.56
N THR A 63 -5.39 30.52 1.57
CA THR A 63 -5.68 30.15 0.17
C THR A 63 -4.71 29.04 -0.23
N ARG A 64 -5.15 28.18 -1.14
CA ARG A 64 -4.27 27.26 -1.89
C ARG A 64 -5.00 26.86 -3.16
N PRO A 65 -4.28 26.57 -4.25
CA PRO A 65 -4.90 25.99 -5.44
C PRO A 65 -5.05 24.48 -5.29
N ARG A 66 -5.82 23.84 -6.17
CA ARG A 66 -5.98 22.37 -6.26
C ARG A 66 -4.74 21.78 -6.93
N ILE A 67 -3.58 21.92 -6.29
CA ILE A 67 -2.25 21.41 -6.72
C ILE A 67 -1.47 21.05 -5.44
N GLY A 68 -0.91 19.85 -5.37
CA GLY A 68 -0.25 19.34 -4.15
C GLY A 68 0.85 20.28 -3.70
N LYS A 69 1.77 20.62 -4.61
CA LYS A 69 3.03 21.35 -4.31
C LYS A 69 2.96 22.69 -5.05
N SER A 70 2.58 23.73 -4.32
CA SER A 70 2.28 25.06 -4.89
C SER A 70 2.33 26.13 -3.79
N LEU A 71 1.79 27.29 -4.12
CA LEU A 71 1.72 28.51 -3.28
C LEU A 71 0.55 28.36 -2.29
N MET A 72 0.80 28.55 -1.00
CA MET A 72 -0.23 28.61 0.07
C MET A 72 -0.05 29.89 0.89
N THR A 73 -1.16 30.47 1.36
CA THR A 73 -1.20 31.64 2.26
C THR A 73 -2.01 31.30 3.53
N GLY A 74 -1.69 31.94 4.64
CA GLY A 74 -2.52 31.92 5.86
C GLY A 74 -2.49 33.24 6.62
N LEU A 75 -3.55 33.51 7.37
CA LEU A 75 -3.70 34.71 8.22
C LEU A 75 -3.44 34.34 9.68
N MET A 76 -2.67 35.15 10.39
CA MET A 76 -2.55 35.08 11.86
C MET A 76 -2.83 36.46 12.43
N TRP A 77 -3.37 36.54 13.64
CA TRP A 77 -3.54 37.80 14.38
C TRP A 77 -3.57 37.50 15.87
N GLY A 78 -3.19 38.48 16.67
CA GLY A 78 -3.41 38.42 18.13
C GLY A 78 -3.08 39.73 18.79
N LYS A 79 -3.84 40.11 19.81
CA LYS A 79 -3.53 41.29 20.66
C LYS A 79 -2.21 41.04 21.35
N ILE A 80 -1.48 42.11 21.64
CA ILE A 80 -0.25 42.09 22.48
C ILE A 80 -0.37 43.21 23.55
N GLU A 81 -0.44 42.81 24.81
CA GLU A 81 -0.60 43.70 26.00
C GLU A 81 0.62 43.55 26.91
N SER A 82 1.45 42.52 26.70
CA SER A 82 2.54 42.14 27.62
C SER A 82 3.71 41.58 26.83
N TYR A 83 4.80 41.23 27.51
CA TYR A 83 6.02 40.68 26.88
C TYR A 83 5.85 39.16 26.68
N THR A 84 4.76 38.54 27.14
CA THR A 84 4.61 37.06 27.04
C THR A 84 3.24 36.58 26.51
N ASP A 85 2.28 37.46 26.26
CA ASP A 85 0.87 37.10 25.97
C ASP A 85 0.68 36.65 24.52
N PHE A 86 1.48 37.14 23.56
CA PHE A 86 1.19 36.97 22.11
C PHE A 86 1.21 35.48 21.73
N GLN A 87 2.13 34.68 22.27
CA GLN A 87 2.13 33.20 22.09
C GLN A 87 0.77 32.58 22.45
N HIS A 88 -0.01 33.16 23.37
CA HIS A 88 -1.28 32.62 23.92
C HIS A 88 -2.49 33.23 23.20
N THR A 89 -2.35 34.41 22.59
CA THR A 89 -3.47 35.15 21.95
C THR A 89 -3.50 34.88 20.46
N VAL A 90 -2.36 34.55 19.85
CA VAL A 90 -2.28 34.44 18.37
C VAL A 90 -3.25 33.34 17.88
N ARG A 91 -3.93 33.61 16.78
CA ARG A 91 -4.89 32.69 16.12
C ARG A 91 -4.30 32.20 14.81
N TYR A 92 -4.53 30.94 14.44
CA TYR A 92 -4.19 30.43 13.09
C TYR A 92 -5.14 29.27 12.75
N THR A 93 -4.99 28.12 13.43
CA THR A 93 -5.86 26.94 13.20
C THR A 93 -7.20 27.14 13.91
N CYS A 94 -8.30 26.74 13.27
CA CYS A 94 -9.67 26.80 13.82
C CYS A 94 -9.76 26.06 15.16
N GLU A 95 -10.39 26.66 16.18
CA GLU A 95 -10.78 26.03 17.47
C GLU A 95 -12.21 26.47 17.82
N GLN A 96 -12.77 25.95 18.91
CA GLN A 96 -14.00 26.50 19.54
C GLN A 96 -13.84 26.26 21.05
N ASN A 97 -13.94 27.33 21.83
CA ASN A 97 -13.69 27.42 23.29
C ASN A 97 -14.34 28.72 23.75
N GLU A 98 -14.21 29.10 25.04
CA GLU A 98 -14.84 30.31 25.64
C GLU A 98 -14.33 31.58 24.95
N GLY A 99 -13.09 31.59 24.43
CA GLY A 99 -12.36 32.76 23.87
C GLY A 99 -12.86 33.18 22.50
N MET A 100 -13.67 32.33 21.85
CA MET A 100 -14.16 32.55 20.46
C MET A 100 -15.68 32.46 20.46
N LYS A 101 -16.37 33.57 20.20
CA LYS A 101 -17.85 33.57 20.21
C LYS A 101 -18.36 32.69 19.05
N GLY A 102 -17.77 32.82 17.87
CA GLY A 102 -18.30 32.23 16.64
C GLY A 102 -17.51 32.65 15.42
N TYR A 103 -17.72 31.95 14.32
CA TYR A 103 -17.13 32.27 13.00
C TYR A 103 -17.80 31.42 11.93
N GLY A 104 -17.71 31.86 10.68
CA GLY A 104 -18.31 31.10 9.57
C GLY A 104 -18.50 31.96 8.35
N TRP A 105 -18.92 31.34 7.26
CA TRP A 105 -19.12 32.05 5.97
C TRP A 105 -20.54 32.59 5.91
N ASP A 106 -20.68 33.89 5.71
CA ASP A 106 -22.00 34.52 5.53
C ASP A 106 -22.57 34.09 4.18
N GLU A 107 -21.74 34.08 3.15
CA GLU A 107 -22.12 33.59 1.82
C GLU A 107 -20.88 32.98 1.18
N TYR A 108 -21.07 31.88 0.46
CA TYR A 108 -19.92 31.26 -0.24
C TYR A 108 -20.43 30.42 -1.40
N ASP A 109 -19.66 30.45 -2.47
CA ASP A 109 -19.83 29.65 -3.69
C ASP A 109 -18.41 29.58 -4.15
N PRO A 110 -17.60 28.34 -4.26
CA PRO A 110 -16.19 28.11 -4.56
C PRO A 110 -15.73 28.62 -5.93
N ARG A 111 -16.62 28.78 -6.91
CA ARG A 111 -16.29 29.42 -8.22
C ARG A 111 -16.07 30.93 -8.09
N ARG A 112 -16.71 31.62 -7.13
CA ARG A 112 -16.73 33.11 -7.03
C ARG A 112 -16.03 33.64 -5.76
N GLY A 113 -16.10 32.92 -4.64
CA GLY A 113 -15.55 33.35 -3.33
C GLY A 113 -16.69 33.66 -2.36
N GLY A 114 -16.44 34.45 -1.33
CA GLY A 114 -17.50 34.89 -0.41
C GLY A 114 -16.95 35.73 0.73
N ILE A 115 -17.69 35.81 1.84
CA ILE A 115 -17.35 36.66 3.00
C ILE A 115 -17.45 35.82 4.28
N GLN A 116 -16.40 35.84 5.11
CA GLN A 116 -16.35 35.18 6.43
C GLN A 116 -16.37 36.23 7.55
N SER A 117 -17.12 35.96 8.62
CA SER A 117 -17.16 36.73 9.88
C SER A 117 -16.54 35.91 11.01
N ILE A 118 -15.62 36.50 11.76
CA ILE A 118 -14.94 35.86 12.91
C ILE A 118 -15.16 36.77 14.12
N HIS A 119 -15.73 36.25 15.19
CA HIS A 119 -16.03 37.03 16.41
C HIS A 119 -15.13 36.52 17.53
N ASP A 120 -14.03 37.21 17.77
CA ASP A 120 -12.96 36.79 18.71
C ASP A 120 -13.07 37.60 20.01
N ILE A 121 -13.54 36.97 21.09
CA ILE A 121 -13.67 37.64 22.42
C ILE A 121 -12.28 37.83 23.02
N GLN A 122 -11.40 36.84 22.97
CA GLN A 122 -10.06 36.93 23.61
C GLN A 122 -9.33 38.14 23.06
N ASN A 123 -9.36 38.34 21.74
CA ASN A 123 -8.60 39.41 21.06
C ASN A 123 -9.46 40.66 20.86
N GLY A 124 -10.71 40.65 21.37
CA GLY A 124 -11.67 41.77 21.33
C GLY A 124 -11.94 42.28 19.91
N LEU A 125 -11.92 41.41 18.90
CA LEU A 125 -11.98 41.80 17.47
C LEU A 125 -13.12 41.09 16.77
N ASP A 126 -13.88 41.86 15.99
CA ASP A 126 -14.76 41.34 14.92
C ASP A 126 -13.97 41.45 13.62
N ILE A 127 -13.73 40.31 12.96
CA ILE A 127 -12.93 40.23 11.71
C ILE A 127 -13.81 39.79 10.55
N THR A 128 -13.59 40.39 9.38
CA THR A 128 -14.18 40.01 8.07
C THR A 128 -13.05 39.66 7.11
N THR A 129 -13.15 38.53 6.42
CA THR A 129 -12.25 38.11 5.33
C THR A 129 -13.10 37.93 4.08
N SER A 130 -12.98 38.83 3.11
CA SER A 130 -13.72 38.78 1.82
C SER A 130 -12.76 38.22 0.80
N PHE A 131 -13.16 37.21 0.06
CA PHE A 131 -12.28 36.55 -0.93
C PHE A 131 -13.05 36.49 -2.24
N VAL A 132 -12.42 36.87 -3.35
CA VAL A 132 -13.11 36.91 -4.67
C VAL A 132 -12.16 36.40 -5.74
N LYS A 133 -12.71 35.67 -6.69
CA LYS A 133 -11.95 35.11 -7.84
C LYS A 133 -12.26 35.93 -9.09
N ILE A 134 -11.23 36.17 -9.91
CA ILE A 134 -11.32 36.95 -11.18
C ILE A 134 -10.74 36.07 -12.28
N PRO A 135 -11.62 35.43 -13.08
CA PRO A 135 -11.18 34.58 -14.19
C PRO A 135 -10.23 35.29 -15.18
N GLY A 136 -9.35 34.52 -15.82
CA GLY A 136 -8.49 35.03 -16.91
C GLY A 136 -7.16 34.30 -17.01
N GLY A 137 -6.57 34.31 -18.20
CA GLY A 137 -5.27 33.68 -18.47
C GLY A 137 -5.41 32.18 -18.55
N ALA A 138 -4.32 31.46 -18.27
CA ALA A 138 -4.18 30.01 -18.57
C ALA A 138 -3.97 29.20 -17.30
N HIS A 139 -4.01 29.80 -16.11
CA HIS A 139 -3.43 29.19 -14.88
C HIS A 139 -4.41 29.21 -13.70
N GLY A 140 -5.70 29.39 -13.96
CA GLY A 140 -6.75 29.30 -12.93
C GLY A 140 -7.21 30.67 -12.47
N GLY A 141 -6.72 31.71 -13.13
CA GLY A 141 -7.17 33.09 -12.89
C GLY A 141 -6.49 33.70 -11.68
N SER A 142 -7.08 34.81 -11.23
CA SER A 142 -6.57 35.72 -10.19
C SER A 142 -7.56 35.65 -9.02
N TRP A 143 -7.17 36.22 -7.88
CA TRP A 143 -8.04 36.32 -6.67
C TRP A 143 -7.56 37.50 -5.83
N ALA A 144 -8.39 37.90 -4.87
CA ALA A 144 -8.11 39.03 -3.94
C ALA A 144 -8.83 38.79 -2.61
N ALA A 145 -8.26 39.30 -1.54
CA ALA A 145 -8.87 39.20 -0.20
C ALA A 145 -8.82 40.57 0.47
N ARG A 146 -9.87 40.94 1.16
CA ARG A 146 -9.81 42.06 2.12
C ARG A 146 -9.91 41.46 3.52
N ILE A 147 -8.94 41.80 4.37
CA ILE A 147 -8.95 41.53 5.83
C ILE A 147 -9.32 42.81 6.57
N LYS A 148 -10.38 42.78 7.36
CA LYS A 148 -10.85 43.95 8.13
C LYS A 148 -11.07 43.54 9.60
N GLY A 149 -10.46 44.26 10.54
CA GLY A 149 -10.67 44.02 11.98
C GLY A 149 -11.25 45.25 12.67
N THR A 150 -12.32 45.05 13.43
CA THR A 150 -13.00 46.10 14.22
C THR A 150 -12.94 45.67 15.68
N LEU A 151 -12.35 46.49 16.56
CA LEU A 151 -12.43 46.26 18.02
C LEU A 151 -13.91 46.21 18.43
N ASN A 152 -14.27 45.26 19.29
CA ASN A 152 -15.61 45.23 19.96
C ASN A 152 -15.60 46.28 21.07
N ASP A 153 -16.74 46.49 21.72
CA ASP A 153 -16.98 47.64 22.65
C ASP A 153 -16.21 47.40 23.96
N ASP A 154 -15.82 46.16 24.23
CA ASP A 154 -15.08 45.78 25.45
C ASP A 154 -13.58 46.05 25.31
N ALA A 155 -13.04 46.04 24.08
CA ALA A 155 -11.57 46.13 23.85
C ALA A 155 -11.07 47.52 24.23
N PRO A 156 -9.85 47.66 24.78
CA PRO A 156 -9.20 48.98 24.88
C PRO A 156 -9.10 49.63 23.50
N LYS A 157 -9.46 50.91 23.40
CA LYS A 157 -9.50 51.66 22.11
C LYS A 157 -8.09 51.71 21.51
N ASP A 158 -7.07 51.60 22.36
CA ASP A 158 -5.63 51.71 21.98
C ASP A 158 -4.98 50.31 21.90
N GLN A 159 -5.78 49.23 21.85
CA GLN A 159 -5.28 47.84 21.71
C GLN A 159 -4.29 47.78 20.54
N LYS A 160 -3.14 47.17 20.77
CA LYS A 160 -2.20 46.83 19.67
C LYS A 160 -2.47 45.40 19.21
N THR A 161 -2.67 45.21 17.91
CA THR A 161 -2.98 43.90 17.27
C THR A 161 -1.88 43.60 16.24
N ILE A 162 -1.18 42.46 16.39
CA ILE A 162 -0.21 41.93 15.37
C ILE A 162 -1.01 41.16 14.32
N VAL A 163 -0.80 41.45 13.04
CA VAL A 163 -1.37 40.67 11.93
C VAL A 163 -0.23 40.18 11.07
N VAL A 164 -0.29 38.90 10.69
CA VAL A 164 0.74 38.25 9.84
C VAL A 164 0.03 37.67 8.64
N PHE A 165 0.62 37.90 7.47
CA PHE A 165 0.25 37.15 6.24
C PHE A 165 1.46 36.27 5.91
N TYR A 166 1.26 34.97 5.99
CA TYR A 166 2.33 33.96 5.82
C TYR A 166 2.14 33.35 4.44
N VAL A 167 3.20 33.34 3.63
CA VAL A 167 3.19 32.79 2.26
C VAL A 167 4.30 31.75 2.13
N SER A 168 3.98 30.57 1.60
CA SER A 168 4.94 29.48 1.30
C SER A 168 4.75 29.01 -0.13
N GLN A 169 5.80 28.47 -0.75
CA GLN A 169 5.72 27.76 -2.05
C GLN A 169 6.59 26.49 -2.05
N GLU A 170 5.96 25.36 -2.33
CA GLU A 170 6.61 24.03 -2.48
C GLU A 170 6.83 23.77 -3.97
N GLY A 171 7.90 23.05 -4.33
CA GLY A 171 8.37 22.82 -5.71
C GLY A 171 9.89 23.03 -5.83
N GLU A 172 10.59 22.10 -6.50
CA GLU A 172 12.07 22.15 -6.69
C GLU A 172 12.48 23.36 -7.56
N ASN A 173 11.72 23.65 -8.63
CA ASN A 173 12.07 24.61 -9.71
C ASN A 173 11.09 25.79 -9.74
N SER A 174 10.65 26.27 -8.58
CA SER A 174 9.71 27.42 -8.47
C SER A 174 10.43 28.52 -7.70
N GLU A 175 10.03 29.77 -7.91
CA GLU A 175 10.77 30.90 -7.31
C GLU A 175 9.75 31.93 -6.79
N LEU A 176 10.11 32.59 -5.70
CA LEU A 176 9.27 33.63 -5.06
C LEU A 176 10.19 34.63 -4.38
N GLU A 177 9.98 35.92 -4.65
CA GLU A 177 10.89 37.01 -4.22
C GLU A 177 10.05 38.20 -3.74
N ALA A 178 10.32 38.68 -2.52
CA ALA A 178 9.87 39.99 -2.01
C ALA A 178 10.72 41.10 -2.67
N VAL A 179 10.11 41.99 -3.45
CA VAL A 179 10.79 43.25 -3.89
C VAL A 179 11.11 44.07 -2.64
N PRO A 180 12.38 44.47 -2.43
CA PRO A 180 12.75 45.29 -1.27
C PRO A 180 12.08 46.68 -1.27
N SER A 181 11.96 47.28 -0.09
CA SER A 181 11.40 48.65 0.10
C SER A 181 12.46 49.70 -0.24
N GLU A 182 12.01 50.92 -0.56
CA GLU A 182 12.85 52.14 -0.57
C GLU A 182 13.38 52.37 0.85
N ASN A 183 12.49 52.39 1.83
CA ASN A 183 12.77 52.84 3.23
C ASN A 183 13.73 51.88 3.91
N GLU A 184 14.41 52.34 4.96
CA GLU A 184 15.56 51.64 5.59
C GLU A 184 15.10 50.38 6.35
N PHE A 185 14.01 50.47 7.11
CA PHE A 185 13.66 49.54 8.22
C PHE A 185 12.42 48.70 7.92
N GLY A 186 11.85 48.80 6.71
CA GLY A 186 10.55 48.19 6.35
C GLY A 186 9.82 48.98 5.29
N TYR A 187 8.51 48.78 5.16
CA TYR A 187 7.66 49.29 4.05
C TYR A 187 6.68 50.34 4.59
N GLU A 188 6.66 51.50 3.92
CA GLU A 188 5.61 52.55 4.08
C GLU A 188 4.42 52.20 3.19
N GLY A 189 4.63 51.46 2.11
CA GLY A 189 3.56 51.14 1.15
C GLY A 189 3.25 49.64 1.05
N ASP A 190 3.00 49.18 -0.17
CA ASP A 190 2.63 47.79 -0.49
C ASP A 190 3.89 46.92 -0.47
N VAL A 191 3.72 45.68 -0.04
CA VAL A 191 4.71 44.58 -0.19
C VAL A 191 4.32 43.84 -1.46
N ILE A 192 5.26 43.72 -2.40
CA ILE A 192 5.04 43.04 -3.70
C ILE A 192 5.86 41.76 -3.68
N LEU A 193 5.23 40.60 -3.91
CA LEU A 193 5.97 39.32 -4.10
C LEU A 193 5.84 38.95 -5.57
N LYS A 194 6.97 38.67 -6.22
CA LYS A 194 7.03 38.16 -7.61
C LYS A 194 7.49 36.71 -7.54
N GLY A 195 6.72 35.81 -8.14
CA GLY A 195 7.01 34.37 -8.14
C GLY A 195 6.73 33.73 -9.47
N ARG A 196 7.16 32.49 -9.62
CA ARG A 196 7.04 31.70 -10.87
C ARG A 196 6.96 30.23 -10.48
N SER A 197 6.13 29.46 -11.18
CA SER A 197 6.12 27.97 -11.10
C SER A 197 5.63 27.37 -12.42
N GLU A 198 5.92 26.08 -12.68
CA GLU A 198 5.35 25.34 -13.85
C GLU A 198 3.82 25.47 -13.81
N ALA A 199 3.25 25.26 -12.62
CA ALA A 199 1.79 25.15 -12.37
C ALA A 199 1.10 26.52 -12.48
N LEU A 200 1.70 27.60 -11.98
CA LEU A 200 1.01 28.93 -11.90
C LEU A 200 1.56 29.91 -12.95
N GLY A 201 2.60 29.55 -13.71
CA GLY A 201 3.31 30.52 -14.56
C GLY A 201 3.87 31.64 -13.70
N ASN A 202 3.97 32.85 -14.25
CA ASN A 202 4.45 34.05 -13.52
C ASN A 202 3.25 34.67 -12.79
N TYR A 203 3.51 35.29 -11.64
CA TYR A 203 2.43 35.90 -10.82
C TYR A 203 3.04 36.95 -9.88
N LYS A 204 2.17 37.82 -9.38
CA LYS A 204 2.53 38.84 -8.38
C LYS A 204 1.48 38.78 -7.27
N LEU A 205 1.94 38.70 -6.03
CA LEU A 205 1.08 38.64 -4.82
C LEU A 205 1.37 39.92 -4.04
N VAL A 206 0.38 40.79 -3.88
CA VAL A 206 0.56 42.11 -3.22
C VAL A 206 -0.21 42.16 -1.89
N VAL A 207 0.48 42.53 -0.81
CA VAL A 207 -0.17 42.89 0.46
C VAL A 207 -0.13 44.40 0.60
N THR A 208 -1.30 45.04 0.53
CA THR A 208 -1.41 46.51 0.47
C THR A 208 -1.05 47.11 1.83
N LYS A 209 -0.72 48.39 1.83
CA LYS A 209 -0.37 49.19 3.02
C LYS A 209 -1.52 49.07 4.05
N GLY A 210 -2.75 49.13 3.53
CA GLY A 210 -3.97 49.14 4.35
C GLY A 210 -4.18 50.47 5.08
N LYS A 211 -5.22 50.49 5.91
CA LYS A 211 -5.64 51.66 6.69
C LYS A 211 -5.62 51.27 8.17
N GLY A 212 -5.32 52.22 9.04
CA GLY A 212 -5.27 52.00 10.49
C GLY A 212 -4.05 52.65 11.10
N VAL A 213 -4.13 52.98 12.38
CA VAL A 213 -2.99 53.64 13.06
C VAL A 213 -1.89 52.62 13.28
N ILE A 214 -0.66 52.99 12.95
CA ILE A 214 0.52 52.11 13.19
C ILE A 214 1.25 52.74 14.37
N PRO A 215 1.42 52.05 15.51
CA PRO A 215 2.11 52.64 16.64
C PRO A 215 3.58 52.98 16.34
N GLN A 216 4.07 54.05 16.95
CA GLN A 216 5.47 54.49 16.75
C GLN A 216 6.19 54.46 18.09
N SER A 217 7.36 53.86 18.13
CA SER A 217 8.19 53.76 19.35
C SER A 217 9.13 54.96 19.39
N ASP A 218 9.27 55.59 20.54
CA ASP A 218 10.29 56.65 20.72
C ASP A 218 11.55 56.04 21.30
N HIS A 219 11.63 54.71 21.41
CA HIS A 219 12.74 53.99 22.07
C HIS A 219 14.01 54.08 21.21
N ASP A 220 15.17 54.04 21.87
CA ASP A 220 16.51 53.90 21.27
C ASP A 220 16.53 52.81 20.18
N LEU A 221 15.79 51.72 20.39
CA LEU A 221 15.80 50.56 19.46
C LEU A 221 15.36 51.03 18.06
N SER A 222 14.59 52.11 17.98
CA SER A 222 14.02 52.62 16.69
C SER A 222 15.14 53.09 15.76
N ARG A 223 16.32 53.41 16.31
CA ARG A 223 17.52 53.80 15.51
C ARG A 223 17.98 52.59 14.67
N LEU A 224 17.76 51.36 15.13
CA LEU A 224 18.25 50.15 14.43
C LEU A 224 17.10 49.37 13.80
N ARG A 225 15.88 49.45 14.34
CA ARG A 225 14.73 48.60 13.91
CA ARG A 225 14.77 48.59 13.86
C ARG A 225 13.64 49.48 13.29
N GLY A 226 13.87 50.79 13.24
CA GLY A 226 12.85 51.77 12.83
C GLY A 226 11.82 52.01 13.93
N PRO A 227 10.96 53.04 13.79
CA PRO A 227 9.97 53.39 14.82
C PRO A 227 8.70 52.53 14.83
N GLY A 228 8.49 51.72 13.79
CA GLY A 228 7.29 50.89 13.60
C GLY A 228 6.77 51.01 12.18
N GLN A 229 6.73 49.88 11.46
CA GLN A 229 6.36 49.80 10.02
C GLN A 229 6.09 48.33 9.63
N THR A 230 5.39 48.12 8.51
CA THR A 230 5.30 46.81 7.84
C THR A 230 6.71 46.26 7.62
N VAL A 231 6.95 45.02 8.01
CA VAL A 231 8.24 44.31 7.76
C VAL A 231 7.96 42.99 7.04
N VAL A 232 8.99 42.48 6.34
CA VAL A 232 8.97 41.19 5.60
C VAL A 232 10.24 40.40 5.94
N GLN A 233 10.07 39.13 6.29
CA GLN A 233 11.20 38.17 6.36
C GLN A 233 10.97 37.12 5.30
N SER A 234 11.98 36.93 4.46
CA SER A 234 12.03 35.93 3.36
C SER A 234 13.01 34.82 3.77
N LEU A 235 12.53 33.59 3.90
CA LEU A 235 13.30 32.46 4.50
C LEU A 235 13.18 31.25 3.59
N THR A 236 14.02 30.25 3.81
CA THR A 236 13.86 28.91 3.15
CA THR A 236 13.79 28.92 3.16
C THR A 236 13.98 27.82 4.20
N TYR A 237 13.08 26.84 4.13
CA TYR A 237 13.10 25.60 4.94
C TYR A 237 12.90 24.47 3.94
N PRO A 238 13.18 23.21 4.29
CA PRO A 238 12.82 22.08 3.44
C PRO A 238 11.31 22.06 3.21
N ASP A 239 10.90 21.76 1.97
CA ASP A 239 9.51 21.87 1.47
C ASP A 239 8.50 21.21 2.43
N GLU A 240 8.88 20.14 3.13
CA GLU A 240 7.90 19.29 3.83
C GLU A 240 7.48 19.95 5.15
N VAL A 241 8.14 21.03 5.59
CA VAL A 241 7.78 21.69 6.87
C VAL A 241 7.19 23.09 6.67
N LEU A 242 7.00 23.55 5.42
CA LEU A 242 6.50 24.92 5.16
C LEU A 242 5.12 25.14 5.81
N TRP A 243 4.33 24.09 5.99
CA TRP A 243 2.96 24.17 6.58
C TRP A 243 3.02 24.57 8.05
N GLN A 244 4.16 24.42 8.73
CA GLN A 244 4.27 24.68 10.18
C GLN A 244 4.50 26.19 10.44
N ALA A 245 3.52 27.01 10.06
CA ALA A 245 3.60 28.49 10.05
C ALA A 245 3.79 29.04 11.47
N LYS A 246 3.09 28.49 12.46
CA LYS A 246 3.16 29.03 13.83
C LYS A 246 4.58 28.83 14.37
N PRO A 247 5.13 27.60 14.37
CA PRO A 247 6.49 27.41 14.87
C PRO A 247 7.55 28.18 14.07
N ILE A 248 7.36 28.27 12.75
CA ILE A 248 8.31 29.02 11.89
C ILE A 248 8.27 30.49 12.34
N LEU A 249 7.06 31.04 12.52
CA LEU A 249 6.91 32.47 12.91
C LEU A 249 7.59 32.64 14.25
N PHE A 250 7.31 31.77 15.21
CA PHE A 250 7.80 31.97 16.61
C PHE A 250 9.32 31.78 16.66
N GLN A 251 9.89 30.98 15.78
CA GLN A 251 11.36 30.79 15.80
C GLN A 251 11.99 32.13 15.40
N GLN A 252 11.39 32.86 14.43
CA GLN A 252 11.85 34.22 14.00
C GLN A 252 11.67 35.24 15.14
N LEU A 253 10.54 35.24 15.84
CA LEU A 253 10.28 36.19 16.96
C LEU A 253 11.31 35.95 18.06
N LYS A 254 11.58 34.68 18.36
CA LYS A 254 12.55 34.29 19.41
C LYS A 254 13.97 34.75 19.01
N ALA A 255 14.35 34.68 17.73
CA ALA A 255 15.71 35.06 17.28
C ALA A 255 15.86 36.58 17.45
N GLY A 256 14.82 37.33 17.10
CA GLY A 256 14.71 38.78 17.37
C GLY A 256 14.89 39.10 18.86
N ILE A 257 14.15 38.46 19.76
CA ILE A 257 14.27 38.70 21.22
C ILE A 257 15.69 38.34 21.68
N ASP A 258 16.29 37.28 21.14
CA ASP A 258 17.67 36.87 21.52
C ASP A 258 18.63 37.98 21.12
N TRP A 259 18.42 38.57 19.93
CA TRP A 259 19.22 39.71 19.42
C TRP A 259 19.12 40.89 20.40
N LEU A 260 17.92 41.25 20.89
CA LEU A 260 17.74 42.32 21.90
C LEU A 260 18.62 42.02 23.12
N VAL A 261 18.57 40.80 23.65
CA VAL A 261 19.31 40.39 24.89
C VAL A 261 20.81 40.57 24.66
N GLU A 262 21.29 40.16 23.49
CA GLU A 262 22.73 40.14 23.11
C GLU A 262 23.22 41.60 22.98
N ASN A 263 22.35 42.52 22.54
CA ASN A 263 22.73 43.93 22.18
C ASN A 263 22.25 44.90 23.26
N LYS A 264 22.10 44.43 24.50
CA LYS A 264 22.01 45.25 25.73
C LYS A 264 20.65 45.94 25.86
N TYR A 265 19.62 45.51 25.12
CA TYR A 265 18.22 45.90 25.40
C TYR A 265 17.70 45.05 26.56
N ASP A 266 17.42 45.67 27.72
CA ASP A 266 17.14 44.98 29.02
C ASP A 266 16.01 45.67 29.78
N VAL A 267 15.72 45.20 31.00
CA VAL A 267 14.56 45.61 31.85
C VAL A 267 14.85 46.91 32.61
N ALA A 268 16.09 47.41 32.57
CA ALA A 268 16.39 48.81 32.97
C ALA A 268 15.52 49.76 32.14
N ASP A 269 15.38 49.50 30.82
CA ASP A 269 14.68 50.39 29.85
C ASP A 269 14.24 49.60 28.61
N PRO A 270 13.15 48.82 28.69
CA PRO A 270 12.79 47.92 27.62
C PRO A 270 11.97 48.62 26.54
N PRO A 271 12.16 48.25 25.26
CA PRO A 271 11.24 48.70 24.21
C PRO A 271 9.82 48.24 24.56
N PRO A 272 8.78 48.87 24.00
CA PRO A 272 7.42 48.35 24.19
C PRO A 272 7.25 46.94 23.59
N PRO A 273 6.30 46.14 24.15
CA PRO A 273 6.08 44.76 23.73
C PRO A 273 5.94 44.58 22.22
N TRP A 274 5.15 45.46 21.62
CA TRP A 274 4.75 45.37 20.20
C TRP A 274 5.97 45.64 19.31
N GLN A 275 6.98 46.36 19.82
CA GLN A 275 8.25 46.57 19.09
C GLN A 275 9.18 45.37 19.35
N VAL A 276 9.16 44.79 20.55
CA VAL A 276 9.93 43.56 20.88
C VAL A 276 9.49 42.41 19.94
N TYR A 277 8.21 42.35 19.58
CA TYR A 277 7.62 41.29 18.72
C TYR A 277 7.51 41.74 17.26
N LEU A 278 8.17 42.83 16.85
CA LEU A 278 8.19 43.28 15.43
C LEU A 278 9.45 42.76 14.75
N LEU A 279 9.30 41.85 13.79
CA LEU A 279 10.45 41.21 13.11
C LEU A 279 11.33 42.30 12.47
N ALA A 280 12.65 42.13 12.53
CA ALA A 280 13.62 42.88 11.69
C ALA A 280 13.32 42.60 10.22
N ASN A 281 13.21 43.65 9.43
CA ASN A 281 12.95 43.58 7.97
C ASN A 281 14.14 42.89 7.28
N LYS A 282 13.91 41.80 6.52
CA LYS A 282 14.92 41.11 5.67
C LYS A 282 14.23 40.49 4.47
N PRO A 283 13.68 41.28 3.53
CA PRO A 283 13.05 40.73 2.34
C PRO A 283 14.09 40.14 1.39
N GLY A 284 13.67 39.18 0.58
CA GLY A 284 14.57 38.44 -0.32
C GLY A 284 13.82 37.36 -1.07
N SER A 285 14.56 36.40 -1.61
CA SER A 285 13.97 35.20 -2.21
C SER A 285 13.96 34.13 -1.13
N GLY A 286 12.99 33.23 -1.21
CA GLY A 286 12.84 32.04 -0.35
C GLY A 286 11.54 31.31 -0.66
N ASN A 287 11.28 30.21 0.04
CA ASN A 287 10.04 29.42 -0.13
C ASN A 287 9.07 29.73 1.04
N VAL A 288 9.47 30.63 1.96
CA VAL A 288 8.58 31.22 3.00
C VAL A 288 8.75 32.76 3.03
N HIS A 289 7.63 33.49 3.07
CA HIS A 289 7.62 34.97 3.28
C HIS A 289 6.62 35.33 4.37
N ILE A 290 7.10 35.99 5.42
CA ILE A 290 6.29 36.48 6.57
C ILE A 290 6.14 38.00 6.40
N VAL A 291 4.92 38.43 6.21
CA VAL A 291 4.53 39.86 6.14
C VAL A 291 3.86 40.19 7.48
N GLN A 292 4.45 41.08 8.28
CA GLN A 292 3.94 41.45 9.62
C GLN A 292 3.57 42.93 9.62
N LYS A 293 2.36 43.25 10.09
CA LYS A 293 1.88 44.62 10.44
C LYS A 293 1.41 44.64 11.91
N VAL A 294 1.61 45.76 12.58
CA VAL A 294 1.05 46.07 13.92
C VAL A 294 0.11 47.25 13.75
N PHE A 295 -1.09 47.15 14.29
CA PHE A 295 -2.13 48.19 14.24
C PHE A 295 -2.54 48.54 15.67
N GLU A 296 -2.84 49.82 15.88
CA GLU A 296 -3.51 50.35 17.10
C GLU A 296 -4.95 50.70 16.71
N GLY A 297 -5.94 50.06 17.32
CA GLY A 297 -7.35 50.25 16.93
C GLY A 297 -7.72 49.50 15.65
N ASP A 298 -8.74 49.95 14.93
CA ASP A 298 -9.31 49.23 13.77
C ASP A 298 -8.29 49.24 12.64
N PHE A 299 -8.41 48.29 11.72
CA PHE A 299 -7.46 48.12 10.59
C PHE A 299 -8.18 47.43 9.45
N GLU A 300 -7.64 47.59 8.25
CA GLU A 300 -7.97 46.71 7.10
C GLU A 300 -6.78 46.73 6.15
N PHE A 301 -6.61 45.67 5.36
CA PHE A 301 -5.60 45.60 4.27
C PHE A 301 -6.06 44.54 3.26
N ASP A 302 -5.52 44.61 2.06
CA ASP A 302 -5.94 43.77 0.91
C ASP A 302 -4.80 42.83 0.55
N ILE A 303 -5.13 41.69 -0.05
CA ILE A 303 -4.16 40.77 -0.70
C ILE A 303 -4.60 40.59 -2.15
N LEU A 304 -3.74 40.95 -3.09
CA LEU A 304 -4.06 40.90 -4.55
C LEU A 304 -3.11 39.91 -5.23
N PHE A 305 -3.68 38.82 -5.72
CA PHE A 305 -2.91 37.80 -6.45
C PHE A 305 -3.16 38.05 -7.93
N SER A 306 -2.12 38.46 -8.65
CA SER A 306 -2.31 38.75 -10.09
C SER A 306 -1.62 37.69 -10.93
N SER A 307 -2.39 37.00 -11.75
CA SER A 307 -1.84 35.99 -12.68
C SER A 307 -1.32 36.76 -13.89
N GLU A 308 -0.04 36.61 -14.21
CA GLU A 308 0.60 37.35 -15.34
C GLU A 308 -0.03 36.98 -16.67
N SER A 309 -0.44 35.71 -16.82
CA SER A 309 -1.08 35.12 -18.01
C SER A 309 -2.45 35.74 -18.33
N ALA A 310 -3.09 36.40 -17.37
CA ALA A 310 -4.37 37.14 -17.51
C ALA A 310 -4.09 38.57 -17.97
N GLY A 311 -5.04 39.48 -17.87
CA GLY A 311 -4.73 40.81 -18.43
C GLY A 311 -4.07 41.77 -17.47
N LYS A 312 -4.78 42.82 -17.07
CA LYS A 312 -4.19 43.82 -16.16
C LYS A 312 -4.06 43.23 -14.76
N GLU A 313 -3.15 43.75 -13.95
CA GLU A 313 -3.00 43.27 -12.55
C GLU A 313 -4.25 43.65 -11.75
N VAL A 314 -4.63 42.81 -10.79
CA VAL A 314 -5.82 43.01 -9.91
C VAL A 314 -5.61 44.24 -9.04
N THR A 315 -6.65 45.04 -8.86
CA THR A 315 -6.56 46.25 -8.00
C THR A 315 -7.56 46.13 -6.85
N SER A 316 -7.41 46.99 -5.85
CA SER A 316 -8.37 47.09 -4.71
C SER A 316 -9.76 47.49 -5.25
N LYS A 317 -9.82 48.33 -6.30
CA LYS A 317 -11.10 48.74 -6.93
C LYS A 317 -11.75 47.49 -7.53
N ASP A 318 -11.00 46.63 -8.22
CA ASP A 318 -11.52 45.36 -8.77
C ASP A 318 -12.12 44.52 -7.63
N LEU A 319 -11.43 44.47 -6.49
CA LEU A 319 -11.79 43.59 -5.36
C LEU A 319 -13.17 44.01 -4.85
N GLU A 320 -13.37 45.31 -4.59
CA GLU A 320 -14.65 45.87 -4.07
C GLU A 320 -15.79 45.56 -5.05
N ARG A 321 -15.56 45.74 -6.36
CA ARG A 321 -16.60 45.51 -7.40
C ARG A 321 -16.96 44.03 -7.46
N GLU A 322 -15.98 43.15 -7.55
CA GLU A 322 -16.26 41.70 -7.72
C GLU A 322 -16.87 41.16 -6.41
N VAL A 323 -16.53 41.71 -5.25
CA VAL A 323 -17.19 41.31 -3.96
C VAL A 323 -18.70 41.63 -4.04
N LYS A 324 -19.07 42.86 -4.42
CA LYS A 324 -20.49 43.29 -4.59
C LYS A 324 -21.20 42.37 -5.58
N GLN A 325 -20.55 42.03 -6.69
CA GLN A 325 -21.12 41.18 -7.77
C GLN A 325 -21.40 39.76 -7.24
N ALA A 326 -20.44 39.15 -6.54
CA ALA A 326 -20.56 37.79 -5.96
C ALA A 326 -21.77 37.69 -5.02
N THR A 327 -21.98 38.65 -4.12
CA THR A 327 -23.15 38.73 -3.20
C THR A 327 -24.47 38.71 -3.99
N GLU A 328 -24.58 39.58 -5.00
CA GLU A 328 -25.77 39.71 -5.87
C GLU A 328 -26.09 38.34 -6.46
N VAL A 329 -25.08 37.69 -7.03
CA VAL A 329 -25.22 36.37 -7.72
C VAL A 329 -25.54 35.26 -6.71
N PHE A 330 -24.90 35.28 -5.53
CA PHE A 330 -25.20 34.32 -4.43
C PHE A 330 -26.70 34.45 -4.08
N GLY A 331 -27.17 35.68 -3.89
CA GLY A 331 -28.57 35.99 -3.51
C GLY A 331 -29.58 35.41 -4.50
N GLU A 332 -29.33 35.58 -5.81
CA GLU A 332 -30.25 35.16 -6.90
C GLU A 332 -30.27 33.62 -6.98
N ARG A 333 -29.12 32.96 -6.87
CA ARG A 333 -29.06 31.47 -6.92
C ARG A 333 -29.78 30.91 -5.68
N PHE A 334 -29.59 31.51 -4.51
CA PHE A 334 -30.15 30.96 -3.26
C PHE A 334 -31.67 30.90 -3.37
N ALA A 335 -32.30 31.94 -3.90
CA ALA A 335 -33.78 32.07 -4.01
C ALA A 335 -34.32 31.05 -5.01
N ARG A 336 -33.57 30.76 -6.09
CA ARG A 336 -33.96 29.74 -7.11
C ARG A 336 -33.83 28.33 -6.51
N VAL A 337 -32.67 28.01 -5.93
CA VAL A 337 -32.28 26.61 -5.58
C VAL A 337 -32.87 26.23 -4.21
N PHE A 338 -32.80 27.12 -3.22
CA PHE A 338 -33.30 26.92 -1.83
C PHE A 338 -34.46 27.89 -1.57
N ASP A 339 -35.54 27.68 -2.32
CA ASP A 339 -36.83 28.39 -2.15
C ASP A 339 -37.55 27.80 -0.93
N LEU A 340 -37.33 28.42 0.23
CA LEU A 340 -37.87 27.90 1.51
C LEU A 340 -39.39 27.92 1.48
N LYS A 341 -39.99 26.78 1.78
CA LYS A 341 -41.46 26.62 1.79
C LYS A 341 -42.00 26.80 3.21
N ALA A 342 -43.31 26.99 3.30
CA ALA A 342 -44.02 27.25 4.56
C ALA A 342 -43.82 26.10 5.55
N PRO A 343 -43.69 26.39 6.86
CA PRO A 343 -43.82 27.75 7.37
C PRO A 343 -42.48 28.46 7.58
N PHE A 344 -41.50 28.16 6.74
CA PHE A 344 -40.13 28.73 6.86
C PHE A 344 -39.85 29.79 5.79
N GLN A 345 -40.88 30.43 5.27
CA GLN A 345 -40.76 31.48 4.23
C GLN A 345 -40.13 32.77 4.79
N GLY A 346 -40.22 33.00 6.10
CA GLY A 346 -39.76 34.24 6.73
C GLY A 346 -38.29 34.54 6.57
N ASP A 347 -37.94 35.82 6.65
CA ASP A 347 -36.56 36.34 6.49
C ASP A 347 -35.62 35.72 7.53
N ASN A 348 -36.10 35.43 8.73
CA ASN A 348 -35.24 34.83 9.77
C ASN A 348 -34.77 33.46 9.28
N TYR A 349 -35.68 32.68 8.71
CA TYR A 349 -35.38 31.34 8.17
C TYR A 349 -34.43 31.45 6.98
N LYS A 350 -34.57 32.48 6.19
CA LYS A 350 -33.70 32.64 5.00
C LYS A 350 -32.29 32.92 5.49
N LYS A 351 -32.14 33.77 6.49
CA LYS A 351 -30.80 34.05 7.04
C LYS A 351 -30.22 32.78 7.65
N PHE A 352 -31.07 32.00 8.33
CA PHE A 352 -30.64 30.73 8.95
C PHE A 352 -30.18 29.77 7.85
N GLY A 353 -30.96 29.66 6.78
CA GLY A 353 -30.64 28.78 5.64
C GLY A 353 -29.36 29.19 4.95
N LYS A 354 -29.17 30.49 4.76
CA LYS A 354 -27.94 31.01 4.11
C LYS A 354 -26.72 30.68 4.98
N SER A 355 -26.84 30.81 6.29
CA SER A 355 -25.72 30.49 7.20
C SER A 355 -25.37 29.01 7.17
N MET A 356 -26.37 28.13 7.23
CA MET A 356 -26.11 26.68 7.25
C MET A 356 -25.53 26.23 5.91
N PHE A 357 -26.09 26.72 4.81
CA PHE A 357 -25.62 26.29 3.47
C PHE A 357 -24.18 26.78 3.25
N SER A 358 -23.92 28.04 3.60
CA SER A 358 -22.63 28.70 3.29
C SER A 358 -21.49 28.03 4.07
N ASN A 359 -21.73 27.63 5.33
CA ASN A 359 -20.70 26.97 6.17
C ASN A 359 -20.45 25.56 5.65
N LEU A 360 -21.44 24.90 5.07
CA LEU A 360 -21.24 23.55 4.50
C LEU A 360 -20.33 23.66 3.27
N ILE A 361 -20.67 24.50 2.31
CA ILE A 361 -19.95 24.55 1.02
C ILE A 361 -18.65 25.32 1.23
N GLY A 362 -18.65 26.26 2.17
CA GLY A 362 -17.43 26.96 2.65
C GLY A 362 -16.39 26.05 3.31
N GLY A 363 -16.76 24.86 3.79
CA GLY A 363 -15.79 23.92 4.41
C GLY A 363 -14.98 23.12 3.38
N ILE A 364 -15.28 23.27 2.08
CA ILE A 364 -14.58 22.52 0.99
C ILE A 364 -13.08 22.75 1.14
N GLY A 365 -12.32 21.67 1.17
CA GLY A 365 -10.86 21.70 1.29
C GLY A 365 -10.20 20.96 0.14
N TYR A 366 -8.94 21.30 -0.11
CA TYR A 366 -8.00 20.50 -0.93
C TYR A 366 -6.90 19.99 -0.01
N PHE A 367 -6.81 18.67 0.06
CA PHE A 367 -5.82 17.92 0.89
C PHE A 367 -4.90 17.15 -0.04
N TYR A 368 -3.63 17.00 0.38
CA TYR A 368 -2.54 16.38 -0.42
C TYR A 368 -1.51 15.81 0.55
N GLY A 369 -1.10 14.57 0.32
CA GLY A 369 -0.07 13.91 1.13
C GLY A 369 -0.27 12.42 1.20
N HIS A 370 0.54 11.76 2.02
CA HIS A 370 0.50 10.31 2.30
C HIS A 370 -0.59 10.03 3.35
N SER A 371 -1.26 8.89 3.24
CA SER A 371 -2.14 8.21 4.23
C SER A 371 -1.35 7.12 4.95
N LEU A 372 -1.73 6.82 6.19
CA LEU A 372 -1.20 5.70 6.99
C LEU A 372 -2.15 4.49 6.90
N VAL A 373 -1.71 3.40 6.26
CA VAL A 373 -2.55 2.21 5.92
C VAL A 373 -1.82 0.94 6.39
N ASP A 374 -2.50 0.07 7.14
CA ASP A 374 -2.04 -1.30 7.45
C ASP A 374 -2.33 -2.15 6.21
N ARG A 375 -1.30 -2.55 5.44
CA ARG A 375 -1.47 -3.30 4.17
C ARG A 375 -1.01 -4.76 4.37
N SER A 376 -0.86 -5.20 5.63
CA SER A 376 -0.56 -6.59 6.02
C SER A 376 -1.64 -7.58 5.55
N TYR A 377 -2.90 -7.14 5.47
CA TYR A 377 -4.07 -8.03 5.36
C TYR A 377 -3.89 -9.25 6.27
N ALA A 378 -3.47 -9.05 7.53
CA ALA A 378 -3.33 -10.13 8.51
C ALA A 378 -4.61 -10.99 8.48
N PRO A 379 -4.52 -12.33 8.66
CA PRO A 379 -5.70 -13.18 8.65
C PRO A 379 -6.65 -12.95 9.85
N GLU A 380 -6.14 -12.44 10.96
CA GLU A 380 -6.99 -12.00 12.10
C GLU A 380 -8.06 -10.99 11.64
N TYR A 381 -7.82 -10.20 10.60
CA TYR A 381 -8.75 -9.15 10.11
C TYR A 381 -9.95 -9.80 9.40
N ASP A 382 -9.92 -11.12 9.22
CA ASP A 382 -11.03 -11.89 8.62
C ASP A 382 -12.15 -12.05 9.66
N GLU A 383 -11.83 -12.04 10.96
CA GLU A 383 -12.84 -12.13 12.04
C GLU A 383 -13.74 -13.35 11.76
N GLU A 384 -13.18 -14.56 11.70
CA GLU A 384 -13.98 -15.78 11.41
C GLU A 384 -14.21 -16.57 12.70
N ASN A 385 -13.44 -16.33 13.76
CA ASN A 385 -13.58 -17.03 15.07
C ASN A 385 -14.37 -16.18 16.09
N GLU A 386 -14.88 -16.83 17.13
CA GLU A 386 -15.37 -16.19 18.37
C GLU A 386 -14.19 -15.47 19.02
N GLY A 387 -14.41 -14.30 19.61
CA GLY A 387 -13.37 -13.49 20.26
C GLY A 387 -12.48 -12.74 19.24
N PHE A 388 -12.96 -12.58 18.00
CA PHE A 388 -12.15 -12.07 16.86
C PHE A 388 -11.55 -10.68 17.18
N TRP A 389 -12.10 -9.95 18.14
CA TRP A 389 -11.65 -8.57 18.45
C TRP A 389 -10.28 -8.62 19.15
N GLU A 390 -10.03 -9.67 19.95
CA GLU A 390 -8.71 -9.87 20.62
C GLU A 390 -7.64 -10.24 19.58
N ASP A 391 -7.97 -11.11 18.62
CA ASP A 391 -7.08 -11.51 17.50
C ASP A 391 -6.71 -10.25 16.72
N ALA A 392 -7.70 -9.50 16.24
CA ALA A 392 -7.50 -8.26 15.45
C ALA A 392 -6.67 -7.23 16.23
N ALA A 393 -6.86 -7.08 17.55
CA ALA A 393 -6.07 -6.17 18.42
C ALA A 393 -4.59 -6.59 18.40
N GLU A 394 -4.33 -7.89 18.51
CA GLU A 394 -2.96 -8.48 18.43
C GLU A 394 -2.32 -8.14 17.08
N ALA A 395 -3.05 -8.29 15.97
CA ALA A 395 -2.57 -7.94 14.62
C ALA A 395 -2.23 -6.44 14.55
N ARG A 396 -3.14 -5.57 14.99
CA ARG A 396 -2.92 -4.11 14.98
C ARG A 396 -1.64 -3.80 15.76
N ALA A 397 -1.40 -4.50 16.88
CA ALA A 397 -0.20 -4.33 17.74
C ALA A 397 1.08 -4.83 17.05
N ARG A 398 1.02 -5.38 15.83
CA ARG A 398 2.24 -5.66 15.01
C ARG A 398 2.75 -4.37 14.34
N HIS A 399 1.92 -3.31 14.30
CA HIS A 399 2.23 -1.99 13.68
C HIS A 399 2.96 -2.16 12.32
N GLN A 400 2.33 -2.81 11.34
CA GLN A 400 2.85 -2.97 9.96
C GLN A 400 2.38 -1.81 9.08
N GLU A 401 1.56 -0.92 9.64
CA GLU A 401 1.08 0.29 8.91
C GLU A 401 2.30 1.09 8.44
N ALA A 402 2.22 1.60 7.20
CA ALA A 402 3.23 2.42 6.51
C ALA A 402 2.52 3.58 5.80
N LEU A 403 3.21 4.71 5.63
CA LEU A 403 2.72 5.84 4.78
C LEU A 403 2.67 5.38 3.33
N GLU A 404 1.64 5.75 2.61
CA GLU A 404 1.53 5.48 1.17
C GLU A 404 0.90 6.69 0.48
N GLY A 405 1.03 6.78 -0.85
CA GLY A 405 0.53 7.87 -1.71
C GLY A 405 1.71 8.50 -2.44
N PRO A 406 1.72 9.82 -2.70
CA PRO A 406 0.77 10.75 -2.09
C PRO A 406 -0.58 10.66 -2.79
N TYR A 407 -1.64 11.09 -2.11
CA TYR A 407 -3.01 11.24 -2.66
C TYR A 407 -3.42 12.71 -2.54
N GLU A 408 -4.38 13.13 -3.34
CA GLU A 408 -5.12 14.41 -3.19
C GLU A 408 -6.60 14.12 -2.94
N LEU A 409 -7.29 15.02 -2.24
CA LEU A 409 -8.77 14.97 -2.12
C LEU A 409 -9.33 16.39 -2.10
N PHE A 410 -10.38 16.60 -2.87
CA PHE A 410 -11.21 17.82 -2.91
C PHE A 410 -12.58 17.42 -2.36
N THR A 411 -12.91 17.83 -1.14
CA THR A 411 -14.10 17.36 -0.38
C THR A 411 -14.55 18.41 0.63
N SER A 412 -15.84 18.39 0.94
CA SER A 412 -16.39 19.09 2.12
C SER A 412 -16.07 18.26 3.38
N ILE A 413 -16.21 18.84 4.56
CA ILE A 413 -15.78 18.25 5.87
C ILE A 413 -16.92 18.36 6.88
N PRO A 414 -16.96 17.50 7.90
CA PRO A 414 -17.95 17.66 8.96
C PRO A 414 -17.81 18.95 9.79
N SER A 415 -16.60 19.36 10.11
CA SER A 415 -16.30 20.41 11.13
C SER A 415 -14.90 21.01 10.95
N ARG A 416 -14.80 22.33 10.82
CA ARG A 416 -13.50 23.02 10.71
C ARG A 416 -12.70 22.84 11.99
N PRO A 417 -13.22 23.14 13.20
CA PRO A 417 -12.40 23.04 14.40
C PRO A 417 -12.09 21.61 14.87
N PHE A 418 -12.91 20.62 14.55
CA PHE A 418 -12.78 19.26 15.12
C PHE A 418 -12.44 18.21 14.05
N PHE A 419 -13.08 18.21 12.88
CA PHE A 419 -12.93 17.08 11.94
C PHE A 419 -12.63 17.63 10.55
N PRO A 420 -11.57 18.47 10.39
CA PRO A 420 -11.34 19.14 9.12
C PRO A 420 -10.73 18.16 8.09
N ARG A 421 -11.49 17.14 7.70
CA ARG A 421 -10.99 16.13 6.72
C ARG A 421 -12.16 15.28 6.20
N GLY A 422 -11.89 14.54 5.12
CA GLY A 422 -12.87 13.74 4.38
C GLY A 422 -13.30 12.57 5.22
N PHE A 423 -14.61 12.42 5.43
CA PHE A 423 -15.24 11.20 5.97
C PHE A 423 -16.22 10.69 4.91
N LEU A 424 -16.18 9.39 4.62
CA LEU A 424 -16.76 8.81 3.37
C LEU A 424 -18.29 8.91 3.42
N TRP A 425 -18.96 8.41 4.47
CA TRP A 425 -20.45 8.44 4.48
C TRP A 425 -20.99 9.84 4.81
N ASP A 426 -20.24 10.68 5.56
CA ASP A 426 -20.61 12.11 5.77
C ASP A 426 -20.72 12.77 4.38
N GLU A 427 -19.78 12.53 3.48
CA GLU A 427 -19.73 13.28 2.19
C GLU A 427 -20.98 13.02 1.33
N GLY A 428 -21.59 11.84 1.41
CA GLY A 428 -22.87 11.59 0.75
C GLY A 428 -23.95 12.57 1.22
N PHE A 429 -23.98 12.89 2.52
CA PHE A 429 -24.98 13.82 3.10
C PHE A 429 -24.61 15.26 2.69
N HIS A 430 -23.33 15.64 2.84
CA HIS A 430 -22.83 16.97 2.45
C HIS A 430 -23.26 17.29 1.01
N LEU A 431 -23.16 16.34 0.08
CA LEU A 431 -23.27 16.70 -1.36
C LEU A 431 -24.75 16.78 -1.78
N LEU A 432 -25.71 16.41 -0.93
CA LEU A 432 -27.12 16.53 -1.36
C LEU A 432 -27.49 18.00 -1.52
N PRO A 433 -27.20 18.93 -0.57
CA PRO A 433 -27.46 20.33 -0.81
C PRO A 433 -26.51 20.93 -1.85
N ILE A 434 -25.25 20.52 -1.85
CA ILE A 434 -24.23 21.11 -2.75
C ILE A 434 -24.62 20.79 -4.22
N ALA A 435 -25.12 19.60 -4.50
CA ALA A 435 -25.51 19.17 -5.86
C ALA A 435 -26.69 20.01 -6.34
N ASP A 436 -27.61 20.36 -5.45
CA ASP A 436 -28.72 21.28 -5.77
C ASP A 436 -28.10 22.61 -6.25
N TRP A 437 -27.05 23.05 -5.58
CA TRP A 437 -26.40 24.36 -5.81
C TRP A 437 -25.64 24.34 -7.13
N ASP A 438 -24.93 23.25 -7.37
CA ASP A 438 -23.84 23.17 -8.39
C ASP A 438 -23.49 21.70 -8.60
N ILE A 439 -24.26 21.01 -9.45
CA ILE A 439 -24.13 19.54 -9.69
C ILE A 439 -22.72 19.22 -10.21
N ASP A 440 -22.11 20.12 -10.99
CA ASP A 440 -20.75 19.89 -11.56
C ASP A 440 -19.71 19.93 -10.43
N LEU A 441 -19.95 20.77 -9.44
CA LEU A 441 -19.09 20.81 -8.24
C LEU A 441 -19.22 19.46 -7.52
N ALA A 442 -20.45 18.99 -7.30
CA ALA A 442 -20.69 17.74 -6.54
C ALA A 442 -20.01 16.57 -7.26
N LEU A 443 -20.06 16.54 -8.60
CA LEU A 443 -19.50 15.42 -9.41
C LEU A 443 -17.97 15.46 -9.36
N GLU A 444 -17.39 16.66 -9.36
CA GLU A 444 -15.95 16.87 -9.07
C GLU A 444 -15.55 16.19 -7.75
N ILE A 445 -16.34 16.36 -6.70
CA ILE A 445 -15.98 15.83 -5.36
C ILE A 445 -16.17 14.31 -5.40
N ILE A 446 -17.22 13.84 -6.03
CA ILE A 446 -17.44 12.37 -6.17
C ILE A 446 -16.23 11.78 -6.90
N LYS A 447 -15.85 12.37 -8.04
CA LYS A 447 -14.71 11.86 -8.83
C LYS A 447 -13.49 11.83 -7.92
N SER A 448 -13.26 12.92 -7.21
CA SER A 448 -12.07 13.03 -6.33
C SER A 448 -12.08 11.83 -5.37
N TRP A 449 -13.23 11.49 -4.79
CA TRP A 449 -13.31 10.40 -3.79
C TRP A 449 -13.04 9.04 -4.46
N TYR A 450 -13.63 8.80 -5.62
CA TYR A 450 -13.53 7.46 -6.26
C TYR A 450 -12.13 7.30 -6.85
N ASN A 451 -11.44 8.38 -7.21
CA ASN A 451 -10.02 8.33 -7.62
C ASN A 451 -9.13 7.88 -6.45
N LEU A 452 -9.65 7.72 -5.22
CA LEU A 452 -8.86 7.16 -4.10
C LEU A 452 -9.01 5.64 -4.04
N MET A 453 -9.94 5.07 -4.81
CA MET A 453 -10.27 3.63 -4.62
C MET A 453 -9.09 2.79 -5.11
N ASP A 454 -8.65 1.84 -4.30
CA ASP A 454 -7.53 0.90 -4.60
C ASP A 454 -8.04 -0.21 -5.54
N GLU A 455 -7.17 -1.14 -5.92
CA GLU A 455 -7.42 -2.14 -7.02
C GLU A 455 -8.59 -3.06 -6.63
N ASP A 456 -8.75 -3.32 -5.33
CA ASP A 456 -9.73 -4.26 -4.73
C ASP A 456 -11.14 -3.64 -4.65
N GLY A 457 -11.25 -2.30 -4.63
CA GLY A 457 -12.52 -1.55 -4.46
C GLY A 457 -12.70 -0.88 -3.07
N TRP A 458 -11.64 -0.71 -2.29
CA TRP A 458 -11.65 -0.04 -0.96
C TRP A 458 -11.31 1.46 -1.09
N ILE A 459 -12.13 2.31 -0.48
CA ILE A 459 -11.80 3.72 -0.12
C ILE A 459 -11.72 3.80 1.41
N ALA A 460 -10.66 4.36 1.97
CA ALA A 460 -10.56 4.56 3.44
C ALA A 460 -11.69 5.50 3.89
N ARG A 461 -12.35 5.14 4.99
CA ARG A 461 -13.56 5.85 5.49
C ARG A 461 -13.16 7.26 5.99
N GLU A 462 -11.87 7.48 6.26
CA GLU A 462 -11.29 8.70 6.88
C GLU A 462 -9.97 9.00 6.14
N GLN A 463 -9.91 10.13 5.45
CA GLN A 463 -8.80 10.56 4.59
C GLN A 463 -7.99 11.64 5.33
N ILE A 464 -6.88 11.23 5.94
CA ILE A 464 -5.86 12.06 6.65
C ILE A 464 -4.63 12.15 5.75
N LEU A 465 -4.66 13.10 4.80
CA LEU A 465 -3.65 13.26 3.72
C LEU A 465 -2.63 14.34 4.12
N GLY A 466 -1.41 13.92 4.44
CA GLY A 466 -0.27 14.81 4.70
C GLY A 466 -0.10 15.09 6.17
N ALA A 467 1.07 15.60 6.54
CA ALA A 467 1.51 15.89 7.92
C ALA A 467 0.60 16.94 8.55
N GLU A 468 0.10 17.90 7.77
CA GLU A 468 -0.76 18.99 8.28
C GLU A 468 -2.06 18.33 8.78
N ALA A 469 -2.65 17.47 7.97
CA ALA A 469 -3.92 16.78 8.28
C ALA A 469 -3.68 15.90 9.52
N ARG A 470 -2.54 15.21 9.56
CA ARG A 470 -2.15 14.29 10.65
C ARG A 470 -1.92 15.03 11.98
N SER A 471 -1.43 16.27 11.97
CA SER A 471 -1.09 17.05 13.19
C SER A 471 -2.31 17.17 14.11
N LYS A 472 -3.53 17.03 13.57
CA LYS A 472 -4.81 17.21 14.29
C LYS A 472 -5.35 15.88 14.83
N VAL A 473 -4.71 14.74 14.53
CA VAL A 473 -5.24 13.37 14.78
C VAL A 473 -4.25 12.59 15.64
N PRO A 474 -4.65 12.09 16.82
CA PRO A 474 -3.74 11.29 17.66
C PRO A 474 -3.27 10.06 16.87
N LYS A 475 -2.01 9.66 17.04
CA LYS A 475 -1.32 8.61 16.25
C LYS A 475 -2.19 7.33 16.27
N GLU A 476 -2.74 6.97 17.44
CA GLU A 476 -3.51 5.72 17.68
C GLU A 476 -4.68 5.64 16.71
N PHE A 477 -5.06 6.76 16.07
CA PHE A 477 -6.33 6.88 15.31
C PHE A 477 -6.05 7.21 13.84
N GLN A 478 -4.79 7.25 13.39
CA GLN A 478 -4.45 7.64 12.00
C GLN A 478 -4.60 6.43 11.04
N THR A 479 -4.28 5.23 11.50
CA THR A 479 -4.13 4.04 10.63
C THR A 479 -5.50 3.64 10.05
N GLN A 480 -5.57 3.59 8.72
CA GLN A 480 -6.74 3.03 8.00
C GLN A 480 -6.51 1.52 7.73
N TYR A 481 -7.61 0.79 7.59
CA TYR A 481 -7.66 -0.69 7.53
C TYR A 481 -8.49 -1.06 6.30
N PRO A 482 -7.90 -1.82 5.35
CA PRO A 482 -8.57 -2.12 4.09
C PRO A 482 -9.78 -3.07 4.21
N HIS A 483 -10.09 -3.58 5.39
CA HIS A 483 -11.33 -4.36 5.65
C HIS A 483 -12.44 -3.46 6.26
N TYR A 484 -12.18 -2.17 6.54
CA TYR A 484 -13.19 -1.24 7.12
C TYR A 484 -13.98 -0.53 6.02
N ALA A 485 -15.27 -0.79 5.96
CA ALA A 485 -16.22 -0.12 5.08
C ALA A 485 -16.78 1.12 5.81
N ASN A 486 -17.71 1.79 5.14
CA ASN A 486 -18.54 2.91 5.65
C ASN A 486 -19.74 2.96 4.73
N PRO A 487 -20.91 3.46 5.18
CA PRO A 487 -22.08 3.45 4.30
C PRO A 487 -21.78 4.14 2.98
N PRO A 488 -22.22 3.55 1.86
CA PRO A 488 -22.02 4.13 0.53
C PRO A 488 -23.03 5.23 0.17
N THR A 489 -23.11 6.28 1.01
CA THR A 489 -24.07 7.40 0.89
C THR A 489 -23.78 8.22 -0.38
N LEU A 490 -22.58 8.16 -0.94
CA LEU A 490 -22.29 8.86 -2.21
C LEU A 490 -23.21 8.38 -3.33
N PHE A 491 -23.72 7.14 -3.28
CA PHE A 491 -24.68 6.60 -4.29
C PHE A 491 -25.98 7.43 -4.30
N LEU A 492 -26.44 7.88 -3.14
CA LEU A 492 -27.64 8.75 -3.01
C LEU A 492 -27.46 10.00 -3.88
N VAL A 493 -26.27 10.59 -3.87
CA VAL A 493 -26.00 11.83 -4.64
C VAL A 493 -26.14 11.46 -6.12
N LEU A 494 -25.55 10.32 -6.47
CA LEU A 494 -25.55 9.81 -7.87
C LEU A 494 -26.98 9.55 -8.32
N ASP A 495 -27.86 9.06 -7.43
CA ASP A 495 -29.31 8.84 -7.72
C ASP A 495 -29.98 10.17 -8.07
N ASN A 496 -29.65 11.26 -7.34
CA ASN A 496 -30.28 12.59 -7.56
C ASN A 496 -29.82 13.09 -8.95
N PHE A 497 -28.54 12.86 -9.26
CA PHE A 497 -27.92 13.23 -10.56
C PHE A 497 -28.59 12.47 -11.71
N VAL A 498 -28.82 11.16 -11.55
CA VAL A 498 -29.48 10.29 -12.57
C VAL A 498 -30.90 10.83 -12.83
N GLU A 499 -31.71 11.07 -11.78
CA GLU A 499 -33.11 11.59 -11.93
C GLU A 499 -33.06 12.94 -12.66
N ARG A 500 -32.04 13.76 -12.44
CA ARG A 500 -31.94 15.11 -13.06
C ARG A 500 -31.51 14.96 -14.53
N LEU A 501 -30.62 14.01 -14.80
CA LEU A 501 -30.14 13.66 -16.18
C LEU A 501 -31.32 13.19 -17.05
N ARG A 502 -32.20 12.33 -16.51
CA ARG A 502 -33.42 11.81 -17.20
C ARG A 502 -34.37 12.98 -17.49
N LYS A 503 -34.80 13.75 -16.48
CA LYS A 503 -35.70 14.92 -16.64
C LYS A 503 -34.88 16.17 -17.02
N LEU A 517 -20.90 32.34 -17.34
CA LEU A 517 -20.10 31.11 -17.55
C LEU A 517 -20.11 30.24 -16.29
N ASP A 518 -19.88 30.83 -15.11
CA ASP A 518 -19.93 30.14 -13.80
C ASP A 518 -21.35 29.59 -13.61
N GLU A 519 -22.38 30.36 -14.01
CA GLU A 519 -23.80 29.89 -14.09
C GLU A 519 -23.88 28.64 -14.98
N THR A 520 -23.36 28.71 -16.22
CA THR A 520 -23.46 27.64 -17.23
C THR A 520 -22.70 26.40 -16.75
N LEU A 521 -21.48 26.58 -16.22
CA LEU A 521 -20.62 25.45 -15.75
C LEU A 521 -21.31 24.67 -14.61
N SER A 522 -21.97 25.38 -13.70
CA SER A 522 -22.58 24.77 -12.50
C SER A 522 -23.51 23.63 -12.92
N THR A 523 -24.15 23.69 -14.10
CA THR A 523 -25.13 22.65 -14.55
C THR A 523 -24.73 22.00 -15.89
N ALA A 524 -23.54 22.24 -16.42
CA ALA A 524 -23.15 21.70 -17.74
C ALA A 524 -23.45 20.19 -17.83
N SER A 525 -23.25 19.42 -16.75
CA SER A 525 -23.24 17.93 -16.77
C SER A 525 -24.66 17.35 -16.79
N VAL A 526 -25.68 18.16 -16.57
CA VAL A 526 -27.11 17.76 -16.72
C VAL A 526 -27.70 18.41 -17.98
N ASP A 527 -27.25 19.62 -18.33
CA ASP A 527 -27.78 20.42 -19.47
C ASP A 527 -27.31 19.81 -20.79
N ASN A 528 -26.17 19.11 -20.79
CA ASN A 528 -25.56 18.42 -21.96
C ASN A 528 -25.53 16.92 -21.65
N PRO A 529 -26.57 16.15 -22.03
CA PRO A 529 -26.67 14.74 -21.67
C PRO A 529 -25.48 13.89 -22.10
N GLU A 530 -24.88 14.21 -23.24
CA GLU A 530 -23.67 13.52 -23.77
C GLU A 530 -22.60 13.56 -22.67
N VAL A 531 -22.46 14.71 -22.00
CA VAL A 531 -21.43 14.97 -20.96
C VAL A 531 -21.78 14.16 -19.70
N GLY A 532 -23.04 14.25 -19.27
CA GLY A 532 -23.58 13.49 -18.12
C GLY A 532 -23.28 12.00 -18.24
N LEU A 533 -23.59 11.42 -19.41
CA LEU A 533 -23.46 9.96 -19.68
C LEU A 533 -21.99 9.55 -19.66
N GLU A 534 -21.12 10.36 -20.26
CA GLU A 534 -19.66 10.06 -20.34
C GLU A 534 -19.10 10.01 -18.92
N TYR A 535 -19.54 10.91 -18.04
CA TYR A 535 -19.10 10.95 -16.62
C TYR A 535 -19.44 9.62 -15.97
N LEU A 536 -20.67 9.16 -16.18
CA LEU A 536 -21.19 7.90 -15.59
C LEU A 536 -20.46 6.70 -16.22
N ARG A 537 -20.16 6.75 -17.51
CA ARG A 537 -19.43 5.64 -18.21
C ARG A 537 -18.11 5.40 -17.46
N ARG A 538 -17.37 6.48 -17.17
CA ARG A 538 -16.01 6.43 -16.56
C ARG A 538 -16.06 6.02 -15.09
N LEU A 539 -17.13 6.41 -14.38
CA LEU A 539 -17.26 6.18 -12.91
C LEU A 539 -17.86 4.78 -12.70
N TYR A 540 -18.77 4.36 -13.58
CA TYR A 540 -19.56 3.10 -13.48
C TYR A 540 -18.71 1.90 -13.06
N PRO A 541 -17.57 1.60 -13.71
CA PRO A 541 -16.74 0.47 -13.30
C PRO A 541 -16.28 0.54 -11.84
N LEU A 542 -16.06 1.76 -11.34
CA LEU A 542 -15.52 1.96 -9.96
C LEU A 542 -16.67 1.70 -8.98
N LEU A 543 -17.87 2.14 -9.32
CA LEU A 543 -19.08 1.87 -8.51
C LEU A 543 -19.26 0.35 -8.43
N ARG A 544 -19.11 -0.34 -9.57
CA ARG A 544 -19.30 -1.81 -9.64
C ARG A 544 -18.22 -2.50 -8.80
N ARG A 545 -16.99 -2.03 -8.93
CA ARG A 545 -15.85 -2.60 -8.17
C ARG A 545 -16.16 -2.46 -6.67
N GLN A 546 -16.71 -1.31 -6.25
CA GLN A 546 -17.02 -1.09 -4.82
C GLN A 546 -18.13 -2.07 -4.42
N PHE A 547 -19.15 -2.26 -5.27
CA PHE A 547 -20.28 -3.18 -4.99
C PHE A 547 -19.71 -4.58 -4.70
N ASP A 548 -18.78 -5.04 -5.55
CA ASP A 548 -18.16 -6.40 -5.49
C ASP A 548 -17.31 -6.49 -4.23
N TRP A 549 -16.64 -5.40 -3.88
CA TRP A 549 -15.78 -5.32 -2.67
C TRP A 549 -16.64 -5.54 -1.42
N PHE A 550 -17.80 -4.87 -1.33
CA PHE A 550 -18.74 -5.02 -0.17
C PHE A 550 -19.13 -6.49 -0.04
N ARG A 551 -19.62 -7.09 -1.14
CA ARG A 551 -20.08 -8.51 -1.22
C ARG A 551 -18.93 -9.46 -0.87
N LYS A 552 -17.69 -9.14 -1.25
CA LYS A 552 -16.52 -10.00 -0.94
C LYS A 552 -16.04 -9.78 0.51
N THR A 553 -15.93 -8.55 1.00
CA THR A 553 -15.24 -8.29 2.29
C THR A 553 -16.23 -8.20 3.46
N GLN A 554 -17.49 -7.80 3.22
CA GLN A 554 -18.49 -7.57 4.31
C GLN A 554 -19.60 -8.68 4.28
N ALA A 555 -19.26 -9.87 3.80
CA ALA A 555 -20.17 -11.03 3.66
C ALA A 555 -20.59 -11.57 5.03
N GLY A 556 -21.87 -11.91 5.17
CA GLY A 556 -22.35 -12.69 6.32
C GLY A 556 -22.40 -14.18 6.02
N ASP A 557 -22.51 -15.00 7.06
CA ASP A 557 -22.53 -16.47 6.97
C ASP A 557 -23.97 -17.01 7.13
N ILE A 558 -24.64 -17.33 6.03
CA ILE A 558 -25.89 -18.15 6.01
C ILE A 558 -25.56 -19.65 6.11
N LYS A 559 -24.74 -20.20 5.19
CA LYS A 559 -24.66 -21.65 4.83
C LYS A 559 -24.18 -22.51 6.02
N SER A 560 -23.41 -21.96 6.95
CA SER A 560 -22.68 -22.74 7.98
C SER A 560 -23.50 -22.86 9.29
N TYR A 561 -24.72 -22.32 9.33
CA TYR A 561 -25.61 -22.38 10.53
C TYR A 561 -26.99 -22.91 10.09
N ASP A 562 -27.87 -23.22 11.05
CA ASP A 562 -29.29 -23.58 10.78
C ASP A 562 -30.07 -22.32 10.41
N ARG A 563 -29.86 -21.81 9.19
CA ARG A 563 -30.48 -20.55 8.71
C ARG A 563 -31.24 -20.84 7.43
N GLU A 564 -32.55 -20.62 7.45
CA GLU A 564 -33.45 -20.77 6.28
C GLU A 564 -33.65 -19.39 5.70
N ALA A 565 -33.50 -19.24 4.38
CA ALA A 565 -33.76 -17.98 3.65
C ALA A 565 -33.89 -18.24 2.16
N TYR A 566 -34.58 -17.33 1.47
CA TYR A 566 -34.84 -17.36 0.02
C TYR A 566 -33.56 -17.39 -0.83
N SER A 567 -32.47 -16.73 -0.38
CA SER A 567 -31.16 -16.73 -1.08
C SER A 567 -30.08 -17.23 -0.12
N THR A 568 -29.14 -18.02 -0.62
CA THR A 568 -27.96 -18.55 0.13
C THR A 568 -26.84 -17.49 0.13
N LYS A 569 -26.94 -16.48 -0.73
CA LYS A 569 -25.87 -15.47 -1.00
C LYS A 569 -26.07 -14.23 -0.11
N GLU A 570 -27.24 -13.57 -0.13
CA GLU A 570 -27.45 -12.18 0.41
C GLU A 570 -27.55 -12.14 1.94
N ALA A 571 -26.46 -11.77 2.60
CA ALA A 571 -26.31 -11.60 4.08
C ALA A 571 -24.99 -10.86 4.34
N TYR A 572 -24.98 -9.90 5.28
CA TYR A 572 -23.86 -8.95 5.44
C TYR A 572 -23.55 -8.73 6.91
N ARG A 573 -22.27 -8.56 7.21
CA ARG A 573 -21.75 -8.27 8.57
C ARG A 573 -20.62 -7.23 8.43
N TRP A 574 -20.82 -6.03 8.97
CA TRP A 574 -19.77 -4.97 9.14
C TRP A 574 -18.55 -5.60 9.81
N ARG A 575 -17.39 -5.51 9.16
CA ARG A 575 -16.10 -5.86 9.80
C ARG A 575 -15.71 -4.71 10.72
N GLY A 576 -15.01 -5.01 11.81
CA GLY A 576 -14.29 -4.02 12.62
C GLY A 576 -14.94 -3.76 13.95
N ARG A 577 -15.88 -4.61 14.37
CA ARG A 577 -16.67 -4.22 15.55
C ARG A 577 -15.97 -4.75 16.81
N THR A 578 -16.06 -3.98 17.88
CA THR A 578 -15.48 -4.30 19.20
C THR A 578 -16.66 -4.57 20.14
N VAL A 579 -16.40 -4.89 21.41
CA VAL A 579 -17.45 -5.35 22.36
C VAL A 579 -18.57 -4.30 22.41
N SER A 580 -18.22 -3.00 22.45
CA SER A 580 -19.18 -1.91 22.74
C SER A 580 -19.43 -1.04 21.51
N HIS A 581 -18.81 -1.33 20.36
CA HIS A 581 -18.78 -0.41 19.19
C HIS A 581 -18.92 -1.12 17.85
N CYS A 582 -19.36 -0.36 16.84
CA CYS A 582 -19.28 -0.68 15.40
C CYS A 582 -19.01 0.61 14.59
N LEU A 583 -17.75 1.07 14.56
CA LEU A 583 -17.36 2.39 14.02
C LEU A 583 -17.66 2.43 12.53
N THR A 584 -17.56 1.31 11.83
CA THR A 584 -17.65 1.27 10.35
C THR A 584 -19.09 1.50 9.89
N SER A 585 -20.11 1.18 10.70
CA SER A 585 -21.55 1.41 10.33
C SER A 585 -21.85 2.91 10.32
N GLY A 586 -21.07 3.68 11.07
CA GLY A 586 -21.34 5.12 11.26
C GLY A 586 -22.08 5.38 12.56
N LEU A 587 -22.74 4.37 13.12
CA LEU A 587 -23.53 4.53 14.37
C LEU A 587 -22.73 3.93 15.52
N ASP A 588 -21.70 4.66 15.91
CA ASP A 588 -20.53 4.19 16.68
C ASP A 588 -21.00 3.20 17.73
N ASP A 589 -21.89 3.59 18.64
CA ASP A 589 -22.22 2.81 19.86
C ASP A 589 -23.69 2.43 19.84
N TYR A 590 -24.34 2.45 18.69
CA TYR A 590 -25.70 1.87 18.60
C TYR A 590 -25.57 0.42 19.03
N PRO A 591 -26.49 -0.05 19.90
CA PRO A 591 -26.37 -1.39 20.48
C PRO A 591 -26.52 -2.49 19.41
N ARG A 592 -25.64 -3.48 19.50
CA ARG A 592 -25.54 -4.60 18.54
C ARG A 592 -25.54 -5.89 19.36
N PRO A 593 -25.71 -7.08 18.73
CA PRO A 593 -25.66 -8.34 19.46
C PRO A 593 -24.45 -8.44 20.38
N GLN A 594 -24.66 -8.91 21.61
CA GLN A 594 -23.60 -9.16 22.62
C GLN A 594 -23.53 -10.66 22.89
N PRO A 595 -22.36 -11.32 22.75
CA PRO A 595 -21.13 -10.68 22.31
C PRO A 595 -21.11 -10.57 20.78
N PRO A 596 -20.16 -9.81 20.20
CA PRO A 596 -19.99 -9.81 18.75
C PRO A 596 -19.56 -11.23 18.37
N HIS A 597 -19.85 -11.63 17.15
CA HIS A 597 -19.89 -13.06 16.78
C HIS A 597 -19.83 -13.15 15.26
N PRO A 598 -19.03 -14.08 14.70
CA PRO A 598 -18.86 -14.16 13.24
C PRO A 598 -20.16 -14.49 12.50
N GLY A 599 -21.16 -15.01 13.21
CA GLY A 599 -22.50 -15.29 12.65
C GLY A 599 -23.46 -14.09 12.69
N GLU A 600 -23.02 -12.93 13.21
CA GLU A 600 -23.82 -11.67 13.20
C GLU A 600 -24.24 -11.34 11.76
N LEU A 601 -25.41 -10.74 11.63
CA LEU A 601 -25.91 -10.11 10.38
C LEU A 601 -26.48 -8.74 10.76
N HIS A 602 -26.19 -7.73 9.94
CA HIS A 602 -26.51 -6.31 10.24
C HIS A 602 -27.48 -5.81 9.18
N VAL A 603 -28.68 -5.39 9.57
CA VAL A 603 -29.77 -5.09 8.59
C VAL A 603 -29.45 -3.76 7.90
N ASP A 604 -28.79 -2.83 8.60
CA ASP A 604 -28.37 -1.55 7.97
C ASP A 604 -27.42 -1.86 6.82
N LEU A 605 -26.44 -2.74 7.01
CA LEU A 605 -25.46 -3.07 5.95
C LEU A 605 -26.19 -3.69 4.75
N MET A 606 -27.10 -4.65 4.95
CA MET A 606 -27.89 -5.27 3.84
C MET A 606 -28.66 -4.18 3.10
N SER A 607 -29.30 -3.26 3.84
CA SER A 607 -30.11 -2.16 3.27
C SER A 607 -29.21 -1.26 2.44
N TRP A 608 -27.97 -1.01 2.89
CA TRP A 608 -27.01 -0.18 2.10
C TRP A 608 -26.69 -0.88 0.76
N VAL A 609 -26.56 -2.21 0.76
CA VAL A 609 -26.26 -2.97 -0.49
C VAL A 609 -27.45 -2.83 -1.45
N GLY A 610 -28.68 -2.82 -0.92
CA GLY A 610 -29.90 -2.52 -1.70
C GLY A 610 -29.80 -1.16 -2.38
N VAL A 611 -29.34 -0.16 -1.63
CA VAL A 611 -29.18 1.22 -2.17
C VAL A 611 -28.27 1.14 -3.40
N MET A 612 -27.16 0.41 -3.28
CA MET A 612 -26.14 0.26 -4.36
C MET A 612 -26.73 -0.50 -5.56
N VAL A 613 -27.38 -1.65 -5.36
CA VAL A 613 -27.91 -2.42 -6.53
C VAL A 613 -28.86 -1.50 -7.29
N LYS A 614 -29.75 -0.83 -6.58
CA LYS A 614 -30.81 -0.01 -7.23
C LYS A 614 -30.15 1.06 -8.10
N SER A 615 -29.01 1.62 -7.67
CA SER A 615 -28.28 2.72 -8.37
C SER A 615 -27.63 2.15 -9.63
N LEU A 616 -27.01 0.99 -9.49
CA LEU A 616 -26.34 0.26 -10.62
C LEU A 616 -27.38 -0.15 -11.67
N ILE A 617 -28.58 -0.59 -11.28
CA ILE A 617 -29.69 -0.86 -12.25
C ILE A 617 -29.91 0.41 -13.06
N SER A 618 -30.03 1.57 -12.39
CA SER A 618 -30.34 2.86 -13.05
C SER A 618 -29.22 3.22 -14.03
N ILE A 619 -27.95 3.13 -13.60
CA ILE A 619 -26.79 3.67 -14.36
C ILE A 619 -26.43 2.66 -15.45
N GLY A 620 -26.33 1.37 -15.09
CA GLY A 620 -26.22 0.23 -16.02
C GLY A 620 -27.20 0.34 -17.18
N SER A 621 -28.50 0.50 -16.89
CA SER A 621 -29.56 0.70 -17.92
C SER A 621 -29.10 1.81 -18.87
N LEU A 622 -28.71 2.96 -18.35
CA LEU A 622 -28.43 4.19 -19.15
C LEU A 622 -27.27 3.93 -20.12
N LEU A 623 -26.33 3.04 -19.74
CA LEU A 623 -25.10 2.69 -20.50
C LEU A 623 -25.30 1.41 -21.33
N GLY A 624 -26.50 0.81 -21.31
CA GLY A 624 -26.83 -0.45 -22.00
C GLY A 624 -25.92 -1.60 -21.57
N ALA A 625 -25.65 -1.76 -20.27
CA ALA A 625 -24.86 -2.88 -19.71
C ALA A 625 -25.82 -4.01 -19.28
N THR A 626 -26.40 -4.69 -20.27
CA THR A 626 -27.52 -5.66 -20.16
C THR A 626 -27.13 -6.82 -19.24
N GLU A 627 -25.98 -7.46 -19.46
CA GLU A 627 -25.47 -8.60 -18.64
C GLU A 627 -25.44 -8.16 -17.16
N ASP A 628 -24.88 -6.98 -16.89
CA ASP A 628 -24.73 -6.40 -15.53
C ASP A 628 -26.13 -6.22 -14.89
N VAL A 629 -27.05 -5.56 -15.59
CA VAL A 629 -28.40 -5.18 -15.08
C VAL A 629 -29.20 -6.45 -14.67
N GLU A 630 -29.06 -7.56 -15.40
CA GLU A 630 -29.82 -8.80 -15.12
C GLU A 630 -29.31 -9.40 -13.80
N PHE A 631 -28.01 -9.35 -13.56
CA PHE A 631 -27.39 -9.77 -12.27
C PHE A 631 -27.92 -8.89 -11.12
N TYR A 632 -27.82 -7.57 -11.26
CA TYR A 632 -28.26 -6.59 -10.23
C TYR A 632 -29.72 -6.89 -9.87
N THR A 633 -30.57 -7.05 -10.89
CA THR A 633 -32.03 -7.32 -10.75
C THR A 633 -32.24 -8.56 -9.86
N LYS A 634 -31.47 -9.63 -10.05
CA LYS A 634 -31.57 -10.89 -9.27
C LYS A 634 -31.05 -10.67 -7.83
N VAL A 635 -30.02 -9.85 -7.66
CA VAL A 635 -29.46 -9.51 -6.31
C VAL A 635 -30.51 -8.69 -5.53
N LEU A 636 -31.14 -7.71 -6.16
CA LEU A 636 -32.17 -6.85 -5.51
C LEU A 636 -33.30 -7.75 -5.00
N ASP A 637 -33.88 -8.56 -5.91
CA ASP A 637 -34.91 -9.57 -5.57
C ASP A 637 -34.43 -10.36 -4.35
N ALA A 638 -33.19 -10.82 -4.33
CA ALA A 638 -32.68 -11.67 -3.24
C ALA A 638 -32.68 -10.89 -1.90
N ILE A 639 -32.28 -9.61 -1.92
CA ILE A 639 -32.16 -8.79 -0.67
C ILE A 639 -33.57 -8.50 -0.15
N GLU A 640 -34.50 -8.18 -1.05
CA GLU A 640 -35.91 -7.93 -0.69
C GLU A 640 -36.42 -9.11 0.16
N HIS A 641 -36.25 -10.35 -0.32
CA HIS A 641 -36.74 -11.58 0.37
C HIS A 641 -35.93 -11.80 1.66
N ASN A 642 -34.61 -11.64 1.60
CA ASN A 642 -33.71 -12.02 2.73
C ASN A 642 -33.81 -10.97 3.84
N LEU A 643 -34.23 -9.74 3.54
CA LEU A 643 -34.49 -8.72 4.59
C LEU A 643 -35.61 -9.26 5.48
N ASP A 644 -36.65 -9.81 4.87
CA ASP A 644 -37.81 -10.43 5.60
C ASP A 644 -37.34 -11.71 6.30
N ASP A 645 -36.73 -12.65 5.57
CA ASP A 645 -36.46 -14.02 6.09
C ASP A 645 -35.43 -13.97 7.22
N LEU A 646 -34.48 -13.03 7.20
CA LEU A 646 -33.39 -13.01 8.22
C LEU A 646 -33.57 -11.91 9.26
N HIS A 647 -34.28 -10.81 8.94
CA HIS A 647 -34.18 -9.54 9.71
C HIS A 647 -35.54 -9.10 10.28
N TRP A 648 -36.68 -9.44 9.65
CA TRP A 648 -38.02 -9.06 10.16
C TRP A 648 -38.38 -9.82 11.45
N SER A 649 -38.73 -9.09 12.51
CA SER A 649 -39.38 -9.62 13.75
C SER A 649 -40.87 -9.30 13.74
N GLU A 650 -41.72 -10.33 13.60
CA GLU A 650 -43.20 -10.25 13.77
C GLU A 650 -43.50 -9.90 15.23
N LYS A 651 -42.90 -10.58 16.22
CA LYS A 651 -43.08 -10.29 17.67
C LYS A 651 -42.95 -8.78 17.90
N GLU A 652 -41.87 -8.13 17.42
CA GLU A 652 -41.51 -6.76 17.81
C GLU A 652 -42.11 -5.75 16.83
N GLY A 653 -42.40 -6.15 15.60
CA GLY A 653 -42.94 -5.26 14.56
C GLY A 653 -41.89 -4.34 13.97
N CYS A 654 -40.65 -4.81 13.77
CA CYS A 654 -39.56 -4.03 13.11
C CYS A 654 -38.40 -4.94 12.67
N TYR A 655 -37.50 -4.41 11.83
CA TYR A 655 -36.26 -5.09 11.43
C TYR A 655 -35.29 -5.08 12.60
N CYS A 656 -34.47 -6.13 12.67
CA CYS A 656 -33.50 -6.40 13.75
C CYS A 656 -32.20 -6.93 13.13
N ASP A 657 -31.05 -6.60 13.74
CA ASP A 657 -29.80 -7.36 13.54
C ASP A 657 -30.06 -8.80 14.03
N ALA A 658 -29.23 -9.74 13.60
CA ALA A 658 -29.27 -11.18 13.93
C ALA A 658 -27.89 -11.62 14.46
N THR A 659 -27.86 -12.61 15.36
CA THR A 659 -26.67 -13.38 15.77
C THR A 659 -26.93 -14.88 15.57
N ILE A 660 -26.10 -15.69 16.23
CA ILE A 660 -26.47 -17.08 16.57
C ILE A 660 -26.18 -17.27 18.07
N ASP A 661 -27.15 -17.93 18.73
CA ASP A 661 -27.24 -18.37 20.16
C ASP A 661 -26.00 -19.11 20.64
N GLU A 662 -25.92 -19.34 21.96
CA GLU A 662 -25.01 -20.33 22.62
C GLU A 662 -25.21 -21.72 22.00
N PHE A 663 -26.40 -22.02 21.45
CA PHE A 663 -26.79 -23.36 20.90
C PHE A 663 -26.76 -23.36 19.36
N GLU A 664 -26.00 -22.45 18.76
CA GLU A 664 -25.70 -22.34 17.29
C GLU A 664 -26.97 -22.11 16.47
N GLU A 665 -28.00 -21.46 17.03
CA GLU A 665 -29.28 -21.14 16.30
C GLU A 665 -29.35 -19.62 16.04
N HIS A 666 -29.87 -19.23 14.87
CA HIS A 666 -30.26 -17.85 14.49
C HIS A 666 -31.18 -17.23 15.56
N LYS A 667 -30.77 -16.10 16.15
CA LYS A 667 -31.56 -15.28 17.10
C LYS A 667 -31.63 -13.85 16.53
N LEU A 668 -32.81 -13.24 16.51
CA LEU A 668 -32.99 -11.79 16.32
C LEU A 668 -32.63 -11.07 17.62
N VAL A 669 -31.93 -9.94 17.51
CA VAL A 669 -31.63 -9.04 18.66
C VAL A 669 -32.20 -7.66 18.32
N CYS A 670 -33.32 -7.28 18.96
CA CYS A 670 -34.09 -6.08 18.56
C CYS A 670 -33.79 -4.95 19.55
N HIS A 671 -33.30 -3.84 19.02
CA HIS A 671 -33.07 -2.60 19.79
C HIS A 671 -33.70 -1.51 18.96
N LYS A 672 -34.89 -1.06 19.36
CA LYS A 672 -35.75 -0.21 18.51
C LYS A 672 -35.09 1.17 18.40
N GLY A 673 -34.90 1.63 17.17
CA GLY A 673 -34.17 2.86 16.87
C GLY A 673 -33.90 2.93 15.40
N TYR A 674 -32.93 3.77 15.00
CA TYR A 674 -32.62 4.08 13.59
C TYR A 674 -32.46 2.76 12.82
N ILE A 675 -31.77 1.81 13.44
CA ILE A 675 -31.36 0.52 12.81
C ILE A 675 -32.64 -0.20 12.38
N SER A 676 -33.65 -0.19 13.26
CA SER A 676 -34.97 -0.89 13.10
C SER A 676 -35.69 -0.43 11.83
N LEU A 677 -35.45 0.80 11.40
CA LEU A 677 -36.16 1.48 10.28
C LEU A 677 -35.35 1.38 8.99
N PHE A 678 -34.17 0.73 8.99
CA PHE A 678 -33.19 0.94 7.88
C PHE A 678 -33.81 0.63 6.52
N PRO A 679 -34.55 -0.50 6.30
CA PRO A 679 -35.10 -0.78 4.97
C PRO A 679 -36.02 0.32 4.42
N PHE A 680 -36.75 0.97 5.32
CA PHE A 680 -37.60 2.16 5.05
C PHE A 680 -36.74 3.40 4.77
N LEU A 681 -35.70 3.65 5.57
CA LEU A 681 -34.85 4.86 5.42
C LEU A 681 -34.14 4.82 4.06
N THR A 682 -33.79 3.62 3.57
CA THR A 682 -32.99 3.41 2.33
C THR A 682 -33.90 3.22 1.10
N GLY A 683 -35.22 3.31 1.27
CA GLY A 683 -36.23 3.29 0.19
C GLY A 683 -36.44 1.91 -0.46
N LEU A 684 -36.36 0.81 0.29
CA LEU A 684 -36.47 -0.58 -0.25
C LEU A 684 -37.91 -1.14 -0.14
N LEU A 685 -38.79 -0.48 0.63
CA LEU A 685 -40.15 -0.99 0.95
C LEU A 685 -41.15 -0.45 -0.08
N LYS A 686 -42.01 -1.32 -0.60
CA LYS A 686 -43.17 -0.94 -1.45
C LYS A 686 -44.11 -0.07 -0.61
N PRO A 687 -44.68 1.02 -1.20
CA PRO A 687 -45.59 1.90 -0.47
C PRO A 687 -46.88 1.29 0.13
N ASP A 688 -47.13 0.01 -0.12
CA ASP A 688 -48.37 -0.71 0.32
C ASP A 688 -47.98 -1.78 1.34
N SER A 689 -46.70 -1.88 1.73
CA SER A 689 -46.18 -2.98 2.57
C SER A 689 -46.83 -2.91 3.96
N PRO A 690 -47.42 -4.01 4.46
CA PRO A 690 -47.84 -4.09 5.86
C PRO A 690 -46.73 -3.80 6.88
N LYS A 691 -45.46 -4.06 6.50
CA LYS A 691 -44.30 -3.87 7.41
C LYS A 691 -44.05 -2.37 7.56
N LEU A 692 -44.12 -1.64 6.44
CA LEU A 692 -44.09 -0.15 6.41
C LEU A 692 -45.05 0.42 7.47
N GLY A 693 -46.33 0.06 7.39
CA GLY A 693 -47.36 0.48 8.35
C GLY A 693 -46.92 0.24 9.78
N LYS A 694 -46.29 -0.90 10.08
CA LYS A 694 -45.85 -1.17 11.48
C LYS A 694 -44.68 -0.25 11.83
N LEU A 695 -43.85 0.12 10.83
CA LEU A 695 -42.67 1.01 11.00
C LEU A 695 -43.16 2.45 11.20
N LEU A 696 -44.23 2.84 10.51
CA LEU A 696 -44.86 4.18 10.64
C LEU A 696 -45.40 4.34 12.07
N ALA A 697 -46.02 3.30 12.59
CA ALA A 697 -46.51 3.26 13.99
C ALA A 697 -45.32 3.43 14.94
N LEU A 698 -44.20 2.76 14.70
CA LEU A 698 -42.99 2.88 15.56
C LEU A 698 -42.42 4.31 15.47
N ILE A 699 -42.28 4.84 14.26
CA ILE A 699 -41.72 6.19 14.01
C ILE A 699 -42.56 7.24 14.76
N GLY A 700 -43.89 7.11 14.74
CA GLY A 700 -44.85 8.10 15.28
C GLY A 700 -45.05 8.00 16.79
N ASP A 701 -44.59 6.91 17.45
CA ASP A 701 -44.87 6.57 18.87
C ASP A 701 -43.93 7.34 19.80
N GLU A 702 -44.50 8.27 20.56
CA GLU A 702 -43.79 9.20 21.47
C GLU A 702 -43.06 8.40 22.55
N SER A 703 -43.59 7.25 22.95
CA SER A 703 -43.03 6.42 24.05
C SER A 703 -41.79 5.66 23.54
N GLU A 704 -41.57 5.62 22.21
CA GLU A 704 -40.40 4.95 21.54
C GLU A 704 -39.43 6.00 20.96
N LEU A 705 -39.61 6.41 19.71
CA LEU A 705 -38.65 7.21 18.89
C LEU A 705 -39.04 8.68 18.78
N TRP A 706 -40.32 9.02 18.87
CA TRP A 706 -40.81 10.36 18.45
C TRP A 706 -40.69 11.34 19.62
N SER A 707 -39.73 12.27 19.55
CA SER A 707 -39.58 13.35 20.55
C SER A 707 -40.11 14.62 19.90
N PRO A 708 -40.37 15.67 20.68
CA PRO A 708 -40.80 16.93 20.10
C PRO A 708 -39.74 17.53 19.17
N TYR A 709 -38.49 17.03 19.22
CA TYR A 709 -37.30 17.67 18.58
C TYR A 709 -36.81 16.83 17.40
N GLY A 710 -37.44 15.69 17.16
CA GLY A 710 -37.10 14.75 16.07
C GLY A 710 -37.11 13.31 16.55
N LEU A 711 -36.74 12.38 15.67
CA LEU A 711 -36.60 10.94 16.03
C LEU A 711 -35.35 10.72 16.87
N ARG A 712 -35.51 10.06 18.02
CA ARG A 712 -34.43 9.54 18.88
C ARG A 712 -33.67 8.43 18.14
N SER A 713 -32.34 8.40 18.30
CA SER A 713 -31.46 7.36 17.71
C SER A 713 -31.83 5.99 18.31
N LEU A 714 -32.25 5.96 19.58
CA LEU A 714 -32.67 4.73 20.31
C LEU A 714 -33.97 5.01 21.09
N SER A 715 -34.87 4.02 21.17
CA SER A 715 -36.15 4.08 21.92
C SER A 715 -35.91 4.28 23.42
N LYS A 716 -36.71 5.14 24.06
CA LYS A 716 -36.79 5.28 25.54
C LYS A 716 -37.06 3.90 26.18
N LYS A 717 -37.67 2.96 25.47
CA LYS A 717 -38.02 1.62 26.01
C LYS A 717 -36.81 0.67 25.97
N ASP A 718 -35.80 0.91 25.13
CA ASP A 718 -34.63 0.01 25.06
C ASP A 718 -33.85 0.05 26.38
N GLU A 719 -33.39 -1.11 26.84
CA GLU A 719 -32.53 -1.24 28.05
C GLU A 719 -31.26 -0.38 27.92
N PHE A 720 -30.82 -0.03 26.70
CA PHE A 720 -29.52 0.67 26.47
C PHE A 720 -29.73 2.18 26.26
N TYR A 721 -30.95 2.69 26.42
CA TYR A 721 -31.27 4.15 26.36
C TYR A 721 -30.42 4.96 27.34
N GLY A 722 -29.67 5.93 26.82
CA GLY A 722 -28.92 6.88 27.66
C GLY A 722 -27.82 6.21 28.47
N THR A 723 -27.28 5.09 28.00
CA THR A 723 -26.21 4.35 28.71
C THR A 723 -24.85 4.62 28.06
N ALA A 724 -23.78 4.46 28.84
CA ALA A 724 -22.38 4.55 28.37
C ALA A 724 -22.17 5.94 27.79
N GLU A 725 -21.62 6.04 26.59
CA GLU A 725 -21.21 7.33 25.97
C GLU A 725 -22.45 7.99 25.35
N ASN A 726 -23.51 7.23 25.16
CA ASN A 726 -24.85 7.76 24.81
C ASN A 726 -24.70 8.65 23.58
N TYR A 727 -23.97 8.15 22.58
CA TYR A 727 -23.68 8.89 21.33
C TYR A 727 -24.83 8.66 20.36
N TRP A 728 -25.14 7.39 20.10
CA TRP A 728 -26.24 6.99 19.19
C TRP A 728 -27.24 6.15 19.99
N ARG A 729 -27.42 6.44 21.27
CA ARG A 729 -28.31 5.68 22.17
C ARG A 729 -29.40 6.59 22.79
N SER A 730 -29.76 7.69 22.11
CA SER A 730 -30.90 8.58 22.48
C SER A 730 -30.90 9.84 21.63
N PRO A 731 -29.75 10.50 21.38
CA PRO A 731 -29.80 11.80 20.71
C PRO A 731 -30.41 11.74 19.29
N VAL A 732 -30.85 12.92 18.83
CA VAL A 732 -31.48 13.18 17.52
C VAL A 732 -30.37 13.63 16.55
N TRP A 733 -30.24 12.91 15.45
CA TRP A 733 -29.20 13.10 14.42
C TRP A 733 -29.94 13.53 13.15
N ILE A 734 -29.51 14.64 12.56
CA ILE A 734 -30.19 15.27 11.42
C ILE A 734 -30.02 14.41 10.17
N ASN A 735 -28.91 13.67 10.02
CA ASN A 735 -28.67 12.89 8.77
C ASN A 735 -29.73 11.76 8.66
N ILE A 736 -29.99 11.02 9.73
CA ILE A 736 -31.00 9.92 9.74
C ILE A 736 -32.43 10.48 9.73
N ASN A 737 -32.67 11.60 10.44
CA ASN A 737 -33.96 12.33 10.37
C ASN A 737 -34.22 12.81 8.93
N TYR A 738 -33.21 13.28 8.20
CA TYR A 738 -33.34 13.71 6.78
C TYR A 738 -33.79 12.51 5.94
N LEU A 739 -33.18 11.33 6.10
CA LEU A 739 -33.62 10.11 5.37
C LEU A 739 -35.08 9.82 5.70
N ALA A 740 -35.47 9.84 6.98
CA ALA A 740 -36.87 9.60 7.40
C ALA A 740 -37.79 10.63 6.73
N ILE A 741 -37.40 11.89 6.71
CA ILE A 741 -38.28 12.98 6.20
C ILE A 741 -38.51 12.74 4.70
N VAL A 742 -37.48 12.33 3.96
CA VAL A 742 -37.53 12.14 2.49
C VAL A 742 -38.42 10.93 2.16
N GLN A 743 -38.32 9.87 2.96
CA GLN A 743 -39.12 8.64 2.70
C GLN A 743 -40.58 8.89 3.08
N LEU A 744 -40.88 9.61 4.15
CA LEU A 744 -42.26 9.95 4.54
C LEU A 744 -42.90 10.77 3.40
N TYR A 745 -42.18 11.74 2.85
CA TYR A 745 -42.65 12.60 1.74
C TYR A 745 -42.95 11.77 0.49
N ASN A 746 -42.14 10.74 0.23
CA ASN A 746 -42.30 9.85 -0.95
C ASN A 746 -43.67 9.17 -0.85
N ILE A 747 -44.00 8.64 0.34
CA ILE A 747 -45.26 7.93 0.62
C ILE A 747 -46.43 8.92 0.65
N ALA A 748 -46.21 10.16 1.09
CA ALA A 748 -47.27 11.18 1.24
C ALA A 748 -47.75 11.70 -0.13
N THR A 749 -46.94 11.56 -1.18
CA THR A 749 -47.22 12.09 -2.54
C THR A 749 -47.44 10.91 -3.50
N GLN A 750 -48.05 9.82 -3.01
CA GLN A 750 -48.41 8.61 -3.79
C GLN A 750 -49.72 8.02 -3.26
N ASP A 751 -50.55 7.48 -4.15
CA ASP A 751 -51.74 6.65 -3.80
C ASP A 751 -51.25 5.50 -2.92
N GLY A 752 -51.98 5.21 -1.84
CA GLY A 752 -51.74 4.00 -1.03
C GLY A 752 -52.39 4.08 0.34
N PRO A 753 -52.36 2.97 1.11
CA PRO A 753 -53.00 2.94 2.43
C PRO A 753 -52.41 3.89 3.50
N TYR A 754 -51.18 4.39 3.29
CA TYR A 754 -50.42 5.12 4.33
C TYR A 754 -50.21 6.58 3.92
N LYS A 755 -50.72 6.98 2.75
CA LYS A 755 -50.59 8.37 2.22
C LYS A 755 -50.79 9.42 3.33
N GLU A 756 -51.88 9.32 4.11
CA GLU A 756 -52.31 10.38 5.06
C GLU A 756 -51.48 10.29 6.36
N THR A 757 -51.24 9.10 6.91
CA THR A 757 -50.32 8.87 8.06
C THR A 757 -48.96 9.51 7.72
N ALA A 758 -48.42 9.21 6.55
CA ALA A 758 -47.10 9.70 6.09
C ALA A 758 -47.12 11.22 5.94
N ARG A 759 -48.21 11.79 5.41
CA ARG A 759 -48.35 13.26 5.23
C ARG A 759 -48.27 13.94 6.60
N ASP A 760 -48.95 13.37 7.60
CA ASP A 760 -49.01 14.00 8.95
C ASP A 760 -47.60 13.93 9.58
N LEU A 761 -46.94 12.77 9.52
CA LEU A 761 -45.60 12.57 10.11
C LEU A 761 -44.58 13.44 9.34
N TYR A 762 -44.69 13.53 8.01
CA TYR A 762 -43.79 14.36 7.18
C TYR A 762 -43.86 15.81 7.68
N THR A 763 -45.08 16.33 7.79
CA THR A 763 -45.38 17.75 8.12
C THR A 763 -44.76 18.07 9.48
N ARG A 764 -44.97 17.19 10.44
CA ARG A 764 -44.56 17.38 11.86
C ARG A 764 -43.03 17.18 11.98
N LEU A 765 -42.47 16.14 11.38
CA LEU A 765 -41.04 15.83 11.56
C LEU A 765 -40.22 16.95 10.92
N ARG A 766 -40.59 17.39 9.72
CA ARG A 766 -39.94 18.53 9.02
C ARG A 766 -39.91 19.74 9.95
N LYS A 767 -41.06 20.05 10.54
CA LYS A 767 -41.21 21.24 11.42
C LYS A 767 -40.34 21.04 12.66
N ASN A 768 -40.41 19.87 13.29
CA ASN A 768 -39.72 19.58 14.59
C ASN A 768 -38.21 19.71 14.38
N ILE A 769 -37.67 19.09 13.31
CA ILE A 769 -36.22 19.09 12.96
C ILE A 769 -35.79 20.51 12.62
N VAL A 770 -36.44 21.15 11.66
CA VAL A 770 -36.03 22.52 11.25
C VAL A 770 -36.03 23.44 12.50
N GLU A 771 -37.07 23.41 13.32
CA GLU A 771 -37.22 24.39 14.43
C GLU A 771 -36.18 24.11 15.53
N THR A 772 -35.84 22.85 15.80
CA THR A 772 -34.80 22.52 16.81
C THR A 772 -33.44 23.09 16.35
N VAL A 773 -33.11 22.93 15.07
CA VAL A 773 -31.79 23.36 14.55
C VAL A 773 -31.76 24.87 14.53
N TYR A 774 -32.85 25.49 14.04
CA TYR A 774 -33.02 26.96 14.04
C TYR A 774 -32.95 27.55 15.46
N ARG A 775 -33.78 27.11 16.40
CA ARG A 775 -33.77 27.69 17.79
C ARG A 775 -32.33 27.67 18.33
N ASN A 776 -31.60 26.56 18.13
CA ASN A 776 -30.23 26.40 18.67
C ASN A 776 -29.28 27.37 17.97
N TRP A 777 -29.44 27.52 16.66
CA TRP A 777 -28.64 28.48 15.87
C TRP A 777 -28.90 29.90 16.38
N GLU A 778 -30.16 30.25 16.61
CA GLU A 778 -30.56 31.61 17.07
C GLU A 778 -29.87 31.88 18.42
N GLU A 779 -29.89 30.92 19.34
CA GLU A 779 -29.39 31.13 20.72
C GLU A 779 -27.84 31.06 20.75
N THR A 780 -27.20 30.16 19.98
CA THR A 780 -25.75 29.80 20.15
C THR A 780 -24.90 30.29 18.96
N GLY A 781 -25.51 30.56 17.80
CA GLY A 781 -24.79 30.82 16.54
C GLY A 781 -24.31 29.55 15.86
N PHE A 782 -24.54 28.37 16.43
CA PHE A 782 -23.93 27.11 15.94
C PHE A 782 -24.96 26.12 15.40
N ALA A 783 -24.50 25.39 14.39
CA ALA A 783 -24.95 24.03 14.02
C ALA A 783 -24.32 23.06 14.99
N TRP A 784 -25.10 22.17 15.58
CA TRP A 784 -24.55 21.11 16.46
C TRP A 784 -24.61 19.72 15.75
N GLU A 785 -23.80 18.80 16.27
CA GLU A 785 -23.60 17.41 15.82
C GLU A 785 -24.88 16.61 16.08
N GLN A 786 -25.49 16.81 17.23
CA GLN A 786 -26.75 16.11 17.59
C GLN A 786 -27.57 16.99 18.55
N TYR A 787 -28.80 16.59 18.82
CA TYR A 787 -29.76 17.35 19.66
C TYR A 787 -30.37 16.45 20.72
N ASN A 788 -30.46 17.03 21.92
CA ASN A 788 -30.97 16.35 23.14
C ASN A 788 -32.47 16.20 22.96
N PRO A 789 -33.03 14.97 23.06
CA PRO A 789 -34.46 14.77 22.84
C PRO A 789 -35.37 15.10 24.04
N GLU A 790 -34.81 15.32 25.23
CA GLU A 790 -35.52 15.80 26.45
C GLU A 790 -35.64 17.35 26.41
N THR A 791 -34.57 18.06 26.05
CA THR A 791 -34.44 19.53 26.20
C THR A 791 -34.42 20.22 24.84
N GLY A 792 -34.07 19.52 23.75
CA GLY A 792 -33.91 20.12 22.42
C GLY A 792 -32.58 20.84 22.26
N LYS A 793 -31.70 20.76 23.26
CA LYS A 793 -30.40 21.50 23.23
C LYS A 793 -29.42 20.78 22.29
N GLY A 794 -28.72 21.57 21.48
CA GLY A 794 -27.53 21.11 20.74
C GLY A 794 -26.46 20.63 21.70
N GLN A 795 -25.82 19.50 21.40
CA GLN A 795 -24.76 18.95 22.28
C GLN A 795 -23.71 18.28 21.40
N ARG A 796 -22.62 17.86 22.04
CA ARG A 796 -21.37 17.44 21.41
C ARG A 796 -20.80 18.62 20.63
N THR A 797 -20.36 18.36 19.41
CA THR A 797 -19.46 19.24 18.62
C THR A 797 -20.24 20.39 17.98
N GLN A 798 -19.69 21.59 18.10
CA GLN A 798 -20.18 22.81 17.41
C GLN A 798 -19.59 22.87 15.99
N HIS A 799 -20.12 23.78 15.17
CA HIS A 799 -19.64 24.02 13.78
C HIS A 799 -19.76 22.73 12.97
N PHE A 800 -20.77 21.92 13.25
CA PHE A 800 -21.03 20.68 12.50
C PHE A 800 -21.81 20.99 11.20
N THR A 801 -21.10 21.49 10.20
CA THR A 801 -21.63 21.77 8.83
C THR A 801 -20.72 21.12 7.78
N GLY A 802 -20.75 19.79 7.67
CA GLY A 802 -21.49 18.90 8.54
C GLY A 802 -22.89 18.65 8.03
N TRP A 803 -23.44 17.46 8.27
CA TRP A 803 -24.75 17.03 7.71
C TRP A 803 -25.91 17.75 8.39
N THR A 804 -25.69 18.47 9.50
CA THR A 804 -26.77 19.26 10.15
C THR A 804 -27.32 20.28 9.14
N SER A 805 -26.50 20.72 8.17
CA SER A 805 -26.85 21.66 7.10
C SER A 805 -27.89 21.09 6.12
N LEU A 806 -28.28 19.81 6.24
CA LEU A 806 -29.35 19.23 5.36
C LEU A 806 -30.64 19.99 5.59
N VAL A 807 -30.76 20.56 6.78
CA VAL A 807 -31.89 21.44 7.20
C VAL A 807 -32.28 22.37 6.05
N VAL A 808 -31.31 22.86 5.25
CA VAL A 808 -31.65 23.80 4.16
C VAL A 808 -32.41 23.05 3.06
N LYS A 809 -32.12 21.76 2.83
CA LYS A 809 -32.90 20.93 1.87
C LYS A 809 -34.28 20.59 2.45
N ILE A 810 -34.37 20.31 3.74
CA ILE A 810 -35.67 19.99 4.41
C ILE A 810 -36.61 21.19 4.26
N MET A 811 -36.12 22.42 4.46
CA MET A 811 -36.95 23.64 4.39
C MET A 811 -37.45 23.86 2.96
N SER A 812 -36.60 23.64 1.94
CA SER A 812 -36.90 23.96 0.53
C SER A 812 -37.83 22.89 -0.08
N GLY A 813 -37.84 21.69 0.49
CA GLY A 813 -38.78 20.59 0.21
C GLY A 813 -38.78 20.14 -1.25
N HIS A 814 -39.93 19.66 -1.74
CA HIS A 814 -40.19 19.26 -3.16
C HIS A 814 -39.17 18.18 -3.59
N HIS A 815 -39.17 17.01 -2.93
CA HIS A 815 -38.18 15.92 -3.14
C HIS A 815 -38.51 15.08 -4.40
N GLU B 35 22.96 -38.45 14.54
CA GLU B 35 22.82 -39.50 15.64
C GLU B 35 24.10 -40.36 15.72
N SER B 36 24.76 -40.68 14.59
CA SER B 36 26.17 -41.14 14.60
C SER B 36 27.08 -39.95 14.92
N ILE B 37 28.10 -40.16 15.73
CA ILE B 37 29.08 -39.11 16.10
C ILE B 37 29.58 -38.43 14.83
N LEU B 38 29.92 -39.19 13.81
CA LEU B 38 30.52 -38.64 12.58
C LEU B 38 29.48 -37.76 11.87
N HIS B 39 28.25 -38.24 11.70
CA HIS B 39 27.16 -37.48 11.05
C HIS B 39 26.97 -36.14 11.78
N SER B 40 26.80 -36.17 13.10
CA SER B 40 26.62 -34.93 13.90
C SER B 40 27.79 -33.99 13.63
N GLU B 41 29.03 -34.49 13.66
CA GLU B 41 30.24 -33.61 13.59
C GLU B 41 30.29 -32.93 12.22
N ILE B 42 30.04 -33.67 11.14
CA ILE B 42 29.97 -33.08 9.77
C ILE B 42 28.85 -32.00 9.77
N GLY B 43 27.71 -32.30 10.36
CA GLY B 43 26.61 -31.33 10.51
C GLY B 43 27.08 -30.03 11.14
N ARG B 44 27.72 -30.11 12.32
CA ARG B 44 28.27 -28.94 13.08
C ARG B 44 29.23 -28.15 12.19
N LEU B 45 30.08 -28.85 11.43
CA LEU B 45 31.14 -28.19 10.63
C LEU B 45 30.51 -27.47 9.43
N ASN B 46 29.49 -28.05 8.81
CA ASN B 46 28.74 -27.40 7.70
C ASN B 46 28.01 -26.16 8.24
N ASN B 47 27.41 -26.33 9.41
CA ASN B 47 26.62 -25.30 10.15
C ASN B 47 27.56 -24.13 10.41
N GLN B 48 28.72 -24.36 11.05
CA GLN B 48 29.70 -23.28 11.35
C GLN B 48 30.23 -22.66 10.05
N SER B 49 30.52 -23.47 9.04
CA SER B 49 31.05 -23.00 7.72
C SER B 49 30.04 -22.09 7.00
N LEU B 50 28.73 -22.38 7.08
CA LEU B 50 27.69 -21.72 6.23
C LEU B 50 26.90 -20.63 7.00
N LEU B 51 27.13 -20.47 8.31
CA LEU B 51 26.34 -19.60 9.20
C LEU B 51 26.19 -18.21 8.59
N TRP B 52 27.30 -17.57 8.24
CA TRP B 52 27.27 -16.16 7.78
C TRP B 52 27.16 -16.12 6.26
N GLY B 53 26.42 -15.18 5.74
CA GLY B 53 26.51 -14.83 4.32
C GLY B 53 25.73 -13.57 3.99
N PRO B 54 25.71 -13.19 2.70
CA PRO B 54 24.85 -12.14 2.23
C PRO B 54 23.45 -12.76 1.97
N TYR B 55 22.84 -13.31 3.00
CA TYR B 55 21.69 -14.24 2.86
C TYR B 55 20.36 -13.44 2.80
N ARG B 56 20.42 -12.25 2.19
CA ARG B 56 19.27 -11.32 2.01
C ARG B 56 19.18 -10.93 0.54
N PRO B 57 18.84 -11.88 -0.35
CA PRO B 57 18.87 -11.60 -1.79
C PRO B 57 17.84 -10.58 -2.25
N ASN B 58 16.84 -10.28 -1.42
CA ASN B 58 15.74 -9.34 -1.76
C ASN B 58 16.26 -7.89 -1.79
N ILE B 59 17.38 -7.59 -1.13
CA ILE B 59 18.05 -6.25 -1.19
C ILE B 59 19.37 -6.34 -1.97
N TYR B 60 19.87 -5.20 -2.44
CA TYR B 60 21.16 -5.06 -3.20
C TYR B 60 22.31 -5.59 -2.34
N PHE B 61 22.40 -5.22 -1.07
CA PHE B 61 23.49 -5.73 -0.21
C PHE B 61 23.14 -5.65 1.25
N GLY B 62 23.30 -6.78 1.93
CA GLY B 62 23.11 -6.95 3.37
C GLY B 62 23.50 -8.35 3.79
N THR B 63 23.65 -8.57 5.09
CA THR B 63 24.13 -9.85 5.62
C THR B 63 23.18 -10.27 6.72
N ARG B 64 23.11 -11.58 6.96
CA ARG B 64 22.55 -12.16 8.19
C ARG B 64 23.09 -13.57 8.36
N PRO B 65 23.14 -14.07 9.59
CA PRO B 65 23.42 -15.46 9.84
C PRO B 65 22.18 -16.33 9.68
N ARG B 66 22.35 -17.65 9.56
CA ARG B 66 21.25 -18.64 9.48
C ARG B 66 20.68 -18.81 10.89
N ILE B 67 20.16 -17.73 11.47
CA ILE B 67 19.51 -17.70 12.81
C ILE B 67 18.30 -16.76 12.72
N GLY B 68 17.12 -17.23 13.11
CA GLY B 68 15.86 -16.46 12.95
C GLY B 68 15.98 -15.05 13.54
N LYS B 69 16.42 -14.97 14.79
CA LYS B 69 16.44 -13.70 15.57
C LYS B 69 17.87 -13.38 15.92
N SER B 70 18.49 -12.48 15.17
CA SER B 70 19.92 -12.17 15.33
C SER B 70 20.22 -10.85 14.61
N LEU B 71 21.50 -10.67 14.28
CA LEU B 71 22.08 -9.42 13.73
C LEU B 71 21.92 -9.40 12.22
N MET B 72 21.27 -8.38 11.65
CA MET B 72 21.11 -8.20 10.18
C MET B 72 21.75 -6.88 9.76
N THR B 73 22.24 -6.80 8.53
CA THR B 73 22.79 -5.55 7.97
C THR B 73 22.15 -5.30 6.61
N GLY B 74 22.15 -4.03 6.18
CA GLY B 74 21.68 -3.60 4.85
C GLY B 74 22.30 -2.28 4.44
N LEU B 75 22.54 -2.14 3.14
CA LEU B 75 23.17 -0.97 2.50
C LEU B 75 22.12 -0.14 1.74
N MET B 76 22.13 1.17 1.94
CA MET B 76 21.29 2.11 1.17
C MET B 76 22.20 3.22 0.64
N TRP B 77 21.88 3.74 -0.54
CA TRP B 77 22.61 4.88 -1.14
C TRP B 77 21.64 5.66 -2.03
N GLY B 78 21.93 6.93 -2.25
CA GLY B 78 21.27 7.71 -3.31
C GLY B 78 21.89 9.08 -3.42
N LYS B 79 21.82 9.67 -4.61
CA LYS B 79 22.27 11.07 -4.83
C LYS B 79 21.29 12.01 -4.13
N ILE B 80 21.77 13.20 -3.75
CA ILE B 80 20.90 14.27 -3.21
C ILE B 80 21.28 15.62 -3.85
N GLU B 81 20.30 16.25 -4.52
CA GLU B 81 20.44 17.55 -5.24
C GLU B 81 19.42 18.59 -4.74
N SER B 82 18.37 18.16 -4.02
CA SER B 82 17.19 18.99 -3.66
C SER B 82 16.68 18.57 -2.29
N TYR B 83 15.66 19.27 -1.76
CA TYR B 83 15.09 18.99 -0.42
C TYR B 83 14.10 17.83 -0.48
N THR B 84 13.79 17.35 -1.69
CA THR B 84 12.69 16.37 -1.92
C THR B 84 13.06 15.19 -2.83
N ASP B 85 14.29 15.07 -3.36
CA ASP B 85 14.62 13.99 -4.35
C ASP B 85 15.13 12.70 -3.65
N PHE B 86 15.77 12.79 -2.48
CA PHE B 86 16.38 11.61 -1.83
C PHE B 86 15.35 10.48 -1.75
N GLN B 87 14.09 10.78 -1.44
CA GLN B 87 13.00 9.78 -1.27
C GLN B 87 12.85 8.99 -2.58
N HIS B 88 13.15 9.59 -3.74
CA HIS B 88 12.99 8.96 -5.07
C HIS B 88 14.27 8.24 -5.51
N THR B 89 15.45 8.64 -5.02
CA THR B 89 16.77 8.19 -5.53
C THR B 89 17.30 7.00 -4.72
N VAL B 90 16.94 6.92 -3.44
CA VAL B 90 17.52 5.94 -2.48
C VAL B 90 17.27 4.49 -2.98
N ARG B 91 18.30 3.65 -2.84
CA ARG B 91 18.25 2.21 -3.18
C ARG B 91 18.29 1.40 -1.89
N TYR B 92 17.47 0.35 -1.85
CA TYR B 92 17.46 -0.67 -0.79
C TYR B 92 17.04 -2.03 -1.37
N THR B 93 15.75 -2.22 -1.70
CA THR B 93 15.20 -3.49 -2.20
C THR B 93 15.51 -3.61 -3.70
N CYS B 94 15.89 -4.79 -4.15
CA CYS B 94 16.21 -5.06 -5.57
C CYS B 94 14.98 -4.71 -6.44
N GLU B 95 15.20 -3.96 -7.53
CA GLU B 95 14.19 -3.66 -8.58
C GLU B 95 14.83 -3.92 -9.95
N GLN B 96 14.06 -3.85 -11.03
CA GLN B 96 14.62 -3.75 -12.41
C GLN B 96 13.70 -2.85 -13.21
N ASN B 97 14.26 -1.74 -13.70
CA ASN B 97 13.56 -0.64 -14.42
C ASN B 97 14.64 0.10 -15.24
N GLU B 98 14.24 1.04 -16.11
CA GLU B 98 15.09 1.95 -16.91
C GLU B 98 16.24 2.51 -16.03
N GLY B 99 15.97 2.85 -14.77
CA GLY B 99 16.92 3.53 -13.86
C GLY B 99 18.08 2.67 -13.44
N MET B 100 17.98 1.35 -13.62
CA MET B 100 19.08 0.43 -13.24
C MET B 100 19.53 -0.33 -14.50
N LYS B 101 20.82 -0.26 -14.82
CA LYS B 101 21.42 -0.95 -15.99
C LYS B 101 21.47 -2.45 -15.70
N GLY B 102 22.02 -2.82 -14.55
CA GLY B 102 22.07 -4.22 -14.06
C GLY B 102 22.81 -4.34 -12.75
N TYR B 103 22.89 -5.55 -12.22
CA TYR B 103 23.59 -5.91 -10.97
C TYR B 103 23.62 -7.43 -10.87
N GLY B 104 24.57 -7.94 -10.11
CA GLY B 104 24.71 -9.38 -9.85
C GLY B 104 26.09 -9.71 -9.36
N TRP B 105 26.30 -10.99 -9.03
CA TRP B 105 27.58 -11.51 -8.52
C TRP B 105 28.46 -11.93 -9.71
N ASP B 106 29.66 -11.37 -9.79
CA ASP B 106 30.66 -11.65 -10.86
C ASP B 106 31.23 -13.03 -10.58
N GLU B 107 31.32 -13.31 -9.27
CA GLU B 107 31.91 -14.49 -8.65
C GLU B 107 31.31 -14.61 -7.25
N TYR B 108 31.03 -15.83 -6.78
CA TYR B 108 30.54 -16.05 -5.41
C TYR B 108 30.58 -17.53 -5.06
N ASP B 109 30.84 -17.78 -3.78
CA ASP B 109 30.81 -19.09 -3.12
C ASP B 109 30.33 -18.87 -1.69
N PRO B 110 29.21 -19.48 -1.26
CA PRO B 110 28.68 -19.22 0.08
C PRO B 110 29.67 -19.49 1.23
N ARG B 111 30.67 -20.35 1.03
CA ARG B 111 31.67 -20.68 2.11
C ARG B 111 32.75 -19.59 2.20
N ARG B 112 33.02 -18.88 1.11
CA ARG B 112 34.22 -18.03 0.99
C ARG B 112 33.81 -16.57 0.81
N GLY B 113 32.79 -16.33 -0.03
CA GLY B 113 32.28 -14.99 -0.33
C GLY B 113 32.40 -14.69 -1.82
N GLY B 114 32.47 -13.41 -2.16
CA GLY B 114 32.38 -13.01 -3.57
C GLY B 114 32.34 -11.51 -3.71
N ILE B 115 31.98 -11.10 -4.92
CA ILE B 115 32.04 -9.69 -5.41
C ILE B 115 30.79 -9.47 -6.24
N GLN B 116 30.04 -8.43 -5.90
CA GLN B 116 28.84 -8.00 -6.64
C GLN B 116 29.15 -6.64 -7.25
N SER B 117 28.66 -6.42 -8.46
CA SER B 117 28.72 -5.17 -9.24
C SER B 117 27.29 -4.64 -9.43
N ILE B 118 27.07 -3.35 -9.18
CA ILE B 118 25.74 -2.69 -9.33
C ILE B 118 25.94 -1.49 -10.27
N HIS B 119 25.20 -1.43 -11.37
CA HIS B 119 25.28 -0.33 -12.37
C HIS B 119 23.99 0.47 -12.28
N ASP B 120 24.04 1.54 -11.48
CA ASP B 120 22.93 2.45 -11.15
C ASP B 120 22.98 3.64 -12.12
N ILE B 121 22.06 3.74 -13.07
CA ILE B 121 22.01 4.87 -14.04
C ILE B 121 21.45 6.11 -13.31
N GLN B 122 20.32 5.97 -12.59
CA GLN B 122 19.65 7.10 -11.91
C GLN B 122 20.65 7.80 -10.97
N ASN B 123 21.46 7.07 -10.21
CA ASN B 123 22.38 7.66 -9.21
C ASN B 123 23.78 7.87 -9.80
N GLY B 124 23.96 7.51 -11.09
CA GLY B 124 25.19 7.73 -11.86
C GLY B 124 26.41 7.10 -11.22
N LEU B 125 26.23 5.92 -10.62
CA LEU B 125 27.24 5.21 -9.78
C LEU B 125 27.41 3.76 -10.25
N ASP B 126 28.65 3.32 -10.42
CA ASP B 126 29.03 1.89 -10.54
C ASP B 126 29.54 1.46 -9.17
N ILE B 127 28.87 0.50 -8.54
CA ILE B 127 29.15 0.12 -7.13
C ILE B 127 29.67 -1.32 -7.11
N THR B 128 30.62 -1.56 -6.24
CA THR B 128 31.21 -2.89 -6.01
C THR B 128 31.01 -3.24 -4.53
N THR B 129 30.41 -4.39 -4.25
CA THR B 129 30.27 -4.93 -2.87
C THR B 129 31.02 -6.25 -2.84
N SER B 130 32.14 -6.26 -2.15
CA SER B 130 32.99 -7.46 -2.01
C SER B 130 32.84 -7.97 -0.57
N PHE B 131 32.58 -9.25 -0.40
CA PHE B 131 32.25 -9.88 0.90
C PHE B 131 33.16 -11.09 1.07
N VAL B 132 33.81 -11.23 2.23
CA VAL B 132 34.69 -12.39 2.50
C VAL B 132 34.41 -12.92 3.89
N LYS B 133 34.45 -14.24 4.04
CA LYS B 133 34.34 -14.96 5.32
C LYS B 133 35.74 -15.41 5.77
N ILE B 134 35.94 -15.38 7.08
CA ILE B 134 37.24 -15.60 7.75
C ILE B 134 36.93 -16.53 8.90
N PRO B 135 37.23 -17.83 8.75
CA PRO B 135 36.89 -18.82 9.77
C PRO B 135 37.72 -18.57 11.03
N GLY B 136 37.17 -18.98 12.17
CA GLY B 136 37.71 -18.71 13.51
C GLY B 136 36.63 -18.76 14.58
N GLY B 137 36.90 -19.47 15.68
CA GLY B 137 36.09 -19.46 16.91
C GLY B 137 34.96 -20.45 16.86
N ALA B 138 33.97 -20.27 17.74
CA ALA B 138 32.86 -21.21 17.98
C ALA B 138 31.53 -20.72 17.38
N HIS B 139 31.51 -19.59 16.69
CA HIS B 139 30.24 -18.84 16.41
C HIS B 139 30.11 -18.49 14.93
N GLY B 140 30.71 -19.28 14.02
CA GLY B 140 30.58 -19.13 12.56
C GLY B 140 31.60 -18.19 11.97
N GLY B 141 32.57 -17.78 12.77
CA GLY B 141 33.72 -16.96 12.33
C GLY B 141 33.34 -15.51 12.08
N SER B 142 34.10 -14.87 11.20
CA SER B 142 34.17 -13.41 11.01
C SER B 142 33.92 -13.12 9.53
N TRP B 143 33.71 -11.86 9.19
CA TRP B 143 33.48 -11.48 7.77
C TRP B 143 33.88 -10.02 7.61
N ALA B 144 34.02 -9.57 6.37
CA ALA B 144 34.30 -8.17 6.03
C ALA B 144 33.66 -7.90 4.70
N ALA B 145 33.39 -6.64 4.41
CA ALA B 145 32.89 -6.18 3.11
C ALA B 145 33.53 -4.84 2.77
N ARG B 146 33.82 -4.63 1.50
CA ARG B 146 34.27 -3.33 0.98
C ARG B 146 33.16 -2.83 0.08
N ILE B 147 32.75 -1.60 0.29
CA ILE B 147 31.74 -0.90 -0.56
C ILE B 147 32.48 0.22 -1.29
N LYS B 148 32.47 0.16 -2.62
CA LYS B 148 33.19 1.10 -3.50
C LYS B 148 32.22 1.69 -4.52
N GLY B 149 32.11 3.02 -4.54
CA GLY B 149 31.32 3.77 -5.52
C GLY B 149 32.20 4.59 -6.44
N THR B 150 31.92 4.57 -7.72
CA THR B 150 32.68 5.24 -8.79
C THR B 150 31.66 5.89 -9.71
N LEU B 151 31.68 7.22 -9.83
CA LEU B 151 30.74 7.98 -10.67
C LEU B 151 31.02 7.61 -12.12
N ASN B 152 29.99 7.36 -12.92
CA ASN B 152 30.09 7.13 -14.38
C ASN B 152 30.43 8.47 -15.03
N ASP B 153 30.72 8.47 -16.34
CA ASP B 153 31.17 9.69 -17.08
C ASP B 153 30.06 10.74 -17.16
N ASP B 154 28.77 10.33 -17.16
CA ASP B 154 27.59 11.23 -17.33
C ASP B 154 27.24 11.98 -16.04
N ALA B 155 27.75 11.60 -14.87
CA ALA B 155 27.36 12.18 -13.56
C ALA B 155 28.14 13.45 -13.29
N PRO B 156 27.54 14.49 -12.67
CA PRO B 156 28.30 15.65 -12.19
C PRO B 156 29.45 15.19 -11.27
N LYS B 157 30.68 15.61 -11.59
CA LYS B 157 31.92 15.19 -10.88
C LYS B 157 31.76 15.49 -9.38
N ASP B 158 30.95 16.49 -9.01
CA ASP B 158 30.83 16.96 -7.59
C ASP B 158 29.57 16.38 -6.95
N GLN B 159 28.93 15.38 -7.57
CA GLN B 159 27.67 14.77 -7.07
C GLN B 159 27.80 14.41 -5.60
N LYS B 160 26.81 14.76 -4.79
CA LYS B 160 26.74 14.34 -3.36
C LYS B 160 25.93 13.03 -3.28
N THR B 161 26.53 12.00 -2.71
CA THR B 161 25.89 10.68 -2.50
C THR B 161 25.80 10.41 -1.01
N ILE B 162 24.59 10.08 -0.52
CA ILE B 162 24.37 9.57 0.85
C ILE B 162 24.51 8.05 0.79
N VAL B 163 25.17 7.49 1.79
CA VAL B 163 25.32 6.04 1.97
C VAL B 163 24.98 5.70 3.43
N VAL B 164 24.06 4.77 3.63
CA VAL B 164 23.67 4.27 4.96
C VAL B 164 24.04 2.80 5.06
N PHE B 165 24.71 2.46 6.15
CA PHE B 165 24.79 1.09 6.69
C PHE B 165 23.84 1.01 7.89
N TYR B 166 22.78 0.21 7.73
CA TYR B 166 21.72 -0.13 8.71
C TYR B 166 22.05 -1.46 9.40
N VAL B 167 22.09 -1.46 10.72
CA VAL B 167 22.33 -2.68 11.55
C VAL B 167 21.16 -2.81 12.52
N SER B 168 20.58 -4.02 12.64
CA SER B 168 19.51 -4.34 13.59
C SER B 168 19.89 -5.64 14.30
N GLN B 169 19.40 -5.84 15.53
CA GLN B 169 19.54 -7.12 16.28
C GLN B 169 18.23 -7.47 17.02
N GLU B 170 17.68 -8.63 16.67
CA GLU B 170 16.49 -9.22 17.33
C GLU B 170 16.98 -10.35 18.25
N GLY B 171 16.23 -10.65 19.30
CA GLY B 171 16.51 -11.81 20.17
C GLY B 171 16.53 -11.39 21.64
N GLU B 172 16.07 -12.27 22.53
CA GLU B 172 16.18 -12.09 24.00
C GLU B 172 17.68 -12.12 24.36
N ASN B 173 18.07 -11.34 25.38
CA ASN B 173 19.37 -11.47 26.09
C ASN B 173 20.51 -11.17 25.10
N SER B 174 20.45 -10.00 24.47
CA SER B 174 21.43 -9.53 23.45
C SER B 174 21.62 -8.02 23.53
N GLU B 175 22.83 -7.57 23.29
CA GLU B 175 23.25 -6.16 23.50
C GLU B 175 23.87 -5.68 22.20
N LEU B 176 23.70 -4.41 21.90
CA LEU B 176 24.47 -3.78 20.82
C LEU B 176 24.55 -2.27 21.10
N GLU B 177 25.76 -1.72 20.96
CA GLU B 177 26.15 -0.41 21.51
C GLU B 177 27.19 0.20 20.59
N ALA B 178 26.94 1.39 20.05
CA ALA B 178 27.93 2.19 19.30
C ALA B 178 28.81 2.93 20.32
N VAL B 179 30.13 2.79 20.19
CA VAL B 179 31.11 3.50 21.04
C VAL B 179 31.08 4.97 20.63
N PRO B 180 30.88 5.93 21.57
CA PRO B 180 30.92 7.35 21.22
C PRO B 180 32.17 7.77 20.46
N SER B 181 32.04 8.77 19.59
CA SER B 181 33.21 9.49 18.99
C SER B 181 33.87 10.39 20.05
N GLU B 182 35.06 10.90 19.73
CA GLU B 182 35.83 11.87 20.56
C GLU B 182 35.39 13.30 20.22
N ASN B 183 34.68 13.51 19.10
CA ASN B 183 34.42 14.84 18.48
C ASN B 183 32.94 15.23 18.63
N GLU B 184 32.63 16.51 18.41
CA GLU B 184 31.37 17.17 18.87
C GLU B 184 30.17 16.56 18.16
N PHE B 185 30.19 16.57 16.82
CA PHE B 185 28.99 16.39 15.96
C PHE B 185 29.00 15.02 15.27
N GLY B 186 29.98 14.16 15.58
CA GLY B 186 30.10 12.83 14.95
C GLY B 186 31.55 12.38 14.90
N TYR B 187 31.90 11.59 13.87
CA TYR B 187 33.10 10.72 13.83
C TYR B 187 34.01 11.20 12.71
N GLU B 188 35.29 11.43 13.04
CA GLU B 188 36.38 11.68 12.05
C GLU B 188 36.92 10.33 11.58
N GLY B 189 36.83 9.28 12.41
CA GLY B 189 37.44 7.97 12.14
C GLY B 189 36.42 6.86 11.92
N ASP B 190 36.65 5.73 12.59
CA ASP B 190 35.90 4.46 12.44
C ASP B 190 34.73 4.51 13.42
N VAL B 191 33.58 4.00 13.02
CA VAL B 191 32.46 3.70 13.98
C VAL B 191 32.64 2.24 14.42
N ILE B 192 32.64 2.03 15.73
CA ILE B 192 32.72 0.71 16.37
C ILE B 192 31.39 0.42 17.05
N LEU B 193 30.75 -0.69 16.68
CA LEU B 193 29.63 -1.30 17.43
C LEU B 193 30.15 -2.54 18.19
N LYS B 194 29.84 -2.64 19.47
CA LYS B 194 30.16 -3.79 20.34
C LYS B 194 28.85 -4.48 20.73
N GLY B 195 28.78 -5.79 20.51
CA GLY B 195 27.55 -6.58 20.65
C GLY B 195 27.80 -7.94 21.27
N ARG B 196 26.72 -8.54 21.79
CA ARG B 196 26.73 -9.89 22.39
C ARG B 196 25.36 -10.55 22.14
N SER B 197 25.33 -11.87 21.93
CA SER B 197 24.09 -12.69 21.95
C SER B 197 24.47 -14.13 22.31
N GLU B 198 23.49 -14.96 22.67
CA GLU B 198 23.65 -16.42 22.87
C GLU B 198 24.31 -16.99 21.60
N ALA B 199 23.75 -16.65 20.44
CA ALA B 199 24.12 -17.28 19.15
C ALA B 199 25.51 -16.80 18.71
N LEU B 200 25.85 -15.51 18.85
CA LEU B 200 27.12 -14.99 18.27
C LEU B 200 28.23 -14.78 19.30
N GLY B 201 27.96 -14.94 20.60
CA GLY B 201 28.91 -14.55 21.66
C GLY B 201 29.23 -13.07 21.54
N ASN B 202 30.43 -12.64 21.90
CA ASN B 202 30.86 -11.22 21.78
C ASN B 202 31.35 -11.01 20.36
N TYR B 203 31.03 -9.86 19.78
CA TYR B 203 31.55 -9.45 18.46
C TYR B 203 31.76 -7.94 18.49
N LYS B 204 32.43 -7.48 17.44
CA LYS B 204 32.75 -6.07 17.16
C LYS B 204 32.35 -5.88 15.70
N LEU B 205 31.58 -4.86 15.39
CA LEU B 205 31.26 -4.54 13.98
C LEU B 205 31.78 -3.12 13.75
N VAL B 206 32.74 -2.98 12.84
CA VAL B 206 33.40 -1.69 12.53
C VAL B 206 32.97 -1.22 11.14
N VAL B 207 32.54 0.04 11.03
CA VAL B 207 32.43 0.76 9.73
C VAL B 207 33.60 1.76 9.64
N THR B 208 34.50 1.55 8.70
CA THR B 208 35.79 2.30 8.60
C THR B 208 35.51 3.71 8.08
N LYS B 209 36.45 4.63 8.36
CA LYS B 209 36.38 6.06 7.94
C LYS B 209 36.10 6.11 6.44
N GLY B 210 36.86 5.31 5.69
CA GLY B 210 36.78 5.19 4.22
C GLY B 210 37.65 6.21 3.52
N LYS B 211 37.52 6.29 2.20
CA LYS B 211 38.27 7.19 1.31
C LYS B 211 37.24 7.94 0.46
N GLY B 212 37.49 9.24 0.26
CA GLY B 212 36.73 10.14 -0.62
C GLY B 212 36.47 11.46 0.08
N VAL B 213 36.15 12.48 -0.72
CA VAL B 213 35.85 13.86 -0.26
C VAL B 213 34.55 13.84 0.56
N ILE B 214 34.63 14.36 1.79
CA ILE B 214 33.46 14.68 2.67
C ILE B 214 33.09 16.15 2.50
N PRO B 215 31.94 16.52 1.91
CA PRO B 215 31.63 17.94 1.65
C PRO B 215 31.42 18.67 2.99
N GLN B 216 31.80 19.95 3.02
CA GLN B 216 31.80 20.76 4.26
C GLN B 216 30.85 21.93 4.02
N SER B 217 30.08 22.30 5.03
CA SER B 217 29.10 23.41 4.96
C SER B 217 29.57 24.53 5.89
N ASP B 218 29.51 25.78 5.41
CA ASP B 218 29.77 27.00 6.21
C ASP B 218 28.46 27.76 6.37
N HIS B 219 27.33 27.09 6.16
CA HIS B 219 25.99 27.52 6.61
C HIS B 219 25.95 27.51 8.14
N ASP B 220 25.05 28.31 8.71
CA ASP B 220 24.91 28.52 10.17
C ASP B 220 24.35 27.25 10.84
N LEU B 221 23.66 26.39 10.09
CA LEU B 221 23.18 25.06 10.56
C LEU B 221 24.34 24.25 11.15
N SER B 222 25.57 24.51 10.67
CA SER B 222 26.81 23.80 11.07
C SER B 222 27.10 23.98 12.57
N ARG B 223 26.57 25.03 13.19
CA ARG B 223 26.74 25.31 14.65
C ARG B 223 26.00 24.25 15.47
N LEU B 224 24.95 23.67 14.88
CA LEU B 224 24.09 22.67 15.57
C LEU B 224 24.44 21.25 15.11
N ARG B 225 24.76 21.09 13.81
CA ARG B 225 24.76 19.78 13.12
C ARG B 225 26.16 19.48 12.54
N GLY B 226 27.16 20.27 12.91
CA GLY B 226 28.55 20.17 12.43
C GLY B 226 28.66 20.55 10.96
N PRO B 227 29.89 20.78 10.47
CA PRO B 227 30.10 21.16 9.08
C PRO B 227 29.91 20.00 8.09
N GLY B 228 29.87 18.76 8.59
CA GLY B 228 29.65 17.54 7.79
C GLY B 228 30.60 16.43 8.20
N GLN B 229 30.06 15.29 8.63
CA GLN B 229 30.86 14.18 9.21
C GLN B 229 30.03 12.90 9.24
N THR B 230 30.69 11.76 9.46
CA THR B 230 30.04 10.46 9.70
C THR B 230 29.22 10.58 11.00
N VAL B 231 27.98 10.08 10.99
CA VAL B 231 27.10 10.07 12.19
C VAL B 231 26.52 8.67 12.41
N VAL B 232 26.11 8.41 13.64
CA VAL B 232 25.40 7.17 14.08
C VAL B 232 24.16 7.57 14.88
N GLN B 233 23.00 7.01 14.55
CA GLN B 233 21.87 6.99 15.52
C GLN B 233 21.65 5.56 16.01
N SER B 234 21.64 5.41 17.33
CA SER B 234 21.35 4.16 18.05
C SER B 234 19.94 4.27 18.63
N LEU B 235 19.06 3.35 18.23
CA LEU B 235 17.60 3.46 18.39
C LEU B 235 17.04 2.14 18.86
N THR B 236 15.86 2.18 19.50
CA THR B 236 15.11 0.98 19.91
C THR B 236 13.77 1.00 19.17
N TYR B 237 13.49 -0.03 18.39
CA TYR B 237 12.18 -0.20 17.73
C TYR B 237 11.61 -1.53 18.21
N PRO B 238 10.30 -1.78 17.99
CA PRO B 238 9.73 -3.10 18.24
C PRO B 238 10.34 -4.12 17.25
N ASP B 239 10.59 -5.33 17.72
CA ASP B 239 11.13 -6.48 16.93
C ASP B 239 10.40 -6.62 15.59
N GLU B 240 9.08 -6.39 15.52
CA GLU B 240 8.22 -6.68 14.34
C GLU B 240 8.52 -5.71 13.19
N VAL B 241 9.19 -4.58 13.45
CA VAL B 241 9.41 -3.59 12.37
C VAL B 241 10.90 -3.44 12.08
N LEU B 242 11.78 -4.22 12.73
CA LEU B 242 13.26 -4.11 12.48
C LEU B 242 13.55 -4.27 10.98
N TRP B 243 12.74 -5.04 10.24
CA TRP B 243 13.02 -5.33 8.81
C TRP B 243 12.70 -4.09 7.96
N GLN B 244 11.85 -3.20 8.44
CA GLN B 244 11.35 -2.02 7.67
C GLN B 244 12.43 -0.94 7.71
N ALA B 245 13.60 -1.20 7.14
CA ALA B 245 14.80 -0.33 7.20
C ALA B 245 14.51 1.04 6.59
N LYS B 246 14.01 1.10 5.35
CA LYS B 246 13.85 2.37 4.60
C LYS B 246 12.83 3.24 5.35
N PRO B 247 11.66 2.71 5.72
CA PRO B 247 10.72 3.50 6.51
C PRO B 247 11.33 4.00 7.83
N ILE B 248 12.23 3.24 8.46
CA ILE B 248 12.86 3.69 9.73
C ILE B 248 13.82 4.83 9.43
N LEU B 249 14.61 4.74 8.36
CA LEU B 249 15.55 5.82 7.98
C LEU B 249 14.74 7.09 7.72
N PHE B 250 13.65 6.98 6.96
CA PHE B 250 12.86 8.16 6.51
C PHE B 250 12.13 8.76 7.73
N GLN B 251 11.77 7.94 8.71
CA GLN B 251 11.20 8.45 9.96
C GLN B 251 12.27 9.34 10.62
N GLN B 252 13.52 8.90 10.61
CA GLN B 252 14.60 9.64 11.33
C GLN B 252 14.93 10.89 10.52
N LEU B 253 14.95 10.81 9.20
CA LEU B 253 15.29 11.98 8.36
C LEU B 253 14.22 13.06 8.58
N LYS B 254 12.94 12.68 8.54
CA LYS B 254 11.77 13.55 8.79
C LYS B 254 11.87 14.15 10.20
N ALA B 255 12.18 13.36 11.22
CA ALA B 255 12.31 13.90 12.59
C ALA B 255 13.38 15.00 12.59
N GLY B 256 14.49 14.75 11.87
CA GLY B 256 15.63 15.67 11.76
C GLY B 256 15.25 16.97 11.05
N ILE B 257 14.28 16.92 10.15
CA ILE B 257 13.80 18.12 9.40
C ILE B 257 12.80 18.88 10.28
N ASP B 258 11.89 18.20 10.99
CA ASP B 258 10.91 18.85 11.91
C ASP B 258 11.66 19.64 12.97
N TRP B 259 12.84 19.16 13.37
CA TRP B 259 13.68 19.70 14.46
C TRP B 259 14.23 21.09 14.05
N LEU B 260 14.30 21.36 12.75
CA LEU B 260 14.86 22.62 12.20
C LEU B 260 13.97 23.80 12.60
N VAL B 261 12.65 23.61 12.68
CA VAL B 261 11.69 24.71 12.95
C VAL B 261 11.58 24.97 14.45
N GLU B 262 12.20 24.16 15.31
CA GLU B 262 12.14 24.32 16.79
C GLU B 262 13.52 24.74 17.32
N ASN B 263 14.46 25.03 16.43
CA ASN B 263 15.88 25.28 16.83
C ASN B 263 16.44 26.47 16.08
N LYS B 264 17.43 27.09 16.72
CA LYS B 264 17.93 28.47 16.52
C LYS B 264 19.10 28.43 15.54
N TYR B 265 18.86 28.74 14.27
CA TYR B 265 19.92 28.96 13.26
C TYR B 265 19.34 29.88 12.18
N ASP B 266 20.19 30.48 11.37
CA ASP B 266 19.79 31.51 10.37
C ASP B 266 19.21 30.78 9.15
N VAL B 267 18.04 31.19 8.70
CA VAL B 267 17.25 30.49 7.63
C VAL B 267 17.03 31.43 6.45
N ALA B 268 17.78 32.52 6.35
CA ALA B 268 17.71 33.46 5.19
C ALA B 268 18.30 32.76 3.95
N ASP B 269 19.39 32.01 4.11
CA ASP B 269 20.09 31.33 2.99
C ASP B 269 19.67 29.86 2.98
N PRO B 270 19.33 29.26 1.81
CA PRO B 270 19.11 27.83 1.72
C PRO B 270 20.32 27.02 2.20
N PRO B 271 20.16 26.04 3.11
CA PRO B 271 21.28 25.20 3.52
C PRO B 271 21.50 24.14 2.44
N PRO B 272 22.67 23.45 2.40
CA PRO B 272 22.89 22.40 1.40
C PRO B 272 21.91 21.25 1.63
N PRO B 273 21.26 20.68 0.60
CA PRO B 273 20.36 19.52 0.79
C PRO B 273 20.98 18.36 1.59
N TRP B 274 22.24 18.04 1.32
CA TRP B 274 22.94 16.93 2.01
C TRP B 274 22.98 17.19 3.52
N GLN B 275 23.16 18.44 3.96
CA GLN B 275 23.28 18.77 5.42
C GLN B 275 21.93 18.62 6.12
N VAL B 276 20.87 18.94 5.41
CA VAL B 276 19.47 18.91 5.92
C VAL B 276 19.07 17.44 6.11
N TYR B 277 19.57 16.57 5.22
CA TYR B 277 19.35 15.10 5.24
C TYR B 277 20.50 14.40 5.99
N LEU B 278 21.36 15.14 6.68
CA LEU B 278 22.38 14.51 7.56
C LEU B 278 21.83 14.35 8.97
N LEU B 279 21.63 13.11 9.42
CA LEU B 279 21.13 12.78 10.78
C LEU B 279 22.02 13.42 11.85
N ALA B 280 21.40 13.82 12.96
CA ALA B 280 22.06 14.19 14.23
C ALA B 280 22.71 12.95 14.83
N ASN B 281 23.94 13.11 15.31
CA ASN B 281 24.73 12.02 15.93
C ASN B 281 24.16 11.71 17.32
N LYS B 282 23.69 10.48 17.55
CA LYS B 282 23.12 9.99 18.84
C LYS B 282 23.54 8.54 19.06
N PRO B 283 24.85 8.24 19.19
CA PRO B 283 25.32 6.88 19.42
C PRO B 283 24.96 6.43 20.83
N GLY B 284 24.77 5.13 20.99
CA GLY B 284 24.57 4.47 22.29
C GLY B 284 24.04 3.07 22.11
N SER B 285 23.33 2.58 23.12
CA SER B 285 22.69 1.25 23.10
C SER B 285 21.43 1.31 22.23
N GLY B 286 21.08 0.20 21.59
CA GLY B 286 19.82 -0.01 20.87
C GLY B 286 19.82 -1.29 20.04
N ASN B 287 18.69 -1.60 19.41
CA ASN B 287 18.52 -2.79 18.52
C ASN B 287 18.53 -2.32 17.06
N VAL B 288 18.77 -1.03 16.84
CA VAL B 288 18.92 -0.40 15.50
C VAL B 288 20.03 0.63 15.56
N HIS B 289 20.93 0.60 14.58
CA HIS B 289 22.03 1.56 14.43
C HIS B 289 22.07 1.98 12.96
N ILE B 290 21.97 3.27 12.72
CA ILE B 290 22.08 3.89 11.37
C ILE B 290 23.43 4.62 11.36
N VAL B 291 24.38 4.11 10.56
CA VAL B 291 25.67 4.77 10.28
C VAL B 291 25.51 5.48 8.94
N GLN B 292 25.71 6.79 8.92
CA GLN B 292 25.44 7.59 7.70
C GLN B 292 26.72 8.33 7.32
N LYS B 293 27.02 8.34 6.03
CA LYS B 293 28.15 9.08 5.43
C LYS B 293 27.60 9.82 4.22
N VAL B 294 28.14 11.01 3.98
CA VAL B 294 27.96 11.75 2.71
C VAL B 294 29.33 11.84 2.07
N PHE B 295 29.37 11.61 0.77
CA PHE B 295 30.60 11.69 -0.04
C PHE B 295 30.32 12.63 -1.20
N GLU B 296 31.37 13.35 -1.62
CA GLU B 296 31.45 14.14 -2.88
C GLU B 296 32.39 13.37 -3.82
N GLY B 297 31.90 13.04 -5.02
CA GLY B 297 32.60 12.14 -5.98
C GLY B 297 32.70 10.69 -5.49
N ASP B 298 33.76 10.01 -5.90
CA ASP B 298 34.03 8.57 -5.68
C ASP B 298 34.25 8.32 -4.19
N PHE B 299 33.91 7.13 -3.70
CA PHE B 299 34.06 6.79 -2.28
C PHE B 299 34.35 5.29 -2.17
N GLU B 300 34.86 4.90 -1.02
CA GLU B 300 34.90 3.51 -0.55
C GLU B 300 34.95 3.54 0.99
N PHE B 301 34.47 2.47 1.62
CA PHE B 301 34.68 2.21 3.06
C PHE B 301 34.51 0.71 3.29
N ASP B 302 34.85 0.24 4.48
CA ASP B 302 34.84 -1.20 4.84
C ASP B 302 33.91 -1.42 6.03
N ILE B 303 33.30 -2.60 6.07
CA ILE B 303 32.62 -3.17 7.26
C ILE B 303 33.43 -4.39 7.71
N LEU B 304 33.77 -4.45 8.99
CA LEU B 304 34.62 -5.49 9.58
C LEU B 304 33.87 -6.09 10.75
N PHE B 305 33.44 -7.34 10.61
CA PHE B 305 32.79 -8.15 11.68
C PHE B 305 33.84 -9.12 12.24
N SER B 306 34.20 -8.93 13.51
CA SER B 306 35.19 -9.71 14.28
C SER B 306 34.48 -10.46 15.40
N SER B 307 34.40 -11.79 15.28
CA SER B 307 33.89 -12.71 16.32
C SER B 307 34.95 -12.79 17.41
N GLU B 308 34.60 -12.55 18.67
CA GLU B 308 35.64 -12.50 19.73
C GLU B 308 36.32 -13.88 19.87
N SER B 309 35.56 -14.96 19.77
CA SER B 309 36.03 -16.37 19.95
C SER B 309 37.08 -16.75 18.89
N ALA B 310 37.21 -16.02 17.78
CA ALA B 310 38.29 -16.18 16.77
C ALA B 310 39.61 -15.58 17.30
N GLY B 311 39.60 -14.98 18.49
CA GLY B 311 40.79 -14.45 19.19
C GLY B 311 41.65 -13.56 18.31
N LYS B 312 41.13 -13.07 17.19
CA LYS B 312 41.81 -12.16 16.24
C LYS B 312 40.81 -11.14 15.66
N GLU B 313 41.19 -9.88 15.58
CA GLU B 313 40.36 -8.79 15.00
C GLU B 313 40.65 -8.69 13.50
N VAL B 314 39.60 -8.68 12.68
CA VAL B 314 39.68 -8.54 11.19
C VAL B 314 40.11 -7.10 10.88
N THR B 315 40.98 -6.93 9.88
CA THR B 315 41.47 -5.61 9.42
C THR B 315 41.18 -5.46 7.93
N SER B 316 41.33 -4.24 7.41
CA SER B 316 41.18 -3.92 5.97
C SER B 316 42.24 -4.68 5.16
N LYS B 317 43.43 -4.93 5.74
CA LYS B 317 44.52 -5.67 5.03
C LYS B 317 44.05 -7.13 4.89
N ASP B 318 43.54 -7.74 5.98
CA ASP B 318 42.92 -9.09 5.99
C ASP B 318 41.82 -9.22 4.92
N LEU B 319 40.97 -8.21 4.80
CA LEU B 319 39.91 -8.13 3.77
C LEU B 319 40.53 -8.20 2.35
N GLU B 320 41.52 -7.38 2.05
CA GLU B 320 42.15 -7.28 0.69
C GLU B 320 42.80 -8.61 0.29
N ARG B 321 43.52 -9.23 1.23
CA ARG B 321 44.24 -10.52 1.05
C ARG B 321 43.20 -11.61 0.73
N GLU B 322 42.20 -11.75 1.61
CA GLU B 322 41.20 -12.86 1.56
C GLU B 322 40.31 -12.72 0.32
N VAL B 323 40.03 -11.49 -0.14
CA VAL B 323 39.23 -11.29 -1.38
C VAL B 323 40.02 -11.90 -2.55
N LYS B 324 41.34 -11.60 -2.63
CA LYS B 324 42.24 -12.04 -3.73
C LYS B 324 42.36 -13.57 -3.69
N GLN B 325 42.51 -14.18 -2.50
CA GLN B 325 42.55 -15.65 -2.28
C GLN B 325 41.25 -16.28 -2.79
N ALA B 326 40.09 -15.77 -2.37
CA ALA B 326 38.75 -16.29 -2.73
C ALA B 326 38.56 -16.28 -4.25
N THR B 327 38.98 -15.20 -4.92
CA THR B 327 38.87 -15.02 -6.40
C THR B 327 39.71 -16.09 -7.13
N GLU B 328 40.90 -16.44 -6.63
CA GLU B 328 41.79 -17.46 -7.25
C GLU B 328 41.16 -18.85 -7.04
N VAL B 329 40.73 -19.18 -5.82
CA VAL B 329 40.06 -20.46 -5.48
C VAL B 329 38.81 -20.66 -6.35
N PHE B 330 38.02 -19.61 -6.57
CA PHE B 330 36.76 -19.67 -7.36
C PHE B 330 37.10 -20.03 -8.81
N GLY B 331 38.13 -19.40 -9.38
CA GLY B 331 38.59 -19.63 -10.77
C GLY B 331 39.07 -21.07 -10.97
N GLU B 332 39.86 -21.61 -10.05
CA GLU B 332 40.36 -23.00 -10.13
C GLU B 332 39.13 -23.93 -10.05
N ARG B 333 38.24 -23.74 -9.07
CA ARG B 333 37.06 -24.62 -8.86
C ARG B 333 36.15 -24.59 -10.11
N PHE B 334 35.90 -23.42 -10.69
CA PHE B 334 35.04 -23.31 -11.89
C PHE B 334 35.62 -24.15 -13.03
N ALA B 335 36.95 -24.08 -13.23
CA ALA B 335 37.69 -24.79 -14.29
C ALA B 335 37.52 -26.31 -14.17
N ARG B 336 37.59 -26.85 -12.95
CA ARG B 336 37.43 -28.30 -12.64
C ARG B 336 35.94 -28.68 -12.73
N VAL B 337 35.01 -27.92 -12.14
CA VAL B 337 33.60 -28.36 -11.94
C VAL B 337 32.77 -28.14 -13.21
N PHE B 338 33.00 -27.04 -13.93
CA PHE B 338 32.26 -26.68 -15.17
C PHE B 338 33.27 -26.56 -16.33
N ASP B 339 33.84 -27.71 -16.75
CA ASP B 339 34.77 -27.86 -17.90
C ASP B 339 33.95 -27.64 -19.18
N LEU B 340 33.80 -26.39 -19.60
CA LEU B 340 32.96 -26.04 -20.77
C LEU B 340 33.52 -26.79 -21.98
N LYS B 341 32.66 -27.45 -22.76
CA LYS B 341 33.10 -28.32 -23.87
C LYS B 341 32.85 -27.58 -25.20
N ALA B 342 33.50 -28.02 -26.27
CA ALA B 342 33.33 -27.48 -27.64
C ALA B 342 31.84 -27.39 -27.93
N PRO B 343 31.36 -26.32 -28.61
CA PRO B 343 32.20 -25.22 -29.08
C PRO B 343 32.26 -24.00 -28.16
N PHE B 344 32.08 -24.18 -26.84
CA PHE B 344 31.95 -23.05 -25.87
C PHE B 344 33.16 -23.02 -24.94
N GLN B 345 34.34 -23.38 -25.46
CA GLN B 345 35.63 -23.37 -24.72
C GLN B 345 36.20 -21.95 -24.67
N GLY B 346 35.63 -21.00 -25.44
CA GLY B 346 36.07 -19.59 -25.51
C GLY B 346 36.02 -18.88 -24.16
N ASP B 347 36.84 -17.82 -24.03
CA ASP B 347 36.89 -16.93 -22.83
C ASP B 347 35.55 -16.20 -22.68
N ASN B 348 34.87 -15.86 -23.78
CA ASN B 348 33.53 -15.20 -23.77
C ASN B 348 32.50 -16.08 -23.03
N TYR B 349 32.51 -17.39 -23.30
CA TYR B 349 31.55 -18.37 -22.73
C TYR B 349 31.92 -18.67 -21.27
N LYS B 350 33.22 -18.72 -20.96
CA LYS B 350 33.73 -18.84 -19.58
C LYS B 350 33.16 -17.68 -18.73
N LYS B 351 33.19 -16.45 -19.25
CA LYS B 351 32.73 -15.25 -18.48
C LYS B 351 31.21 -15.36 -18.27
N PHE B 352 30.50 -15.77 -19.33
CA PHE B 352 29.03 -16.03 -19.32
C PHE B 352 28.70 -17.11 -18.27
N GLY B 353 29.40 -18.23 -18.30
CA GLY B 353 29.21 -19.33 -17.34
C GLY B 353 29.36 -18.87 -15.90
N LYS B 354 30.35 -18.03 -15.65
CA LYS B 354 30.75 -17.64 -14.27
C LYS B 354 29.68 -16.68 -13.73
N SER B 355 29.09 -15.91 -14.63
CA SER B 355 28.01 -14.95 -14.29
C SER B 355 26.70 -15.71 -14.00
N MET B 356 26.28 -16.59 -14.89
CA MET B 356 25.03 -17.39 -14.74
C MET B 356 25.09 -18.17 -13.43
N PHE B 357 26.22 -18.80 -13.15
CA PHE B 357 26.41 -19.68 -11.97
C PHE B 357 26.53 -18.84 -10.69
N SER B 358 27.36 -17.80 -10.70
CA SER B 358 27.54 -16.93 -9.51
C SER B 358 26.19 -16.29 -9.13
N ASN B 359 25.38 -15.87 -10.10
CA ASN B 359 24.06 -15.25 -9.80
C ASN B 359 23.13 -16.29 -9.18
N LEU B 360 23.20 -17.55 -9.62
CA LEU B 360 22.31 -18.63 -9.15
C LEU B 360 22.63 -18.86 -7.67
N ILE B 361 23.89 -19.15 -7.37
CA ILE B 361 24.34 -19.57 -6.01
C ILE B 361 24.38 -18.33 -5.11
N GLY B 362 24.50 -17.15 -5.70
CA GLY B 362 24.45 -15.87 -4.97
C GLY B 362 23.05 -15.49 -4.51
N GLY B 363 22.00 -16.02 -5.15
CA GLY B 363 20.60 -15.82 -4.75
C GLY B 363 20.24 -16.51 -3.43
N ILE B 364 21.13 -17.30 -2.83
CA ILE B 364 20.74 -18.11 -1.65
C ILE B 364 20.29 -17.17 -0.53
N GLY B 365 19.10 -17.40 0.01
CA GLY B 365 18.58 -16.68 1.18
C GLY B 365 18.36 -17.59 2.37
N TYR B 366 18.47 -16.99 3.56
CA TYR B 366 17.93 -17.52 4.82
C TYR B 366 16.64 -16.77 5.17
N PHE B 367 15.52 -17.48 5.23
CA PHE B 367 14.18 -16.95 5.51
C PHE B 367 13.68 -17.54 6.82
N TYR B 368 13.01 -16.71 7.64
CA TYR B 368 12.50 -17.14 8.96
C TYR B 368 11.20 -16.40 9.26
N GLY B 369 10.22 -17.13 9.76
CA GLY B 369 8.96 -16.56 10.30
C GLY B 369 7.77 -17.47 10.05
N HIS B 370 6.57 -16.90 10.13
CA HIS B 370 5.33 -17.69 10.03
C HIS B 370 4.94 -17.82 8.55
N SER B 371 4.21 -18.88 8.26
CA SER B 371 3.65 -19.21 6.94
C SER B 371 2.11 -19.05 7.02
N LEU B 372 1.44 -18.73 5.93
CA LEU B 372 -0.05 -18.64 5.92
C LEU B 372 -0.66 -19.92 5.32
N VAL B 373 -1.35 -20.71 6.15
CA VAL B 373 -1.95 -22.01 5.72
C VAL B 373 -3.42 -22.13 6.14
N ASP B 374 -4.24 -22.56 5.19
CA ASP B 374 -5.62 -23.07 5.40
C ASP B 374 -5.55 -24.52 5.86
N ARG B 375 -5.78 -24.75 7.15
CA ARG B 375 -5.74 -26.08 7.81
C ARG B 375 -7.17 -26.58 8.07
N SER B 376 -8.18 -26.14 7.32
CA SER B 376 -9.59 -26.58 7.46
C SER B 376 -9.77 -28.01 6.91
N TYR B 377 -9.11 -28.34 5.80
CA TYR B 377 -9.29 -29.61 5.04
C TYR B 377 -10.78 -29.73 4.65
N ALA B 378 -11.37 -28.59 4.31
CA ALA B 378 -12.76 -28.48 3.83
C ALA B 378 -13.04 -29.54 2.76
N PRO B 379 -14.22 -30.23 2.84
CA PRO B 379 -14.58 -31.26 1.86
C PRO B 379 -14.64 -30.79 0.40
N GLU B 380 -14.85 -29.49 0.20
CA GLU B 380 -14.78 -28.86 -1.15
C GLU B 380 -13.41 -29.14 -1.77
N TYR B 381 -12.36 -29.22 -0.94
CA TYR B 381 -10.94 -29.32 -1.40
C TYR B 381 -10.65 -30.73 -2.00
N ASP B 382 -11.50 -31.71 -1.71
CA ASP B 382 -11.49 -33.07 -2.31
C ASP B 382 -11.75 -32.99 -3.82
N GLU B 383 -12.40 -31.94 -4.33
CA GLU B 383 -12.66 -31.72 -5.78
C GLU B 383 -13.36 -32.95 -6.39
N GLU B 384 -14.35 -33.54 -5.70
CA GLU B 384 -15.15 -34.69 -6.22
C GLU B 384 -16.14 -34.28 -7.32
N ASN B 385 -16.76 -33.08 -7.27
CA ASN B 385 -17.90 -32.71 -8.15
C ASN B 385 -17.44 -31.97 -9.41
N GLU B 386 -18.27 -31.97 -10.45
CA GLU B 386 -18.17 -31.02 -11.59
C GLU B 386 -18.30 -29.60 -11.00
N GLY B 387 -17.65 -28.61 -11.63
CA GLY B 387 -17.52 -27.24 -11.09
C GLY B 387 -16.86 -27.19 -9.71
N PHE B 388 -15.91 -28.09 -9.39
CA PHE B 388 -15.19 -28.12 -8.09
C PHE B 388 -14.51 -26.77 -7.82
N TRP B 389 -14.15 -26.02 -8.86
CA TRP B 389 -13.43 -24.73 -8.70
C TRP B 389 -14.34 -23.69 -8.03
N GLU B 390 -15.66 -23.74 -8.28
CA GLU B 390 -16.71 -22.94 -7.56
C GLU B 390 -16.77 -23.38 -6.09
N ASP B 391 -16.86 -24.68 -5.83
CA ASP B 391 -16.91 -25.22 -4.45
C ASP B 391 -15.67 -24.75 -3.67
N ALA B 392 -14.52 -24.67 -4.34
CA ALA B 392 -13.22 -24.31 -3.74
C ALA B 392 -13.27 -22.83 -3.35
N ALA B 393 -13.75 -21.98 -4.27
CA ALA B 393 -13.93 -20.52 -4.02
C ALA B 393 -14.86 -20.31 -2.83
N GLU B 394 -15.89 -21.14 -2.66
CA GLU B 394 -16.78 -21.08 -1.46
C GLU B 394 -15.95 -21.34 -0.21
N ALA B 395 -15.17 -22.43 -0.18
CA ALA B 395 -14.34 -22.84 0.99
C ALA B 395 -13.33 -21.73 1.33
N ARG B 396 -12.75 -21.07 0.33
CA ARG B 396 -11.74 -19.99 0.52
C ARG B 396 -12.45 -18.81 1.18
N ALA B 397 -13.69 -18.54 0.76
CA ALA B 397 -14.52 -17.42 1.27
C ALA B 397 -14.82 -17.62 2.76
N ARG B 398 -14.58 -18.78 3.35
CA ARG B 398 -14.82 -18.99 4.80
C ARG B 398 -13.59 -18.60 5.62
N HIS B 399 -12.50 -18.21 4.95
CA HIS B 399 -11.25 -17.62 5.52
C HIS B 399 -10.80 -18.35 6.78
N GLN B 400 -10.52 -19.65 6.73
CA GLN B 400 -9.99 -20.42 7.88
C GLN B 400 -8.45 -20.28 7.96
N GLU B 401 -7.77 -19.73 6.96
CA GLU B 401 -6.28 -19.67 6.96
C GLU B 401 -5.78 -18.96 8.23
N ALA B 402 -4.72 -19.49 8.83
CA ALA B 402 -4.00 -18.89 9.98
C ALA B 402 -2.49 -18.95 9.72
N LEU B 403 -1.77 -18.01 10.34
CA LEU B 403 -0.29 -17.98 10.37
C LEU B 403 0.17 -19.13 11.26
N GLU B 404 1.13 -19.92 10.80
CA GLU B 404 1.73 -21.04 11.59
C GLU B 404 3.25 -21.01 11.43
N GLY B 405 3.93 -21.76 12.31
CA GLY B 405 5.39 -21.73 12.44
C GLY B 405 5.78 -21.21 13.82
N PRO B 406 6.89 -20.47 13.98
CA PRO B 406 7.69 -19.98 12.86
C PRO B 406 8.56 -21.09 12.22
N TYR B 407 8.87 -20.95 10.94
CA TYR B 407 9.69 -21.89 10.14
C TYR B 407 10.94 -21.17 9.65
N GLU B 408 11.97 -21.92 9.27
CA GLU B 408 13.19 -21.38 8.60
C GLU B 408 13.35 -22.07 7.24
N LEU B 409 13.99 -21.40 6.29
CA LEU B 409 14.32 -22.00 4.98
C LEU B 409 15.62 -21.38 4.50
N PHE B 410 16.59 -22.23 4.17
CA PHE B 410 17.84 -21.89 3.46
C PHE B 410 17.70 -22.43 2.03
N THR B 411 17.59 -21.56 1.03
CA THR B 411 17.22 -21.98 -0.35
C THR B 411 17.73 -20.96 -1.35
N SER B 412 18.04 -21.39 -2.56
CA SER B 412 18.16 -20.46 -3.71
C SER B 412 16.74 -20.06 -4.12
N ILE B 413 16.68 -19.11 -5.03
CA ILE B 413 15.46 -18.37 -5.40
C ILE B 413 15.51 -18.16 -6.91
N PRO B 414 14.32 -18.03 -7.53
CA PRO B 414 14.25 -17.78 -8.95
C PRO B 414 14.72 -16.39 -9.35
N SER B 415 14.39 -15.35 -8.59
CA SER B 415 14.70 -13.95 -8.98
C SER B 415 14.76 -13.00 -7.78
N ARG B 416 15.82 -12.20 -7.66
CA ARG B 416 15.99 -11.25 -6.52
C ARG B 416 14.91 -10.16 -6.58
N PRO B 417 14.73 -9.46 -7.71
CA PRO B 417 13.78 -8.35 -7.77
C PRO B 417 12.31 -8.77 -7.74
N PHE B 418 11.97 -9.93 -8.32
CA PHE B 418 10.56 -10.35 -8.54
C PHE B 418 10.12 -11.51 -7.63
N PHE B 419 10.95 -12.54 -7.39
CA PHE B 419 10.51 -13.79 -6.74
C PHE B 419 11.50 -14.20 -5.66
N PRO B 420 11.85 -13.30 -4.70
CA PRO B 420 12.86 -13.60 -3.69
C PRO B 420 12.33 -14.51 -2.59
N ARG B 421 12.02 -15.77 -2.92
CA ARG B 421 11.54 -16.77 -1.94
C ARG B 421 11.63 -18.18 -2.53
N GLY B 422 11.34 -19.20 -1.71
CA GLY B 422 11.43 -20.61 -2.12
C GLY B 422 10.26 -21.01 -2.98
N PHE B 423 10.52 -21.59 -4.15
CA PHE B 423 9.55 -22.34 -4.99
C PHE B 423 10.01 -23.79 -5.12
N LEU B 424 9.12 -24.74 -4.84
CA LEU B 424 9.43 -26.15 -4.59
C LEU B 424 10.00 -26.82 -5.86
N TRP B 425 9.36 -26.71 -7.02
CA TRP B 425 9.88 -27.38 -8.25
C TRP B 425 11.04 -26.58 -8.86
N ASP B 426 11.11 -25.26 -8.63
CA ASP B 426 12.26 -24.44 -9.12
C ASP B 426 13.53 -24.95 -8.46
N GLU B 427 13.46 -25.33 -7.19
CA GLU B 427 14.67 -25.65 -6.37
C GLU B 427 15.36 -26.94 -6.91
N GLY B 428 14.61 -27.93 -7.39
CA GLY B 428 15.20 -29.13 -8.01
C GLY B 428 16.10 -28.72 -9.17
N PHE B 429 15.67 -27.75 -9.98
CA PHE B 429 16.50 -27.25 -11.09
C PHE B 429 17.69 -26.45 -10.55
N HIS B 430 17.47 -25.57 -9.56
CA HIS B 430 18.55 -24.70 -9.01
C HIS B 430 19.70 -25.55 -8.51
N LEU B 431 19.39 -26.64 -7.80
CA LEU B 431 20.41 -27.44 -7.07
C LEU B 431 21.19 -28.35 -8.02
N LEU B 432 20.81 -28.50 -9.31
CA LEU B 432 21.60 -29.36 -10.22
C LEU B 432 22.99 -28.76 -10.43
N PRO B 433 23.15 -27.45 -10.80
CA PRO B 433 24.47 -26.84 -10.88
C PRO B 433 25.09 -26.65 -9.47
N ILE B 434 24.28 -26.34 -8.47
CA ILE B 434 24.82 -26.09 -7.10
C ILE B 434 25.41 -27.39 -6.55
N ALA B 435 24.82 -28.56 -6.82
CA ALA B 435 25.28 -29.86 -6.29
C ALA B 435 26.62 -30.25 -6.89
N ASP B 436 26.84 -29.98 -8.19
CA ASP B 436 28.14 -30.11 -8.90
C ASP B 436 29.19 -29.28 -8.16
N TRP B 437 28.88 -28.03 -7.84
CA TRP B 437 29.80 -27.12 -7.13
C TRP B 437 30.10 -27.62 -5.73
N ASP B 438 29.09 -28.07 -4.99
CA ASP B 438 29.16 -28.21 -3.51
C ASP B 438 28.00 -29.07 -3.04
N ILE B 439 28.21 -30.38 -3.04
CA ILE B 439 27.12 -31.37 -2.82
C ILE B 439 26.62 -31.19 -1.39
N ASP B 440 27.50 -30.85 -0.45
CA ASP B 440 27.14 -30.67 0.99
C ASP B 440 26.25 -29.42 1.11
N LEU B 441 26.46 -28.39 0.30
CA LEU B 441 25.58 -27.19 0.28
C LEU B 441 24.18 -27.60 -0.20
N ALA B 442 24.11 -28.33 -1.30
CA ALA B 442 22.82 -28.82 -1.87
C ALA B 442 22.11 -29.73 -0.86
N LEU B 443 22.83 -30.54 -0.10
CA LEU B 443 22.18 -31.50 0.83
C LEU B 443 21.57 -30.72 2.00
N GLU B 444 22.20 -29.62 2.40
CA GLU B 444 21.68 -28.72 3.46
C GLU B 444 20.38 -28.05 3.00
N ILE B 445 20.31 -27.61 1.75
CA ILE B 445 19.11 -26.93 1.18
C ILE B 445 17.98 -27.95 1.10
N ILE B 446 18.28 -29.19 0.67
CA ILE B 446 17.28 -30.28 0.56
C ILE B 446 16.77 -30.56 1.96
N LYS B 447 17.66 -30.57 2.96
CA LYS B 447 17.32 -30.90 4.36
C LYS B 447 16.38 -29.80 4.87
N SER B 448 16.70 -28.54 4.56
CA SER B 448 15.91 -27.35 4.95
C SER B 448 14.48 -27.49 4.40
N TRP B 449 14.34 -27.74 3.11
CA TRP B 449 13.02 -27.92 2.45
C TRP B 449 12.25 -29.09 3.10
N TYR B 450 12.87 -30.26 3.28
CA TYR B 450 12.14 -31.45 3.78
C TYR B 450 11.85 -31.29 5.26
N ASN B 451 12.54 -30.38 5.94
CA ASN B 451 12.17 -29.97 7.33
C ASN B 451 10.83 -29.21 7.34
N LEU B 452 10.33 -28.70 6.21
CA LEU B 452 9.03 -27.98 6.18
C LEU B 452 7.87 -28.97 5.98
N MET B 453 8.17 -30.26 5.80
CA MET B 453 7.14 -31.28 5.49
C MET B 453 6.28 -31.51 6.74
N ASP B 454 4.96 -31.42 6.62
CA ASP B 454 4.02 -31.72 7.72
C ASP B 454 3.90 -33.25 7.86
N GLU B 455 3.02 -33.71 8.73
CA GLU B 455 2.93 -35.13 9.13
C GLU B 455 2.25 -35.95 8.02
N ASP B 456 1.58 -35.35 7.03
CA ASP B 456 0.90 -36.09 5.94
C ASP B 456 1.82 -36.21 4.71
N GLY B 457 2.88 -35.41 4.65
CA GLY B 457 3.86 -35.40 3.52
C GLY B 457 3.72 -34.18 2.60
N TRP B 458 3.09 -33.11 3.08
CA TRP B 458 2.87 -31.88 2.30
C TRP B 458 3.97 -30.85 2.61
N ILE B 459 4.55 -30.30 1.55
CA ILE B 459 5.43 -29.09 1.61
C ILE B 459 4.75 -28.04 0.75
N ALA B 460 4.44 -26.88 1.32
CA ALA B 460 3.86 -25.78 0.54
C ALA B 460 4.78 -25.49 -0.63
N ARG B 461 4.18 -25.25 -1.81
CA ARG B 461 4.92 -25.05 -3.08
C ARG B 461 5.56 -23.67 -3.10
N GLU B 462 5.08 -22.74 -2.28
CA GLU B 462 5.62 -21.35 -2.21
C GLU B 462 5.85 -21.02 -0.74
N GLN B 463 7.10 -20.82 -0.35
CA GLN B 463 7.52 -20.62 1.05
C GLN B 463 7.72 -19.12 1.26
N ILE B 464 6.72 -18.48 1.85
CA ILE B 464 6.65 -17.03 2.19
C ILE B 464 6.80 -16.93 3.70
N LEU B 465 8.03 -16.87 4.23
CA LEU B 465 8.32 -16.95 5.67
C LEU B 465 8.71 -15.56 6.19
N GLY B 466 7.83 -14.99 7.04
CA GLY B 466 8.03 -13.72 7.76
C GLY B 466 7.36 -12.54 7.07
N ALA B 467 7.20 -11.46 7.84
CA ALA B 467 6.54 -10.21 7.39
C ALA B 467 7.35 -9.62 6.23
N GLU B 468 8.67 -9.72 6.30
CA GLU B 468 9.56 -9.18 5.23
C GLU B 468 9.23 -9.88 3.90
N ALA B 469 9.17 -11.20 3.89
CA ALA B 469 8.85 -11.97 2.66
C ALA B 469 7.43 -11.63 2.22
N ARG B 470 6.52 -11.47 3.17
CA ARG B 470 5.07 -11.27 2.92
C ARG B 470 4.83 -9.92 2.23
N SER B 471 5.67 -8.93 2.54
CA SER B 471 5.53 -7.52 2.10
C SER B 471 5.57 -7.43 0.58
N LYS B 472 6.16 -8.41 -0.09
CA LYS B 472 6.42 -8.40 -1.57
C LYS B 472 5.32 -9.14 -2.31
N VAL B 473 4.41 -9.78 -1.56
CA VAL B 473 3.46 -10.80 -2.10
C VAL B 473 2.03 -10.32 -1.91
N PRO B 474 1.30 -10.09 -3.01
CA PRO B 474 -0.11 -9.72 -2.94
C PRO B 474 -0.86 -10.80 -2.16
N LYS B 475 -1.81 -10.37 -1.33
CA LYS B 475 -2.52 -11.20 -0.32
C LYS B 475 -3.15 -12.46 -0.96
N GLU B 476 -3.69 -12.32 -2.18
CA GLU B 476 -4.41 -13.41 -2.90
C GLU B 476 -3.44 -14.58 -3.17
N PHE B 477 -2.13 -14.33 -3.22
CA PHE B 477 -1.11 -15.37 -3.44
C PHE B 477 -0.50 -15.89 -2.14
N GLN B 478 -0.89 -15.46 -0.93
CA GLN B 478 -0.09 -15.77 0.29
C GLN B 478 -0.52 -17.12 0.86
N THR B 479 -1.82 -17.40 0.90
CA THR B 479 -2.36 -18.61 1.59
C THR B 479 -1.89 -19.87 0.83
N GLN B 480 -1.43 -20.88 1.55
CA GLN B 480 -0.98 -22.17 0.97
C GLN B 480 -2.01 -23.24 1.35
N TYR B 481 -2.25 -24.19 0.43
CA TYR B 481 -3.31 -25.23 0.54
C TYR B 481 -2.65 -26.62 0.64
N PRO B 482 -2.91 -27.35 1.74
CA PRO B 482 -2.32 -28.67 1.94
C PRO B 482 -2.69 -29.73 0.89
N HIS B 483 -3.57 -29.43 -0.06
CA HIS B 483 -3.94 -30.36 -1.16
C HIS B 483 -3.24 -29.95 -2.46
N TYR B 484 -2.40 -28.91 -2.43
CA TYR B 484 -1.72 -28.32 -3.61
C TYR B 484 -0.29 -28.84 -3.74
N ALA B 485 -0.04 -29.57 -4.82
CA ALA B 485 1.25 -30.21 -5.12
C ALA B 485 2.12 -29.29 -5.96
N ASN B 486 3.33 -29.77 -6.27
CA ASN B 486 4.29 -29.14 -7.21
C ASN B 486 5.18 -30.28 -7.69
N PRO B 487 5.76 -30.22 -8.92
CA PRO B 487 6.64 -31.29 -9.38
C PRO B 487 7.73 -31.56 -8.37
N PRO B 488 8.00 -32.85 -8.06
CA PRO B 488 9.06 -33.23 -7.12
C PRO B 488 10.46 -33.29 -7.74
N THR B 489 10.91 -32.15 -8.28
CA THR B 489 12.21 -32.05 -8.98
C THR B 489 13.37 -32.27 -8.00
N LEU B 490 13.17 -32.16 -6.69
CA LEU B 490 14.30 -32.35 -5.76
C LEU B 490 14.78 -33.81 -5.85
N PHE B 491 13.94 -34.73 -6.28
CA PHE B 491 14.32 -36.16 -6.49
C PHE B 491 15.40 -36.26 -7.58
N LEU B 492 15.41 -35.34 -8.57
CA LEU B 492 16.45 -35.31 -9.63
C LEU B 492 17.81 -35.01 -9.00
N VAL B 493 17.87 -34.10 -8.03
CA VAL B 493 19.16 -33.76 -7.37
C VAL B 493 19.60 -34.99 -6.60
N LEU B 494 18.65 -35.68 -5.97
CA LEU B 494 18.98 -36.86 -5.14
C LEU B 494 19.51 -37.98 -6.05
N ASP B 495 18.98 -38.12 -7.27
CA ASP B 495 19.45 -39.15 -8.26
C ASP B 495 20.92 -38.89 -8.60
N ASN B 496 21.34 -37.64 -8.78
CA ASN B 496 22.77 -37.32 -9.08
C ASN B 496 23.63 -37.66 -7.87
N PHE B 497 23.13 -37.40 -6.67
CA PHE B 497 23.84 -37.65 -5.41
C PHE B 497 24.05 -39.16 -5.21
N VAL B 498 23.01 -39.96 -5.45
CA VAL B 498 23.07 -41.47 -5.37
C VAL B 498 24.14 -41.96 -6.34
N GLU B 499 24.11 -41.50 -7.60
CA GLU B 499 25.12 -41.75 -8.65
C GLU B 499 26.51 -41.62 -8.04
N ARG B 500 26.80 -40.47 -7.44
CA ARG B 500 28.12 -40.09 -6.90
C ARG B 500 28.49 -40.98 -5.71
N LEU B 501 27.52 -41.34 -4.87
CA LEU B 501 27.76 -42.27 -3.74
C LEU B 501 28.22 -43.63 -4.28
N ARG B 502 27.68 -44.09 -5.42
CA ARG B 502 28.06 -45.36 -6.09
C ARG B 502 29.54 -45.30 -6.49
N LYS B 503 29.96 -44.30 -7.29
CA LYS B 503 31.33 -44.18 -7.87
C LYS B 503 32.43 -43.98 -6.78
N ASP B 518 39.80 -29.50 -3.55
CA ASP B 518 40.94 -30.10 -2.80
C ASP B 518 40.39 -31.14 -1.79
N GLU B 519 40.72 -31.02 -0.49
CA GLU B 519 40.13 -31.79 0.64
C GLU B 519 39.29 -30.82 1.50
N THR B 520 37.96 -30.81 1.34
CA THR B 520 37.08 -29.67 1.71
C THR B 520 35.72 -30.16 2.24
N LEU B 521 35.07 -29.37 3.10
CA LEU B 521 33.70 -29.65 3.62
C LEU B 521 32.69 -29.84 2.49
N SER B 522 32.91 -29.24 1.32
CA SER B 522 32.04 -29.34 0.13
C SER B 522 31.70 -30.79 -0.24
N THR B 523 32.60 -31.77 -0.05
CA THR B 523 32.41 -33.15 -0.55
C THR B 523 32.54 -34.17 0.59
N ALA B 524 32.52 -33.74 1.85
CA ALA B 524 32.75 -34.65 2.99
C ALA B 524 31.72 -35.78 2.94
N SER B 525 30.57 -35.54 2.33
CA SER B 525 29.43 -36.49 2.27
C SER B 525 29.65 -37.55 1.18
N VAL B 526 30.48 -37.28 0.17
CA VAL B 526 30.83 -38.32 -0.84
C VAL B 526 32.23 -38.89 -0.52
N ASP B 527 33.16 -38.06 -0.03
CA ASP B 527 34.56 -38.48 0.24
C ASP B 527 34.56 -39.67 1.21
N ASN B 528 33.73 -39.61 2.26
CA ASN B 528 33.37 -40.76 3.13
C ASN B 528 31.93 -41.11 2.82
N PRO B 529 31.66 -42.13 1.96
CA PRO B 529 30.30 -42.38 1.50
C PRO B 529 29.37 -42.91 2.59
N GLU B 530 29.91 -43.36 3.73
CA GLU B 530 29.11 -43.76 4.91
C GLU B 530 28.36 -42.53 5.47
N VAL B 531 28.90 -41.33 5.29
CA VAL B 531 28.25 -40.06 5.74
C VAL B 531 27.04 -39.81 4.84
N GLY B 532 27.25 -39.85 3.51
CA GLY B 532 26.18 -39.71 2.51
C GLY B 532 25.07 -40.71 2.79
N LEU B 533 25.46 -41.94 3.13
CA LEU B 533 24.49 -43.06 3.28
C LEU B 533 23.62 -42.82 4.51
N GLU B 534 24.20 -42.30 5.58
CA GLU B 534 23.43 -41.95 6.79
C GLU B 534 22.47 -40.80 6.46
N TYR B 535 22.93 -39.79 5.74
CA TYR B 535 22.07 -38.67 5.27
C TYR B 535 20.84 -39.28 4.58
N LEU B 536 21.02 -40.19 3.63
CA LEU B 536 19.89 -40.82 2.90
C LEU B 536 19.01 -41.60 3.89
N ARG B 537 19.61 -42.30 4.85
CA ARG B 537 18.86 -43.16 5.80
C ARG B 537 17.88 -42.27 6.55
N ARG B 538 18.32 -41.07 6.94
CA ARG B 538 17.52 -40.09 7.70
C ARG B 538 16.48 -39.38 6.82
N LEU B 539 16.76 -39.12 5.53
CA LEU B 539 15.82 -38.40 4.64
C LEU B 539 14.78 -39.37 4.03
N TYR B 540 15.10 -40.67 3.91
CA TYR B 540 14.30 -41.66 3.12
C TYR B 540 12.86 -41.72 3.63
N PRO B 541 12.59 -41.81 4.96
CA PRO B 541 11.21 -41.84 5.46
C PRO B 541 10.32 -40.67 4.99
N LEU B 542 10.89 -39.45 4.84
CA LEU B 542 10.16 -38.24 4.36
C LEU B 542 9.96 -38.34 2.85
N LEU B 543 10.91 -38.91 2.11
CA LEU B 543 10.73 -39.18 0.66
C LEU B 543 9.56 -40.17 0.49
N ARG B 544 9.48 -41.21 1.33
CA ARG B 544 8.40 -42.23 1.24
C ARG B 544 7.08 -41.52 1.61
N ARG B 545 7.12 -40.71 2.67
CA ARG B 545 5.89 -39.97 3.10
C ARG B 545 5.37 -39.10 1.96
N GLN B 546 6.24 -38.38 1.27
CA GLN B 546 5.81 -37.46 0.19
C GLN B 546 5.23 -38.29 -0.95
N PHE B 547 5.81 -39.46 -1.25
CA PHE B 547 5.35 -40.35 -2.34
C PHE B 547 3.93 -40.85 -2.02
N ASP B 548 3.74 -41.34 -0.79
CA ASP B 548 2.44 -41.78 -0.25
C ASP B 548 1.46 -40.61 -0.35
N TRP B 549 1.88 -39.41 0.07
CA TRP B 549 1.07 -38.17 -0.02
C TRP B 549 0.65 -37.91 -1.48
N PHE B 550 1.55 -38.04 -2.46
CA PHE B 550 1.14 -37.83 -3.87
C PHE B 550 0.06 -38.85 -4.24
N ARG B 551 0.26 -40.11 -3.89
CA ARG B 551 -0.61 -41.20 -4.41
C ARG B 551 -2.00 -41.10 -3.76
N LYS B 552 -2.05 -40.64 -2.51
CA LYS B 552 -3.33 -40.42 -1.77
C LYS B 552 -4.05 -39.16 -2.28
N THR B 553 -3.40 -37.99 -2.30
CA THR B 553 -4.10 -36.68 -2.45
C THR B 553 -4.24 -36.28 -3.91
N GLN B 554 -3.44 -36.82 -4.84
CA GLN B 554 -3.51 -36.44 -6.27
C GLN B 554 -4.00 -37.66 -7.09
N ALA B 555 -4.67 -38.61 -6.44
CA ALA B 555 -5.26 -39.81 -7.09
C ALA B 555 -6.19 -39.36 -8.20
N GLY B 556 -6.05 -39.92 -9.40
CA GLY B 556 -7.07 -39.90 -10.47
C GLY B 556 -8.10 -41.03 -10.30
N ASP B 557 -9.17 -40.98 -11.08
CA ASP B 557 -10.32 -41.91 -10.97
C ASP B 557 -10.41 -42.74 -12.26
N ILE B 558 -10.11 -44.04 -12.15
CA ILE B 558 -10.31 -45.07 -13.22
C ILE B 558 -11.65 -45.80 -12.94
N LYS B 559 -11.87 -46.24 -11.70
CA LYS B 559 -12.94 -47.21 -11.27
C LYS B 559 -14.32 -46.68 -11.65
N SER B 560 -14.61 -45.41 -11.35
CA SER B 560 -15.99 -44.86 -11.36
C SER B 560 -16.45 -44.47 -12.78
N TYR B 561 -15.65 -44.72 -13.83
CA TYR B 561 -16.01 -44.38 -15.23
C TYR B 561 -15.80 -45.60 -16.15
N ASP B 562 -16.13 -45.42 -17.43
CA ASP B 562 -15.91 -46.45 -18.48
C ASP B 562 -14.44 -46.36 -18.93
N ARG B 563 -13.53 -46.90 -18.12
CA ARG B 563 -12.06 -46.77 -18.32
C ARG B 563 -11.40 -48.13 -18.14
N GLU B 564 -10.75 -48.62 -19.19
CA GLU B 564 -9.99 -49.91 -19.21
C GLU B 564 -8.51 -49.55 -19.06
N ALA B 565 -7.79 -50.27 -18.21
CA ALA B 565 -6.37 -49.97 -17.90
C ALA B 565 -5.70 -51.21 -17.33
N TYR B 566 -4.42 -51.39 -17.65
CA TYR B 566 -3.58 -52.47 -17.08
C TYR B 566 -3.68 -52.42 -15.56
N SER B 567 -3.68 -51.22 -14.97
CA SER B 567 -3.81 -51.00 -13.50
C SER B 567 -4.99 -50.08 -13.25
N THR B 568 -5.78 -50.40 -12.22
CA THR B 568 -6.96 -49.61 -11.80
C THR B 568 -6.54 -48.58 -10.75
N LYS B 569 -5.26 -48.58 -10.36
CA LYS B 569 -4.74 -47.79 -9.22
C LYS B 569 -3.95 -46.58 -9.73
N GLU B 570 -3.14 -46.74 -10.78
CA GLU B 570 -2.12 -45.75 -11.22
C GLU B 570 -2.74 -44.78 -12.24
N ALA B 571 -3.20 -43.64 -11.72
CA ALA B 571 -3.76 -42.52 -12.51
C ALA B 571 -3.81 -41.28 -11.59
N TYR B 572 -3.57 -40.11 -12.13
CA TYR B 572 -3.23 -38.94 -11.28
C TYR B 572 -3.91 -37.72 -11.84
N ARG B 573 -4.32 -36.81 -10.94
CA ARG B 573 -4.99 -35.53 -11.30
C ARG B 573 -4.50 -34.42 -10.36
N TRP B 574 -3.83 -33.41 -10.91
CA TRP B 574 -3.39 -32.20 -10.17
C TRP B 574 -4.62 -31.59 -9.51
N ARG B 575 -4.66 -31.58 -8.19
CA ARG B 575 -5.62 -30.72 -7.49
C ARG B 575 -5.28 -29.26 -7.83
N GLY B 576 -6.27 -28.38 -7.74
CA GLY B 576 -6.06 -26.92 -7.68
C GLY B 576 -6.24 -26.26 -9.03
N ARG B 577 -6.89 -26.90 -10.02
CA ARG B 577 -7.01 -26.13 -11.28
C ARG B 577 -8.27 -25.28 -11.23
N THR B 578 -8.22 -24.21 -12.04
CA THR B 578 -9.34 -23.28 -12.32
C THR B 578 -9.54 -23.36 -13.83
N VAL B 579 -10.45 -22.58 -14.41
CA VAL B 579 -10.94 -22.80 -15.80
C VAL B 579 -9.78 -22.65 -16.80
N SER B 580 -8.83 -21.76 -16.54
CA SER B 580 -7.79 -21.37 -17.55
C SER B 580 -6.34 -21.67 -17.08
N HIS B 581 -6.16 -22.38 -15.96
CA HIS B 581 -4.83 -22.55 -15.33
C HIS B 581 -4.69 -23.91 -14.65
N CYS B 582 -3.43 -24.31 -14.45
CA CYS B 582 -3.04 -25.38 -13.50
C CYS B 582 -1.74 -24.99 -12.82
N LEU B 583 -1.82 -24.18 -11.76
CA LEU B 583 -0.64 -23.54 -11.11
C LEU B 583 0.21 -24.60 -10.40
N THR B 584 -0.43 -25.61 -9.83
CA THR B 584 0.27 -26.68 -9.11
C THR B 584 1.23 -27.43 -10.06
N SER B 585 0.91 -27.55 -11.35
CA SER B 585 1.75 -28.31 -12.31
C SER B 585 3.04 -27.56 -12.60
N GLY B 586 3.06 -26.23 -12.37
CA GLY B 586 4.20 -25.36 -12.72
C GLY B 586 4.11 -24.80 -14.13
N LEU B 587 3.31 -25.39 -15.01
CA LEU B 587 3.10 -24.88 -16.40
C LEU B 587 1.77 -24.13 -16.40
N ASP B 588 1.79 -22.93 -15.80
CA ASP B 588 0.63 -22.21 -15.20
C ASP B 588 -0.57 -22.27 -16.14
N ASP B 589 -0.40 -21.90 -17.43
CA ASP B 589 -1.50 -21.67 -18.40
C ASP B 589 -1.36 -22.61 -19.60
N TYR B 590 -0.62 -23.70 -19.50
CA TYR B 590 -0.60 -24.72 -20.56
C TYR B 590 -2.04 -25.23 -20.73
N PRO B 591 -2.53 -25.32 -21.98
CA PRO B 591 -3.90 -25.78 -22.24
C PRO B 591 -4.18 -27.19 -21.70
N ARG B 592 -5.23 -27.32 -20.88
CA ARG B 592 -5.71 -28.57 -20.23
C ARG B 592 -7.12 -28.85 -20.73
N PRO B 593 -7.79 -29.96 -20.33
CA PRO B 593 -9.13 -30.25 -20.84
C PRO B 593 -10.13 -29.15 -20.42
N GLN B 594 -10.98 -28.69 -21.34
CA GLN B 594 -12.08 -27.73 -21.04
C GLN B 594 -13.40 -28.49 -21.00
N PRO B 595 -14.18 -28.45 -19.91
CA PRO B 595 -13.80 -27.71 -18.70
C PRO B 595 -12.89 -28.55 -17.82
N PRO B 596 -12.36 -28.00 -16.70
CA PRO B 596 -11.81 -28.83 -15.64
C PRO B 596 -12.90 -29.81 -15.19
N HIS B 597 -12.52 -30.96 -14.65
CA HIS B 597 -13.46 -32.10 -14.39
C HIS B 597 -12.75 -33.09 -13.46
N PRO B 598 -13.47 -33.67 -12.48
CA PRO B 598 -12.88 -34.61 -11.54
C PRO B 598 -12.37 -35.91 -12.20
N GLY B 599 -12.79 -36.19 -13.43
CA GLY B 599 -12.32 -37.36 -14.19
C GLY B 599 -11.12 -37.05 -15.07
N GLU B 600 -10.58 -35.83 -15.01
CA GLU B 600 -9.33 -35.43 -15.73
C GLU B 600 -8.19 -36.35 -15.27
N LEU B 601 -7.26 -36.62 -16.18
CA LEU B 601 -5.96 -37.27 -15.89
C LEU B 601 -4.83 -36.46 -16.52
N HIS B 602 -3.80 -36.14 -15.73
CA HIS B 602 -2.62 -35.34 -16.18
C HIS B 602 -1.40 -36.25 -16.38
N VAL B 603 -0.86 -36.28 -17.59
CA VAL B 603 0.24 -37.20 -17.97
C VAL B 603 1.57 -36.67 -17.40
N ASP B 604 1.72 -35.35 -17.23
CA ASP B 604 2.90 -34.78 -16.55
C ASP B 604 2.97 -35.30 -15.10
N LEU B 605 1.84 -35.34 -14.39
CA LEU B 605 1.84 -35.73 -12.97
C LEU B 605 2.13 -37.24 -12.87
N MET B 606 1.51 -38.05 -13.74
CA MET B 606 1.83 -39.51 -13.75
C MET B 606 3.34 -39.63 -13.93
N SER B 607 3.91 -38.92 -14.91
CA SER B 607 5.36 -38.92 -15.22
C SER B 607 6.17 -38.58 -13.94
N TRP B 608 5.78 -37.56 -13.17
CA TRP B 608 6.52 -37.15 -11.94
C TRP B 608 6.43 -38.29 -10.91
N VAL B 609 5.30 -38.99 -10.82
CA VAL B 609 5.23 -40.14 -9.87
C VAL B 609 6.21 -41.21 -10.35
N GLY B 610 6.34 -41.41 -11.67
CA GLY B 610 7.35 -42.32 -12.24
C GLY B 610 8.75 -41.95 -11.74
N VAL B 611 9.11 -40.67 -11.82
CA VAL B 611 10.44 -40.16 -11.37
C VAL B 611 10.65 -40.54 -9.90
N MET B 612 9.67 -40.28 -9.05
CA MET B 612 9.82 -40.49 -7.58
C MET B 612 10.04 -41.99 -7.32
N VAL B 613 9.26 -42.84 -8.00
CA VAL B 613 9.30 -44.30 -7.75
C VAL B 613 10.68 -44.83 -8.21
N LYS B 614 11.21 -44.34 -9.32
CA LYS B 614 12.56 -44.74 -9.80
C LYS B 614 13.62 -44.26 -8.81
N SER B 615 13.51 -43.06 -8.25
CA SER B 615 14.46 -42.58 -7.21
C SER B 615 14.35 -43.43 -5.94
N LEU B 616 13.14 -43.85 -5.56
CA LEU B 616 12.96 -44.62 -4.30
C LEU B 616 13.50 -46.05 -4.49
N ILE B 617 13.34 -46.66 -5.66
CA ILE B 617 13.99 -47.96 -6.01
C ILE B 617 15.50 -47.85 -5.76
N SER B 618 16.18 -46.81 -6.26
CA SER B 618 17.65 -46.67 -6.07
C SER B 618 17.97 -46.49 -4.59
N ILE B 619 17.36 -45.50 -3.95
CA ILE B 619 17.71 -45.14 -2.55
C ILE B 619 17.37 -46.34 -1.66
N GLY B 620 16.17 -46.89 -1.83
CA GLY B 620 15.69 -48.05 -1.06
C GLY B 620 16.66 -49.22 -1.19
N SER B 621 17.10 -49.49 -2.40
CA SER B 621 18.09 -50.57 -2.70
C SER B 621 19.43 -50.31 -1.97
N LEU B 622 19.93 -49.08 -2.01
CA LEU B 622 21.16 -48.62 -1.29
C LEU B 622 21.01 -48.82 0.22
N LEU B 623 19.80 -48.67 0.76
CA LEU B 623 19.55 -48.77 2.23
C LEU B 623 19.12 -50.18 2.65
N GLY B 624 18.96 -51.10 1.70
CA GLY B 624 18.49 -52.47 1.93
C GLY B 624 17.05 -52.56 2.42
N ALA B 625 16.18 -51.65 2.01
CA ALA B 625 14.71 -51.71 2.21
C ALA B 625 14.05 -52.62 1.16
N THR B 626 14.24 -53.94 1.27
CA THR B 626 13.85 -54.94 0.23
C THR B 626 12.33 -55.04 0.16
N GLU B 627 11.63 -54.89 1.30
CA GLU B 627 10.14 -54.84 1.37
C GLU B 627 9.61 -53.66 0.53
N ASP B 628 10.23 -52.48 0.64
CA ASP B 628 9.79 -51.26 -0.08
C ASP B 628 10.07 -51.44 -1.60
N VAL B 629 11.24 -52.00 -1.95
CA VAL B 629 11.70 -52.16 -3.36
C VAL B 629 10.65 -52.98 -4.16
N GLU B 630 10.09 -54.06 -3.59
CA GLU B 630 9.06 -54.88 -4.28
C GLU B 630 7.83 -54.02 -4.62
N PHE B 631 7.32 -53.23 -3.68
CA PHE B 631 6.12 -52.36 -3.86
C PHE B 631 6.41 -51.32 -4.96
N TYR B 632 7.55 -50.62 -4.88
CA TYR B 632 7.94 -49.56 -5.84
C TYR B 632 7.97 -50.15 -7.26
N THR B 633 8.50 -51.37 -7.36
CA THR B 633 8.75 -52.09 -8.63
C THR B 633 7.39 -52.40 -9.28
N LYS B 634 6.39 -52.76 -8.50
CA LYS B 634 5.00 -52.98 -8.98
C LYS B 634 4.39 -51.64 -9.43
N VAL B 635 4.62 -50.55 -8.67
CA VAL B 635 4.05 -49.22 -9.02
C VAL B 635 4.66 -48.80 -10.38
N LEU B 636 5.97 -48.95 -10.55
CA LEU B 636 6.64 -48.48 -11.80
C LEU B 636 6.09 -49.28 -12.98
N ASP B 637 6.04 -50.61 -12.86
CA ASP B 637 5.44 -51.47 -13.90
C ASP B 637 4.04 -50.96 -14.28
N ALA B 638 3.22 -50.61 -13.29
CA ALA B 638 1.82 -50.15 -13.47
C ALA B 638 1.79 -48.79 -14.20
N ILE B 639 2.65 -47.87 -13.82
CA ILE B 639 2.72 -46.54 -14.47
C ILE B 639 3.15 -46.70 -15.93
N GLU B 640 4.09 -47.59 -16.23
CA GLU B 640 4.66 -47.75 -17.61
C GLU B 640 3.52 -48.17 -18.55
N HIS B 641 2.66 -49.07 -18.09
CA HIS B 641 1.50 -49.55 -18.88
C HIS B 641 0.42 -48.45 -18.97
N ASN B 642 0.06 -47.84 -17.84
CA ASN B 642 -1.08 -46.90 -17.76
C ASN B 642 -0.78 -45.62 -18.56
N LEU B 643 0.48 -45.21 -18.63
CA LEU B 643 0.91 -44.12 -19.54
C LEU B 643 0.44 -44.46 -20.97
N ASP B 644 0.60 -45.71 -21.42
CA ASP B 644 0.17 -46.12 -22.79
C ASP B 644 -1.37 -46.24 -22.82
N ASP B 645 -1.94 -46.97 -21.86
CA ASP B 645 -3.40 -47.25 -21.80
C ASP B 645 -4.19 -45.94 -21.72
N LEU B 646 -3.79 -44.98 -20.87
CA LEU B 646 -4.62 -43.80 -20.50
C LEU B 646 -4.22 -42.53 -21.26
N HIS B 647 -3.00 -42.42 -21.80
CA HIS B 647 -2.47 -41.12 -22.24
C HIS B 647 -1.91 -41.13 -23.67
N TRP B 648 -1.64 -42.29 -24.27
CA TRP B 648 -1.03 -42.35 -25.62
C TRP B 648 -2.11 -42.22 -26.69
N SER B 649 -1.94 -41.29 -27.64
CA SER B 649 -2.81 -41.03 -28.83
C SER B 649 -2.08 -41.54 -30.06
N GLU B 650 -2.45 -42.72 -30.58
CA GLU B 650 -1.86 -43.28 -31.81
C GLU B 650 -2.10 -42.28 -32.96
N LYS B 651 -3.26 -41.62 -33.00
CA LYS B 651 -3.58 -40.59 -34.04
C LYS B 651 -2.57 -39.44 -34.01
N GLU B 652 -2.28 -38.84 -32.85
CA GLU B 652 -1.50 -37.56 -32.77
C GLU B 652 0.00 -37.88 -32.73
N GLY B 653 0.38 -39.09 -32.33
CA GLY B 653 1.78 -39.52 -32.20
C GLY B 653 2.46 -38.87 -31.00
N CYS B 654 1.74 -38.74 -29.89
CA CYS B 654 2.28 -38.17 -28.62
C CYS B 654 1.39 -38.56 -27.45
N TYR B 655 1.81 -38.22 -26.24
CA TYR B 655 0.99 -38.34 -25.01
C TYR B 655 0.12 -37.11 -24.85
N CYS B 656 -1.04 -37.32 -24.20
CA CYS B 656 -2.11 -36.32 -23.97
C CYS B 656 -2.65 -36.45 -22.54
N ASP B 657 -3.10 -35.35 -21.92
CA ASP B 657 -4.05 -35.39 -20.79
C ASP B 657 -5.35 -36.06 -21.29
N ALA B 658 -6.17 -36.56 -20.37
CA ALA B 658 -7.47 -37.21 -20.66
C ALA B 658 -8.54 -36.55 -19.80
N THR B 659 -9.80 -36.61 -20.25
CA THR B 659 -10.98 -36.23 -19.45
C THR B 659 -12.06 -37.30 -19.54
N ILE B 660 -13.13 -37.07 -18.79
CA ILE B 660 -14.50 -37.56 -19.09
C ILE B 660 -15.26 -36.41 -19.78
N ASP B 661 -15.67 -36.64 -21.04
CA ASP B 661 -16.29 -35.59 -21.90
C ASP B 661 -17.78 -35.53 -21.55
N GLU B 662 -18.57 -34.69 -22.25
CA GLU B 662 -20.01 -34.44 -21.92
C GLU B 662 -20.85 -35.72 -22.06
N PHE B 663 -20.39 -36.72 -22.83
CA PHE B 663 -21.11 -38.01 -23.07
C PHE B 663 -20.67 -39.08 -22.07
N GLU B 664 -20.00 -38.68 -20.97
CA GLU B 664 -19.41 -39.58 -19.93
C GLU B 664 -18.38 -40.55 -20.54
N GLU B 665 -17.63 -40.13 -21.56
CA GLU B 665 -16.62 -40.99 -22.24
C GLU B 665 -15.18 -40.54 -21.91
N HIS B 666 -14.27 -41.49 -21.75
CA HIS B 666 -12.80 -41.28 -21.73
C HIS B 666 -12.38 -40.66 -23.05
N LYS B 667 -11.79 -39.46 -22.99
CA LYS B 667 -11.39 -38.65 -24.17
C LYS B 667 -9.97 -38.11 -23.94
N LEU B 668 -9.10 -38.35 -24.92
CA LEU B 668 -7.77 -37.72 -25.00
C LEU B 668 -7.96 -36.29 -25.51
N VAL B 669 -7.26 -35.34 -24.88
CA VAL B 669 -7.23 -33.92 -25.25
C VAL B 669 -5.79 -33.58 -25.59
N CYS B 670 -5.45 -33.56 -26.88
CA CYS B 670 -4.05 -33.41 -27.34
C CYS B 670 -3.78 -31.94 -27.67
N HIS B 671 -2.78 -31.37 -27.00
CA HIS B 671 -2.14 -30.07 -27.31
C HIS B 671 -0.64 -30.28 -27.44
N LYS B 672 -0.16 -30.47 -28.68
CA LYS B 672 1.25 -30.83 -28.95
C LYS B 672 2.15 -29.73 -28.36
N GLY B 673 3.06 -30.09 -27.45
CA GLY B 673 3.86 -29.17 -26.63
C GLY B 673 4.59 -29.90 -25.52
N TYR B 674 5.07 -29.18 -24.50
CA TYR B 674 5.92 -29.73 -23.42
C TYR B 674 5.22 -30.94 -22.77
N ILE B 675 3.94 -30.81 -22.45
CA ILE B 675 3.15 -31.86 -21.72
C ILE B 675 3.16 -33.16 -22.55
N SER B 676 3.08 -33.05 -23.87
CA SER B 676 3.05 -34.16 -24.84
C SER B 676 4.31 -35.02 -24.78
N LEU B 677 5.41 -34.46 -24.26
CA LEU B 677 6.76 -35.07 -24.24
C LEU B 677 7.06 -35.66 -22.86
N PHE B 678 6.18 -35.50 -21.89
CA PHE B 678 6.56 -35.62 -20.46
C PHE B 678 7.18 -36.97 -20.12
N PRO B 679 6.58 -38.13 -20.51
CA PRO B 679 7.20 -39.43 -20.27
C PRO B 679 8.63 -39.54 -20.81
N PHE B 680 8.93 -38.85 -21.92
CA PHE B 680 10.30 -38.74 -22.45
C PHE B 680 11.18 -37.85 -21.54
N LEU B 681 10.73 -36.64 -21.17
CA LEU B 681 11.54 -35.63 -20.42
C LEU B 681 11.90 -36.13 -19.01
N THR B 682 11.11 -37.03 -18.43
CA THR B 682 11.26 -37.52 -17.04
C THR B 682 12.07 -38.83 -17.04
N GLY B 683 12.36 -39.35 -18.24
CA GLY B 683 13.26 -40.50 -18.44
C GLY B 683 12.58 -41.82 -18.17
N LEU B 684 11.30 -41.99 -18.52
CA LEU B 684 10.54 -43.24 -18.28
C LEU B 684 10.49 -44.14 -19.53
N LEU B 685 10.94 -43.69 -20.72
CA LEU B 685 10.83 -44.49 -21.97
C LEU B 685 12.14 -45.27 -22.20
N LYS B 686 12.04 -46.55 -22.56
CA LYS B 686 13.23 -47.36 -22.96
C LYS B 686 13.73 -46.84 -24.32
N PRO B 687 15.05 -46.88 -24.60
CA PRO B 687 15.59 -46.46 -25.90
C PRO B 687 15.13 -47.26 -27.14
N ASP B 688 14.45 -48.38 -26.94
CA ASP B 688 13.86 -49.22 -28.01
C ASP B 688 12.33 -49.06 -28.01
N SER B 689 11.81 -47.95 -27.48
CA SER B 689 10.36 -47.65 -27.44
C SER B 689 9.91 -47.11 -28.81
N PRO B 690 8.89 -47.70 -29.44
CA PRO B 690 8.33 -47.14 -30.67
C PRO B 690 7.68 -45.76 -30.45
N LYS B 691 7.26 -45.49 -29.21
CA LYS B 691 6.67 -44.19 -28.83
C LYS B 691 7.79 -43.14 -28.86
N LEU B 692 8.99 -43.54 -28.44
CA LEU B 692 10.14 -42.61 -28.33
C LEU B 692 10.41 -41.96 -29.70
N GLY B 693 10.35 -42.74 -30.78
CA GLY B 693 10.67 -42.29 -32.15
C GLY B 693 9.66 -41.29 -32.68
N LYS B 694 8.38 -41.46 -32.33
CA LYS B 694 7.32 -40.50 -32.71
C LYS B 694 7.52 -39.19 -31.93
N LEU B 695 7.99 -39.26 -30.69
CA LEU B 695 8.29 -38.06 -29.86
C LEU B 695 9.54 -37.34 -30.41
N LEU B 696 10.56 -38.07 -30.81
CA LEU B 696 11.76 -37.47 -31.43
C LEU B 696 11.36 -36.75 -32.72
N ALA B 697 10.44 -37.33 -33.50
CA ALA B 697 10.01 -36.72 -34.78
C ALA B 697 9.34 -35.38 -34.49
N LEU B 698 8.42 -35.34 -33.54
CA LEU B 698 7.69 -34.11 -33.11
C LEU B 698 8.67 -33.05 -32.57
N ILE B 699 9.63 -33.48 -31.74
CA ILE B 699 10.66 -32.58 -31.15
C ILE B 699 11.42 -31.92 -32.31
N GLY B 700 11.79 -32.71 -33.32
CA GLY B 700 12.70 -32.26 -34.40
C GLY B 700 11.98 -31.54 -35.52
N ASP B 701 10.65 -31.34 -35.41
CA ASP B 701 9.77 -30.82 -36.48
C ASP B 701 9.67 -29.29 -36.36
N GLU B 702 10.30 -28.57 -37.30
CA GLU B 702 10.33 -27.08 -37.43
C GLU B 702 8.91 -26.50 -37.39
N SER B 703 7.88 -27.23 -37.88
CA SER B 703 6.48 -26.76 -38.03
C SER B 703 5.70 -26.83 -36.72
N GLU B 704 6.19 -27.60 -35.74
CA GLU B 704 5.49 -27.84 -34.45
C GLU B 704 6.32 -27.18 -33.32
N LEU B 705 7.40 -27.83 -32.89
CA LEU B 705 8.09 -27.55 -31.59
C LEU B 705 9.48 -26.94 -31.82
N TRP B 706 10.14 -27.26 -32.94
CA TRP B 706 11.58 -26.96 -33.15
C TRP B 706 11.76 -25.53 -33.71
N SER B 707 12.12 -24.60 -32.83
CA SER B 707 12.44 -23.19 -33.14
C SER B 707 13.95 -23.10 -33.33
N PRO B 708 14.45 -22.06 -34.03
CA PRO B 708 15.90 -21.80 -34.08
C PRO B 708 16.55 -21.59 -32.69
N TYR B 709 15.73 -21.40 -31.66
CA TYR B 709 16.15 -20.88 -30.34
C TYR B 709 15.92 -21.93 -29.24
N GLY B 710 15.39 -23.11 -29.61
CA GLY B 710 15.04 -24.17 -28.65
C GLY B 710 13.61 -24.60 -28.82
N LEU B 711 13.10 -25.47 -27.94
CA LEU B 711 11.76 -26.10 -28.10
C LEU B 711 10.71 -25.10 -27.63
N ARG B 712 9.71 -24.83 -28.48
CA ARG B 712 8.49 -24.05 -28.14
C ARG B 712 7.71 -24.84 -27.09
N SER B 713 7.13 -24.16 -26.11
CA SER B 713 6.35 -24.80 -25.02
C SER B 713 5.07 -25.38 -25.60
N LEU B 714 4.56 -24.77 -26.67
CA LEU B 714 3.32 -25.18 -27.36
C LEU B 714 3.55 -25.07 -28.88
N SER B 715 2.94 -25.99 -29.65
CA SER B 715 3.14 -26.14 -31.11
C SER B 715 2.53 -24.93 -31.85
N LYS B 716 3.18 -24.46 -32.92
CA LYS B 716 2.64 -23.41 -33.84
C LYS B 716 1.24 -23.83 -34.31
N LYS B 717 1.06 -25.14 -34.57
CA LYS B 717 -0.20 -25.73 -35.10
C LYS B 717 -1.26 -25.90 -34.01
N ASP B 718 -0.94 -25.70 -32.72
CA ASP B 718 -1.98 -25.83 -31.66
C ASP B 718 -2.89 -24.62 -31.80
N GLU B 719 -4.18 -24.83 -31.57
CA GLU B 719 -5.19 -23.76 -31.66
C GLU B 719 -4.87 -22.67 -30.63
N PHE B 720 -4.21 -23.00 -29.52
CA PHE B 720 -3.95 -22.05 -28.41
C PHE B 720 -2.56 -21.40 -28.53
N TYR B 721 -1.83 -21.65 -29.61
CA TYR B 721 -0.47 -21.10 -29.80
C TYR B 721 -0.52 -19.58 -29.76
N GLY B 722 0.15 -18.98 -28.79
CA GLY B 722 0.34 -17.52 -28.68
C GLY B 722 -0.82 -16.81 -28.01
N THR B 723 -1.82 -17.52 -27.50
CA THR B 723 -3.10 -16.95 -26.97
C THR B 723 -2.95 -16.51 -25.50
N ALA B 724 -3.92 -15.70 -25.03
CA ALA B 724 -4.07 -15.15 -23.65
C ALA B 724 -2.74 -14.55 -23.14
N GLU B 725 -2.35 -14.89 -21.90
CA GLU B 725 -1.09 -14.41 -21.26
C GLU B 725 0.10 -15.03 -22.01
N ASN B 726 -0.10 -16.08 -22.82
CA ASN B 726 0.96 -16.66 -23.70
C ASN B 726 2.23 -16.92 -22.86
N TYR B 727 2.07 -17.51 -21.67
CA TYR B 727 3.17 -17.76 -20.70
C TYR B 727 3.80 -19.12 -21.05
N TRP B 728 2.99 -20.16 -21.15
CA TRP B 728 3.46 -21.52 -21.54
C TRP B 728 2.77 -21.95 -22.83
N ARG B 729 2.44 -20.99 -23.72
CA ARG B 729 1.71 -21.24 -24.99
C ARG B 729 2.52 -20.87 -26.24
N SER B 730 3.84 -20.90 -26.17
CA SER B 730 4.75 -20.74 -27.35
C SER B 730 6.20 -20.62 -26.91
N PRO B 731 6.49 -19.82 -25.85
CA PRO B 731 7.87 -19.41 -25.59
C PRO B 731 8.78 -20.57 -25.14
N VAL B 732 10.09 -20.32 -25.19
CA VAL B 732 11.17 -21.30 -24.91
C VAL B 732 11.55 -21.15 -23.42
N TRP B 733 11.43 -22.23 -22.66
CA TRP B 733 11.81 -22.27 -21.24
C TRP B 733 13.01 -23.19 -21.03
N ILE B 734 14.00 -22.74 -20.27
CA ILE B 734 15.34 -23.38 -20.20
C ILE B 734 15.23 -24.67 -19.37
N ASN B 735 14.33 -24.73 -18.40
CA ASN B 735 14.21 -25.89 -17.47
C ASN B 735 13.72 -27.12 -18.27
N ILE B 736 12.69 -26.97 -19.10
CA ILE B 736 12.11 -28.09 -19.87
C ILE B 736 13.09 -28.44 -20.99
N ASN B 737 13.74 -27.43 -21.57
CA ASN B 737 14.74 -27.67 -22.63
C ASN B 737 15.92 -28.46 -22.02
N TYR B 738 16.36 -28.10 -20.80
CA TYR B 738 17.41 -28.86 -20.06
C TYR B 738 17.02 -30.34 -19.96
N LEU B 739 15.79 -30.63 -19.54
CA LEU B 739 15.32 -32.04 -19.38
C LEU B 739 15.43 -32.76 -20.74
N ALA B 740 15.02 -32.10 -21.83
CA ALA B 740 15.05 -32.65 -23.20
C ALA B 740 16.49 -32.96 -23.60
N ILE B 741 17.39 -32.00 -23.42
CA ILE B 741 18.83 -32.15 -23.77
C ILE B 741 19.39 -33.36 -23.01
N VAL B 742 19.10 -33.47 -21.71
CA VAL B 742 19.63 -34.56 -20.85
C VAL B 742 19.14 -35.90 -21.43
N GLN B 743 17.87 -36.00 -21.79
CA GLN B 743 17.27 -37.29 -22.23
C GLN B 743 17.73 -37.64 -23.65
N LEU B 744 17.91 -36.65 -24.54
CA LEU B 744 18.52 -36.87 -25.87
C LEU B 744 19.95 -37.40 -25.72
N TYR B 745 20.70 -36.88 -24.75
CA TYR B 745 22.11 -37.29 -24.51
C TYR B 745 22.14 -38.76 -24.11
N ASN B 746 21.18 -39.17 -23.26
CA ASN B 746 21.04 -40.55 -22.72
C ASN B 746 20.77 -41.50 -23.90
N ILE B 747 19.90 -41.14 -24.86
CA ILE B 747 19.61 -41.99 -26.05
C ILE B 747 20.84 -42.05 -26.97
N ALA B 748 21.55 -40.93 -27.17
CA ALA B 748 22.69 -40.80 -28.11
C ALA B 748 23.90 -41.64 -27.65
N THR B 749 23.89 -42.13 -26.41
CA THR B 749 25.08 -42.75 -25.78
C THR B 749 24.77 -44.19 -25.41
N GLN B 750 23.73 -44.81 -25.99
CA GLN B 750 23.54 -46.28 -25.87
C GLN B 750 22.99 -46.83 -27.19
N ASP B 751 23.06 -48.16 -27.33
CA ASP B 751 22.65 -48.92 -28.54
C ASP B 751 21.13 -48.82 -28.67
N GLY B 752 20.66 -48.50 -29.89
CA GLY B 752 19.22 -48.54 -30.20
C GLY B 752 18.91 -47.92 -31.56
N PRO B 753 17.66 -48.09 -32.06
CA PRO B 753 17.29 -47.55 -33.35
C PRO B 753 17.39 -46.03 -33.45
N TYR B 754 17.30 -45.29 -32.33
CA TYR B 754 17.18 -43.81 -32.34
C TYR B 754 18.47 -43.14 -31.88
N LYS B 755 19.54 -43.90 -31.70
CA LYS B 755 20.83 -43.37 -31.17
C LYS B 755 21.25 -42.19 -32.04
N GLU B 756 21.27 -42.38 -33.36
CA GLU B 756 21.77 -41.37 -34.32
C GLU B 756 20.79 -40.21 -34.36
N THR B 757 19.48 -40.47 -34.31
CA THR B 757 18.46 -39.40 -34.29
C THR B 757 18.67 -38.50 -33.06
N ALA B 758 18.94 -39.09 -31.91
CA ALA B 758 19.13 -38.40 -30.63
C ALA B 758 20.45 -37.60 -30.65
N ARG B 759 21.56 -38.20 -31.12
CA ARG B 759 22.89 -37.53 -31.22
C ARG B 759 22.73 -36.23 -32.02
N ASP B 760 22.09 -36.31 -33.18
CA ASP B 760 21.79 -35.15 -34.06
C ASP B 760 21.06 -34.07 -33.24
N LEU B 761 19.89 -34.39 -32.69
CA LEU B 761 19.04 -33.41 -31.95
C LEU B 761 19.78 -32.89 -30.69
N TYR B 762 20.43 -33.76 -29.94
CA TYR B 762 21.21 -33.33 -28.76
C TYR B 762 22.13 -32.18 -29.17
N THR B 763 22.97 -32.41 -30.19
CA THR B 763 24.01 -31.45 -30.65
C THR B 763 23.34 -30.14 -31.07
N ARG B 764 22.27 -30.23 -31.85
CA ARG B 764 21.62 -29.03 -32.43
C ARG B 764 20.90 -28.27 -31.31
N LEU B 765 20.19 -28.96 -30.42
CA LEU B 765 19.41 -28.27 -29.34
C LEU B 765 20.41 -27.66 -28.33
N ARG B 766 21.44 -28.38 -27.92
CA ARG B 766 22.46 -27.80 -27.03
C ARG B 766 22.89 -26.46 -27.64
N LYS B 767 23.35 -26.47 -28.90
CA LYS B 767 23.89 -25.26 -29.62
C LYS B 767 22.80 -24.17 -29.64
N ASN B 768 21.57 -24.51 -30.03
CA ASN B 768 20.49 -23.49 -30.08
C ASN B 768 20.32 -22.85 -28.69
N ILE B 769 20.13 -23.64 -27.62
CA ILE B 769 19.79 -23.11 -26.26
C ILE B 769 20.94 -22.26 -25.74
N VAL B 770 22.15 -22.79 -25.74
CA VAL B 770 23.30 -22.06 -25.14
C VAL B 770 23.43 -20.71 -25.83
N GLU B 771 23.28 -20.68 -27.16
CA GLU B 771 23.46 -19.46 -27.98
C GLU B 771 22.36 -18.45 -27.65
N THR B 772 21.11 -18.87 -27.49
CA THR B 772 20.02 -17.85 -27.33
C THR B 772 20.15 -17.23 -25.94
N VAL B 773 20.58 -17.97 -24.91
CA VAL B 773 20.79 -17.42 -23.53
C VAL B 773 22.08 -16.57 -23.53
N TYR B 774 23.16 -17.04 -24.14
CA TYR B 774 24.43 -16.27 -24.28
C TYR B 774 24.20 -14.96 -25.04
N ARG B 775 23.60 -15.00 -26.24
CA ARG B 775 23.46 -13.81 -27.13
C ARG B 775 22.72 -12.71 -26.36
N ASN B 776 21.65 -13.04 -25.64
CA ASN B 776 20.83 -12.07 -24.86
C ASN B 776 21.59 -11.56 -23.63
N TRP B 777 22.44 -12.37 -23.02
CA TRP B 777 23.25 -11.95 -21.86
C TRP B 777 24.29 -10.91 -22.34
N GLU B 778 24.89 -11.13 -23.52
CA GLU B 778 25.80 -10.15 -24.19
C GLU B 778 25.06 -8.82 -24.41
N GLU B 779 23.85 -8.86 -24.96
CA GLU B 779 23.10 -7.65 -25.38
C GLU B 779 22.55 -6.92 -24.14
N THR B 780 21.89 -7.63 -23.22
CA THR B 780 21.03 -7.03 -22.15
C THR B 780 21.71 -7.14 -20.77
N GLY B 781 22.68 -8.06 -20.61
CA GLY B 781 23.36 -8.36 -19.33
C GLY B 781 22.51 -9.20 -18.39
N PHE B 782 21.36 -9.72 -18.85
CA PHE B 782 20.39 -10.50 -18.03
C PHE B 782 20.21 -11.94 -18.57
N ALA B 783 19.99 -12.86 -17.64
CA ALA B 783 19.24 -14.12 -17.86
C ALA B 783 17.73 -13.81 -17.80
N TRP B 784 16.95 -14.41 -18.70
CA TRP B 784 15.50 -14.13 -18.78
C TRP B 784 14.69 -15.35 -18.35
N GLU B 785 13.46 -15.12 -17.89
CA GLU B 785 12.48 -16.15 -17.47
C GLU B 785 12.23 -17.07 -18.67
N GLN B 786 12.13 -16.51 -19.89
CA GLN B 786 11.84 -17.29 -21.11
C GLN B 786 12.32 -16.50 -22.34
N TYR B 787 12.26 -17.10 -23.53
CA TYR B 787 12.85 -16.56 -24.77
C TYR B 787 11.84 -16.71 -25.90
N ASN B 788 11.71 -15.65 -26.71
CA ASN B 788 10.74 -15.59 -27.84
C ASN B 788 11.14 -16.65 -28.86
N PRO B 789 10.20 -17.48 -29.33
CA PRO B 789 10.52 -18.50 -30.35
C PRO B 789 10.71 -17.97 -31.79
N GLU B 790 10.20 -16.78 -32.10
CA GLU B 790 10.31 -16.11 -33.44
C GLU B 790 11.63 -15.32 -33.56
N THR B 791 11.97 -14.51 -32.54
CA THR B 791 13.12 -13.56 -32.53
C THR B 791 14.28 -14.10 -31.69
N GLY B 792 13.99 -14.90 -30.66
CA GLY B 792 14.99 -15.40 -29.70
C GLY B 792 15.33 -14.40 -28.61
N LYS B 793 14.55 -13.32 -28.43
CA LYS B 793 14.85 -12.26 -27.43
C LYS B 793 14.30 -12.68 -26.06
N GLY B 794 15.11 -12.55 -25.00
CA GLY B 794 14.66 -12.54 -23.60
C GLY B 794 13.36 -11.77 -23.44
N GLN B 795 12.45 -12.30 -22.63
CA GLN B 795 11.02 -11.90 -22.50
C GLN B 795 10.58 -12.12 -21.05
N ARG B 796 9.51 -11.47 -20.58
CA ARG B 796 9.06 -11.50 -19.16
C ARG B 796 10.18 -10.99 -18.22
N THR B 797 10.39 -11.60 -17.05
CA THR B 797 11.21 -10.99 -15.98
C THR B 797 12.71 -11.25 -16.19
N GLN B 798 13.51 -10.28 -15.79
CA GLN B 798 14.99 -10.30 -15.87
C GLN B 798 15.51 -10.88 -14.55
N HIS B 799 16.81 -11.14 -14.46
CA HIS B 799 17.49 -11.63 -13.23
C HIS B 799 16.98 -13.03 -12.85
N PHE B 800 16.68 -13.87 -13.84
CA PHE B 800 16.01 -15.17 -13.61
C PHE B 800 17.08 -16.24 -13.42
N THR B 801 17.64 -16.30 -12.23
CA THR B 801 18.73 -17.24 -11.87
C THR B 801 18.42 -17.86 -10.52
N GLY B 802 17.42 -18.75 -10.46
CA GLY B 802 16.55 -19.08 -11.58
C GLY B 802 17.11 -20.19 -12.46
N TRP B 803 16.22 -21.03 -13.02
CA TRP B 803 16.64 -22.26 -13.71
C TRP B 803 17.26 -21.94 -15.08
N THR B 804 17.22 -20.68 -15.53
CA THR B 804 17.93 -20.28 -16.78
C THR B 804 19.45 -20.54 -16.64
N SER B 805 19.96 -20.55 -15.41
CA SER B 805 21.38 -20.85 -15.08
C SER B 805 21.74 -22.30 -15.36
N LEU B 806 20.78 -23.19 -15.65
CA LEU B 806 21.05 -24.58 -16.10
C LEU B 806 21.97 -24.56 -17.35
N VAL B 807 21.98 -23.48 -18.10
CA VAL B 807 22.85 -23.35 -19.30
C VAL B 807 24.30 -23.71 -18.93
N VAL B 808 24.74 -23.42 -17.71
CA VAL B 808 26.14 -23.72 -17.32
C VAL B 808 26.35 -25.25 -17.43
N LYS B 809 25.38 -26.06 -16.99
CA LYS B 809 25.48 -27.54 -17.10
C LYS B 809 25.33 -27.95 -18.57
N ILE B 810 24.51 -27.24 -19.35
CA ILE B 810 24.33 -27.59 -20.79
C ILE B 810 25.67 -27.43 -21.53
N MET B 811 26.51 -26.48 -21.10
CA MET B 811 27.83 -26.18 -21.73
C MET B 811 28.87 -27.23 -21.33
N SER B 812 28.75 -27.81 -20.13
CA SER B 812 29.78 -28.67 -19.50
C SER B 812 29.64 -30.14 -19.94
N GLY B 813 28.50 -30.52 -20.54
CA GLY B 813 28.23 -31.90 -21.00
C GLY B 813 27.87 -32.83 -19.87
N HIS B 814 27.44 -34.07 -20.16
CA HIS B 814 26.84 -35.00 -19.16
C HIS B 814 27.76 -36.22 -18.97
N1 WT0 C . -18.31 11.71 13.61
N1 WT0 C . -18.26 11.67 13.65
C4 WT0 C . -18.78 10.64 14.48
C4 WT0 C . -18.74 10.61 14.51
C5 WT0 C . -17.89 11.18 12.31
C5 WT0 C . -17.87 11.16 12.32
C6 WT0 C . -17.49 12.32 11.37
C6 WT0 C . -17.49 12.33 11.39
C7 WT0 C . -17.54 12.51 14.16
C7 WT0 C . -17.50 12.49 14.19
C8 WT0 C . -16.25 11.84 14.70
C8 WT0 C . -16.23 11.86 14.80
C10 WT0 C . -14.97 10.71 16.44
C10 WT0 C . -15.04 10.83 16.69
C13 WT0 C . -16.61 9.88 20.11
C13 WT0 C . -14.55 13.64 19.77
C15 WT0 C . -17.59 10.34 24.04
C15 WT0 C . -16.04 16.05 21.14
C17 WT0 C . -17.96 7.52 20.60
C17 WT0 C . -12.05 13.49 18.54
C20 WT0 C . -13.98 11.12 14.32
C20 WT0 C . -13.94 11.15 14.58
C21 WT0 C . -15.14 11.73 13.86
C21 WT0 C . -15.08 11.73 14.03
C1 WT0 C . -19.07 10.39 11.67
C1 WT0 C . -19.06 10.40 11.67
C11 WT0 C . -14.85 10.16 17.88
C11 WT0 C . -15.01 10.30 18.15
C12 WT0 C . -16.45 8.78 19.25
C12 WT0 C . -14.12 12.45 19.21
C14 WT0 C . -17.45 9.77 21.20
C14 WT0 C . -13.73 14.76 19.71
C16 WT0 C . -18.12 8.60 21.45
C16 WT0 C . -12.49 14.70 19.09
C18 WT0 C . -17.13 7.58 19.48
C18 WT0 C . -12.87 12.38 18.60
C19 WT0 C . -13.87 10.59 15.61
C19 WT0 C . -13.91 10.69 15.90
C2 WT0 C . -19.57 9.34 12.55
C2 WT0 C . -19.55 9.34 12.55
C3 WT0 C . -19.99 9.94 13.80
C3 WT0 C . -19.96 9.94 13.82
C9 WT0 C . -16.14 11.33 15.99
C9 WT0 C . -16.19 11.41 16.14
N2 WT0 C . -15.57 8.91 18.09
N2 WT0 C . -14.98 11.28 19.25
O1 WT0 C . -18.75 9.91 10.34
O1 WT0 C . -18.74 9.92 10.35
O2 WT0 C . -20.79 8.68 11.98
O2 WT0 C . -20.78 8.69 11.99
O3 WT0 C . -20.55 8.93 14.65
O3 WT0 C . -20.55 8.93 14.65
O4 WT0 C . -18.59 13.18 11.24
O4 WT0 C . -18.59 13.17 11.25
O5 WT0 C . -19.33 11.62 22.21
O5 WT0 C . -14.54 17.26 19.10
O6 WT0 C . -16.81 12.40 22.03
O6 WT0 C . -13.37 17.12 21.44
S1 WT0 C . -17.78 11.09 22.38
S1 WT0 C . -14.38 16.30 20.41
BR1 WT0 C . -18.99 5.95 21.06
BR1 WT0 C . -10.33 13.28 17.64
C1 NAG D . -6.26 20.15 -13.88
C2 NAG D . -6.34 18.71 -13.30
C3 NAG D . -4.96 18.08 -13.06
C4 NAG D . -4.05 18.23 -14.29
C5 NAG D . -3.96 19.74 -14.57
C6 NAG D . -2.92 20.08 -15.63
C7 NAG D . -8.06 17.89 -11.73
C8 NAG D . -8.11 16.51 -12.35
N2 NAG D . -7.12 18.77 -12.08
O3 NAG D . -5.07 16.67 -12.77
O4 NAG D . -2.76 17.59 -14.13
O5 NAG D . -5.28 20.20 -14.94
O6 NAG D . -1.58 20.07 -15.09
O7 NAG D . -8.93 18.26 -10.97
C1 GOL E . -6.89 49.44 -0.18
O1 GOL E . -7.61 50.61 0.20
C2 GOL E . -5.72 49.17 0.75
O2 GOL E . -6.13 48.31 1.81
C3 GOL E . -5.11 50.44 1.32
O3 GOL E . -3.70 50.44 1.17
C1 GOL F . -11.90 -3.05 -13.67
O1 GOL F . -12.66 -1.90 -14.01
C2 GOL F . -12.14 -3.46 -12.23
O2 GOL F . -13.53 -3.33 -11.92
C3 GOL F . -11.67 -4.86 -11.91
O3 GOL F . -12.09 -5.28 -10.61
S SO4 G . -8.22 36.16 -20.79
O1 SO4 G . -8.81 37.01 -21.80
O2 SO4 G . -9.09 35.06 -20.51
O3 SO4 G . -8.01 36.95 -19.59
O4 SO4 G . -6.95 35.65 -21.26
S SO4 H . 8.03 51.48 0.39
O1 SO4 H . 7.01 50.46 0.54
O2 SO4 H . 7.43 52.62 -0.28
O3 SO4 H . 8.53 51.90 1.68
O4 SO4 H . 9.13 50.97 -0.40
S SO4 I . 24.61 41.63 14.56
O1 SO4 I . 23.68 42.41 13.76
O2 SO4 I . 24.81 42.28 15.83
O3 SO4 I . 25.87 41.54 13.87
O4 SO4 I . 24.07 40.30 14.77
S SO4 J . 3.42 13.86 3.90
O1 SO4 J . 2.30 12.98 3.94
O2 SO4 J . 3.03 15.25 4.08
O3 SO4 J . 4.32 13.50 4.95
O4 SO4 J . 4.03 13.73 2.60
S SO4 K . 3.84 12.95 10.82
O1 SO4 K . 3.24 12.39 9.65
O2 SO4 K . 2.88 13.82 11.46
O3 SO4 K . 4.21 11.89 11.74
O4 SO4 K . 5.01 13.70 10.42
S SO4 L . -7.24 5.08 0.10
O1 SO4 L . -8.61 5.47 -0.13
O2 SO4 L . -7.11 4.53 1.42
O3 SO4 L . -6.88 4.07 -0.88
O4 SO4 L . -6.37 6.23 0.02
S SO4 M . -34.45 15.41 -3.41
O1 SO4 M . -35.44 14.48 -3.90
O2 SO4 M . -35.11 16.63 -3.01
O3 SO4 M . -33.75 14.84 -2.28
O4 SO4 M . -33.52 15.72 -4.47
S SO4 N . -20.55 -7.91 -11.55
O1 SO4 N . -21.35 -7.17 -12.49
O2 SO4 N . -20.83 -7.44 -10.22
O3 SO4 N . -20.87 -9.31 -11.65
O4 SO4 N . -19.15 -7.71 -11.85
S SO4 O . -14.82 -1.58 23.09
O1 SO4 O . -16.04 -1.49 22.35
O2 SO4 O . -15.07 -1.16 24.44
O3 SO4 O . -14.36 -2.95 23.08
O4 SO4 O . -13.81 -0.72 22.51
S SO4 P . -46.22 19.40 -0.87
O1 SO4 P . -47.31 20.31 -1.14
O2 SO4 P . -46.64 18.05 -1.18
O3 SO4 P . -45.84 19.51 0.52
O4 SO4 P . -45.08 19.74 -1.70
N1 WT0 Q . 7.27 -18.58 -12.01
C4 WT0 Q . 6.18 -18.90 -12.92
C5 WT0 Q . 7.36 -19.57 -10.92
C6 WT0 Q . 8.54 -19.33 -9.94
C7 WT0 Q . 7.30 -17.34 -11.71
C8 WT0 Q . 6.13 -16.82 -10.79
C10 WT0 Q . 3.91 -15.98 -10.33
C13 WT0 Q . 2.18 -14.11 -14.09
C15 WT0 Q . -0.26 -12.96 -15.85
C17 WT0 Q . 3.87 -12.11 -13.04
C20 WT0 Q . 5.29 -16.56 -8.52
C21 WT0 Q . 6.30 -16.92 -9.40
C1 WT0 Q . 7.49 -20.99 -11.51
C11 WT0 Q . 2.56 -15.43 -10.76
C12 WT0 Q . 2.80 -14.28 -12.87
C14 WT0 Q . 2.42 -12.94 -14.78
C16 WT0 Q . 3.25 -11.93 -14.28
C18 WT0 Q . 3.63 -13.30 -12.34
C19 WT0 Q . 4.08 -16.07 -8.98
C2 WT0 Q . 6.32 -21.29 -12.36
C3 WT0 Q . 6.24 -20.34 -13.47
C9 WT0 Q . 4.91 -16.34 -11.26
N2 WT0 Q . 2.53 -15.51 -12.19
O1 WT0 Q . 7.52 -21.93 -10.42
O2 WT0 Q . 6.56 -22.65 -12.90
O3 WT0 Q . 5.11 -20.59 -14.35
O4 WT0 Q . 9.71 -19.18 -10.72
O5 WT0 Q . 1.96 -14.17 -17.25
O6 WT0 Q . 1.80 -11.46 -17.12
S1 WT0 Q . 1.50 -12.88 -16.33
BR1 WT0 Q . 5.06 -10.78 -12.25
C1 NAG R . 23.24 -24.75 13.68
C2 NAG R . 21.71 -24.87 13.49
C3 NAG R . 20.93 -24.26 14.66
C4 NAG R . 21.44 -24.69 16.05
C5 NAG R . 22.94 -24.30 16.08
C6 NAG R . 23.68 -24.55 17.40
C7 NAG R . 20.81 -24.73 11.19
C8 NAG R . 20.19 -23.79 10.18
N2 NAG R . 21.28 -24.15 12.30
O3 NAG R . 19.57 -24.61 14.51
O4 NAG R . 20.60 -24.18 17.10
O5 NAG R . 23.65 -25.03 15.04
O6 NAG R . 23.55 -25.94 17.74
O7 NAG R . 20.83 -25.93 11.03
C1 BTB S . 13.30 7.68 19.64
O1 BTB S . 13.96 8.15 20.78
C2 BTB S . 12.97 6.16 19.74
C3 BTB S . 14.29 5.33 19.70
O3 BTB S . 14.69 4.83 20.96
C4 BTB S . 12.19 5.86 21.07
O4 BTB S . 10.94 6.54 21.15
N BTB S . 12.09 5.84 18.56
C5 BTB S . 11.49 4.49 18.57
C6 BTB S . 10.00 4.47 18.97
O6 BTB S . 9.20 5.11 18.00
C7 BTB S . 12.74 6.17 17.27
C8 BTB S . 12.28 7.53 16.73
O8 BTB S . 11.12 7.93 17.40
C1 GOL T . 3.97 -26.68 6.16
O1 GOL T . 4.14 -28.03 5.71
C2 GOL T . 4.92 -25.71 5.47
O2 GOL T . 5.27 -26.17 4.17
C3 GOL T . 4.33 -24.31 5.39
O3 GOL T . 5.23 -23.34 4.85
S SO4 U . 6.19 -13.25 11.21
O1 SO4 U . 5.51 -14.07 10.25
O2 SO4 U . 5.23 -12.63 12.06
O3 SO4 U . 7.05 -14.07 12.03
O4 SO4 U . 6.96 -12.27 10.51
S SO4 V . -9.11 -18.72 -14.17
O1 SO4 V . -10.54 -18.92 -14.26
O2 SO4 V . -8.80 -18.28 -12.83
O3 SO4 V . -8.46 -19.96 -14.46
O4 SO4 V . -8.66 -17.74 -15.12
S SO4 W . 18.82 -25.98 -36.57
O1 SO4 W . 18.18 -26.39 -37.79
O2 SO4 W . 18.04 -24.95 -35.94
O3 SO4 W . 18.92 -27.11 -35.71
O4 SO4 W . 20.16 -25.52 -36.83
S SO4 X . 36.62 10.05 16.20
O1 SO4 X . 36.31 9.49 17.51
O2 SO4 X . 35.87 11.25 16.00
O3 SO4 X . 36.30 9.10 15.13
O4 SO4 X . 38.03 10.37 16.15
S SO4 Y . 44.44 -9.01 17.50
O1 SO4 Y . 44.96 -7.71 17.88
O2 SO4 Y . 43.14 -9.19 18.08
O3 SO4 Y . 45.33 -10.03 18.01
O4 SO4 Y . 44.37 -9.11 16.05
#